data_5IQ3
#
_entry.id   5IQ3
#
_cell.length_a   195.521
_cell.length_b   95.877
_cell.length_c   98.527
_cell.angle_alpha   90.00
_cell.angle_beta   95.48
_cell.angle_gamma   90.00
#
_symmetry.space_group_name_H-M   'C 1 2 1'
#
loop_
_entity.id
_entity.type
_entity.pdbx_description
1 polymer Esterase
2 water water
#
_entity_poly.entity_id   1
_entity_poly.type   'polypeptide(L)'
_entity_poly.pdbx_seq_one_letter_code
;MSNATLNQLPGRLGDPSMSLGTDPRTDPRLAAALTQLGLADQAAEPPVNANSEVADCIAYSTAAEQAWQTLGAMLGSQGE
PSNPVDVREETIKGRGGNEIKLYIHSPTGHTSDSDPLPCVVHTHGGGMVILTAADANYSRWRSELAATGLVVVGVEFRNA
AGALGNHPFPAGLHDCADAAKWVASNREALGISTLIMSGESGGGNLSLATTMLAKKEGWLEEIAGVYAQCPYISGLYASK
PEELPSLLENDAYFWDMKTMGAMVKPYDPTGENASNPLAWPYHASLEDLAGLPPHVISVNELDPLRDEGLAHYRKLLKAG
VSTVGRTVHGTCHAADCSFVDVIPDVYFATVRDISAFAYSRA
;
_entity_poly.pdbx_strand_id   A,B,C,D
#
# COMPACT_ATOMS: atom_id res chain seq x y z
N SER A 2 -16.90 -14.85 25.66
CA SER A 2 -15.83 -13.89 25.49
C SER A 2 -15.01 -14.29 24.25
N ASN A 3 -14.74 -13.35 23.34
CA ASN A 3 -13.98 -13.70 22.14
C ASN A 3 -14.76 -14.66 21.23
N ALA A 4 -16.08 -14.67 21.36
CA ALA A 4 -16.95 -15.55 20.58
C ALA A 4 -17.86 -14.81 19.63
N THR A 5 -18.84 -15.50 19.09
CA THR A 5 -19.85 -14.94 18.19
C THR A 5 -21.21 -15.36 18.68
N LEU A 6 -22.23 -14.60 18.35
CA LEU A 6 -23.58 -14.94 18.76
C LEU A 6 -24.13 -16.09 17.94
N ASN A 7 -23.35 -16.56 17.00
CA ASN A 7 -23.77 -17.62 16.15
C ASN A 7 -23.08 -18.91 16.50
N GLN A 8 -22.12 -18.84 17.39
CA GLN A 8 -21.43 -20.03 17.77
C GLN A 8 -20.68 -19.96 19.08
N LEU A 9 -20.94 -20.94 19.91
CA LEU A 9 -20.26 -21.05 21.15
C LEU A 9 -18.78 -21.27 20.83
N PRO A 10 -17.91 -20.87 21.83
CA PRO A 10 -16.50 -21.02 21.50
C PRO A 10 -15.96 -22.42 21.57
N GLY A 11 -14.84 -22.63 20.93
CA GLY A 11 -14.18 -23.89 20.95
C GLY A 11 -15.06 -25.08 20.64
N ARG A 12 -14.85 -26.17 21.36
CA ARG A 12 -15.57 -27.39 21.14
C ARG A 12 -17.01 -27.34 21.57
N LEU A 13 -17.40 -26.27 22.24
CA LEU A 13 -18.77 -26.11 22.62
C LEU A 13 -19.59 -25.81 21.36
N GLY A 14 -19.01 -25.12 20.41
CA GLY A 14 -19.65 -24.80 19.15
C GLY A 14 -19.29 -25.70 17.98
N ASP A 15 -18.11 -26.32 18.03
CA ASP A 15 -17.63 -27.20 16.96
C ASP A 15 -16.83 -28.31 17.63
N PRO A 16 -17.41 -29.50 17.81
CA PRO A 16 -16.71 -30.58 18.55
C PRO A 16 -15.40 -31.01 17.94
N SER A 17 -15.18 -30.76 16.65
CA SER A 17 -13.94 -31.13 15.99
C SER A 17 -12.86 -30.07 16.16
N MET A 18 -13.19 -28.93 16.79
CA MET A 18 -12.20 -27.87 16.90
C MET A 18 -11.00 -28.32 17.70
N SER A 19 -9.84 -27.74 17.37
CA SER A 19 -8.57 -28.00 18.03
C SER A 19 -7.84 -26.67 18.20
N LEU A 20 -6.72 -26.70 18.96
CA LEU A 20 -5.86 -25.52 19.02
C LEU A 20 -5.43 -25.06 17.63
N GLY A 21 -5.19 -26.02 16.73
CA GLY A 21 -4.78 -25.64 15.38
C GLY A 21 -5.88 -25.00 14.54
N THR A 22 -7.16 -25.20 14.88
CA THR A 22 -8.24 -24.59 14.10
C THR A 22 -9.06 -23.56 14.88
N ASP A 23 -8.80 -23.39 16.18
CA ASP A 23 -9.58 -22.44 16.94
C ASP A 23 -9.18 -21.02 16.52
N PRO A 24 -10.13 -20.17 16.14
CA PRO A 24 -9.77 -18.80 15.74
C PRO A 24 -9.14 -18.00 16.87
N ARG A 25 -9.24 -18.46 18.12
CA ARG A 25 -8.68 -17.70 19.24
C ARG A 25 -7.19 -17.96 19.45
N THR A 26 -6.63 -19.06 18.93
CA THR A 26 -5.23 -19.33 19.21
C THR A 26 -4.33 -18.26 18.61
N ASP A 27 -3.34 -17.84 19.38
CA ASP A 27 -2.29 -16.98 18.84
C ASP A 27 -1.65 -17.71 17.66
N PRO A 28 -1.60 -17.12 16.46
CA PRO A 28 -1.15 -17.90 15.29
C PRO A 28 0.29 -18.37 15.39
N ARG A 29 1.15 -17.63 16.11
CA ARG A 29 2.52 -18.07 16.33
C ARG A 29 2.54 -19.35 17.15
N LEU A 30 1.71 -19.40 18.19
CA LEU A 30 1.63 -20.63 18.99
C LEU A 30 1.00 -21.75 18.16
N ALA A 31 -0.07 -21.46 17.41
CA ALA A 31 -0.67 -22.49 16.57
C ALA A 31 0.35 -23.06 15.60
N ALA A 32 1.19 -22.21 15.03
CA ALA A 32 2.19 -22.70 14.07
C ALA A 32 3.24 -23.57 14.75
N ALA A 33 3.73 -23.14 15.93
CA ALA A 33 4.69 -23.96 16.67
C ALA A 33 4.10 -25.29 17.09
N LEU A 34 2.84 -25.28 17.57
CA LEU A 34 2.21 -26.53 17.96
C LEU A 34 2.02 -27.44 16.76
N THR A 35 1.63 -26.84 15.61
CA THR A 35 1.44 -27.63 14.40
C THR A 35 2.74 -28.30 14.00
N GLN A 36 3.85 -27.55 14.08
CA GLN A 36 5.14 -28.14 13.75
C GLN A 36 5.49 -29.29 14.69
N LEU A 37 5.11 -29.20 15.96
CA LEU A 37 5.41 -30.24 16.94
C LEU A 37 4.39 -31.37 16.97
N GLY A 38 3.34 -31.29 16.14
CA GLY A 38 2.28 -32.29 16.15
C GLY A 38 1.36 -32.21 17.33
N LEU A 39 1.29 -31.06 18.00
CA LEU A 39 0.48 -30.89 19.19
C LEU A 39 -0.68 -29.92 18.99
N ALA A 40 -0.95 -29.50 17.74
CA ALA A 40 -2.07 -28.60 17.46
C ALA A 40 -3.39 -29.36 17.31
N ASP A 41 -3.37 -30.58 16.77
CA ASP A 41 -4.59 -31.37 16.70
C ASP A 41 -5.08 -31.76 18.10
N GLN A 42 -6.29 -32.29 18.15
CA GLN A 42 -6.79 -32.78 19.43
C GLN A 42 -5.83 -33.83 19.99
N ALA A 43 -5.55 -33.73 21.29
CA ALA A 43 -4.65 -34.65 21.98
C ALA A 43 -5.11 -36.08 21.79
N ALA A 44 -4.13 -36.99 21.75
CA ALA A 44 -4.48 -38.39 21.57
C ALA A 44 -5.18 -38.95 22.81
N GLU A 45 -5.97 -39.99 22.57
CA GLU A 45 -6.67 -40.69 23.65
C GLU A 45 -5.62 -41.26 24.59
N PRO A 46 -5.73 -41.04 25.90
CA PRO A 46 -4.74 -41.64 26.80
C PRO A 46 -5.07 -43.11 27.06
N PRO A 47 -4.07 -43.91 27.42
CA PRO A 47 -4.32 -45.34 27.72
C PRO A 47 -4.92 -45.58 29.09
N VAL A 48 -4.98 -44.56 29.94
CA VAL A 48 -5.58 -44.70 31.25
C VAL A 48 -6.58 -43.57 31.40
N ASN A 49 -7.50 -43.72 32.36
CA ASN A 49 -8.51 -42.71 32.58
C ASN A 49 -8.96 -42.80 34.03
N ALA A 50 -10.00 -42.03 34.37
CA ALA A 50 -10.47 -42.02 35.75
C ALA A 50 -11.06 -43.35 36.20
N ASN A 51 -11.32 -44.27 35.28
CA ASN A 51 -11.73 -45.61 35.66
C ASN A 51 -10.55 -46.57 35.81
N SER A 52 -9.31 -46.14 35.52
CA SER A 52 -8.15 -47.02 35.61
C SER A 52 -7.75 -47.29 37.06
N GLU A 53 -7.06 -48.40 37.29
CA GLU A 53 -6.54 -48.70 38.61
C GLU A 53 -5.44 -47.70 38.95
N VAL A 54 -5.32 -47.39 40.25
CA VAL A 54 -4.30 -46.47 40.72
C VAL A 54 -2.91 -46.89 40.27
N ALA A 55 -2.57 -48.17 40.41
CA ALA A 55 -1.22 -48.61 40.01
C ALA A 55 -0.97 -48.33 38.53
N ASP A 56 -2.00 -48.50 37.70
CA ASP A 56 -1.87 -48.22 36.28
C ASP A 56 -1.70 -46.73 36.01
N CYS A 57 -2.38 -45.90 36.80
CA CYS A 57 -2.22 -44.45 36.67
C CYS A 57 -0.80 -44.03 37.06
N ILE A 58 -0.26 -44.65 38.11
CA ILE A 58 1.11 -44.34 38.53
C ILE A 58 2.08 -44.75 37.43
N ALA A 59 1.92 -45.98 36.90
CA ALA A 59 2.84 -46.46 35.87
C ALA A 59 2.81 -45.59 34.62
N TYR A 60 1.60 -45.23 34.19
CA TYR A 60 1.50 -44.37 33.01
C TYR A 60 2.14 -43.02 33.28
N SER A 61 1.85 -42.41 34.44
CA SER A 61 2.44 -41.11 34.76
C SER A 61 3.95 -41.17 34.70
N THR A 62 4.54 -42.24 35.26
CA THR A 62 5.98 -42.39 35.21
C THR A 62 6.48 -42.43 33.76
N ALA A 63 5.74 -43.08 32.86
CA ALA A 63 6.16 -43.07 31.46
C ALA A 63 5.94 -41.71 30.79
N ALA A 64 4.86 -41.02 31.12
CA ALA A 64 4.52 -39.74 30.49
C ALA A 64 5.48 -38.63 30.90
N GLU A 65 6.06 -38.77 32.09
CA GLU A 65 6.98 -37.76 32.59
C GLU A 65 8.10 -37.50 31.59
N GLN A 66 8.66 -38.55 31.02
CA GLN A 66 9.77 -38.35 30.09
C GLN A 66 9.34 -37.51 28.89
N ALA A 67 8.17 -37.80 28.32
CA ALA A 67 7.70 -37.06 27.16
C ALA A 67 7.52 -35.59 27.50
N TRP A 68 6.90 -35.32 28.65
CA TRP A 68 6.68 -33.91 28.99
C TRP A 68 8.00 -33.21 29.32
N GLN A 69 8.95 -33.91 29.93
CA GLN A 69 10.23 -33.28 30.23
C GLN A 69 10.98 -32.94 28.95
N THR A 70 10.91 -33.83 27.96
CA THR A 70 11.54 -33.55 26.67
C THR A 70 10.90 -32.34 26.01
N LEU A 71 9.57 -32.23 26.04
CA LEU A 71 8.97 -31.01 25.50
C LEU A 71 9.48 -29.77 26.24
N GLY A 72 9.49 -29.83 27.58
CA GLY A 72 9.99 -28.68 28.34
C GLY A 72 11.43 -28.33 28.00
N ALA A 73 12.27 -29.33 27.77
CA ALA A 73 13.65 -29.07 27.37
C ALA A 73 13.70 -28.43 26.00
N MET A 74 12.89 -28.93 25.07
CA MET A 74 12.80 -28.35 23.73
C MET A 74 12.43 -26.88 23.81
N LEU A 75 11.55 -26.54 24.74
CA LEU A 75 11.05 -25.17 24.80
C LEU A 75 11.92 -24.24 25.64
N GLY A 76 12.63 -24.74 26.64
CA GLY A 76 13.29 -23.90 27.62
C GLY A 76 14.80 -23.81 27.57
N SER A 77 15.44 -24.73 26.86
CA SER A 77 16.89 -24.82 26.94
C SER A 77 17.59 -24.09 25.80
N GLN A 78 16.86 -23.37 24.95
CA GLN A 78 17.46 -22.76 23.77
C GLN A 78 18.02 -21.37 24.03
N GLY A 79 18.02 -20.91 25.27
CA GLY A 79 18.54 -19.59 25.53
C GLY A 79 18.78 -19.38 27.00
N GLU A 80 19.06 -18.13 27.34
CA GLU A 80 19.35 -17.77 28.72
C GLU A 80 18.88 -16.34 28.93
N PRO A 81 18.74 -15.89 30.17
CA PRO A 81 18.25 -14.53 30.41
C PRO A 81 19.22 -13.47 29.89
N SER A 82 18.64 -12.32 29.55
CA SER A 82 19.43 -11.16 29.13
C SER A 82 20.26 -10.59 30.26
N ASN A 83 19.87 -10.82 31.51
CA ASN A 83 20.71 -10.42 32.61
C ASN A 83 21.33 -11.64 33.28
N PRO A 84 22.58 -11.56 33.71
CA PRO A 84 23.25 -12.74 34.25
C PRO A 84 22.67 -13.15 35.60
N VAL A 85 22.53 -14.46 35.77
CA VAL A 85 21.93 -15.04 36.96
C VAL A 85 22.86 -16.11 37.51
N ASP A 86 22.95 -16.18 38.83
CA ASP A 86 23.64 -17.23 39.57
C ASP A 86 22.62 -18.23 40.06
N VAL A 87 22.99 -19.52 40.03
CA VAL A 87 22.15 -20.58 40.58
C VAL A 87 22.98 -21.39 41.55
N ARG A 88 22.47 -21.59 42.75
CA ARG A 88 23.11 -22.45 43.73
C ARG A 88 22.08 -23.41 44.31
N GLU A 89 22.56 -24.51 44.86
CA GLU A 89 21.70 -25.52 45.44
C GLU A 89 21.85 -25.51 46.96
N GLU A 90 20.72 -25.70 47.64
CA GLU A 90 20.68 -25.82 49.09
C GLU A 90 19.82 -27.03 49.44
N THR A 91 20.16 -27.75 50.50
CA THR A 91 19.32 -28.87 50.92
C THR A 91 18.86 -28.60 52.34
N ILE A 92 17.57 -28.72 52.58
CA ILE A 92 16.96 -28.46 53.88
C ILE A 92 16.22 -29.72 54.32
N LYS A 93 15.73 -29.69 55.55
CA LYS A 93 15.04 -30.83 56.09
C LYS A 93 13.57 -30.62 56.21
N GLY A 94 12.78 -31.52 55.65
CA GLY A 94 11.36 -31.44 55.81
C GLY A 94 10.94 -31.87 57.20
N ARG A 95 9.67 -31.57 57.52
CA ARG A 95 9.11 -31.84 58.84
C ARG A 95 9.22 -33.30 59.23
N GLY A 96 9.16 -34.20 58.25
CA GLY A 96 9.26 -35.60 58.55
C GLY A 96 10.66 -36.18 58.47
N GLY A 97 11.68 -35.39 58.14
CA GLY A 97 13.05 -35.88 58.07
C GLY A 97 13.60 -36.14 56.67
N ASN A 98 12.79 -35.96 55.62
CA ASN A 98 13.31 -36.10 54.27
C ASN A 98 14.09 -34.84 53.89
N GLU A 99 14.99 -34.98 52.94
CA GLU A 99 15.75 -33.86 52.40
C GLU A 99 14.97 -33.22 51.26
N ILE A 100 14.95 -31.89 51.25
CA ILE A 100 14.30 -31.10 50.19
C ILE A 100 15.37 -30.25 49.52
N LYS A 101 15.60 -30.49 48.23
CA LYS A 101 16.54 -29.68 47.49
C LYS A 101 15.88 -28.38 47.04
N LEU A 102 16.63 -27.29 47.10
CA LEU A 102 16.20 -25.96 46.68
C LEU A 102 17.18 -25.45 45.65
N TYR A 103 16.66 -24.96 44.53
CA TYR A 103 17.48 -24.29 43.52
C TYR A 103 17.28 -22.80 43.70
N ILE A 104 18.31 -22.06 44.08
CA ILE A 104 18.21 -20.65 44.41
C ILE A 104 18.87 -19.84 43.31
N HIS A 105 18.05 -19.06 42.58
CA HIS A 105 18.46 -18.21 41.46
C HIS A 105 18.45 -16.76 41.92
N SER A 106 19.49 -16.00 41.55
CA SER A 106 19.54 -14.60 41.97
C SER A 106 20.41 -13.85 40.96
N PRO A 107 20.26 -12.53 40.84
CA PRO A 107 21.16 -11.79 39.95
C PRO A 107 22.59 -11.99 40.39
N THR A 108 23.51 -12.16 39.42
CA THR A 108 24.92 -12.30 39.77
C THR A 108 25.36 -11.08 40.55
N GLY A 109 26.15 -11.29 41.60
CA GLY A 109 26.57 -10.19 42.43
C GLY A 109 25.61 -9.82 43.53
N HIS A 110 24.54 -10.59 43.73
CA HIS A 110 23.64 -10.37 44.84
C HIS A 110 24.11 -11.20 46.03
N THR A 111 24.20 -10.57 47.20
CA THR A 111 24.64 -11.23 48.43
C THR A 111 23.77 -10.76 49.59
N SER A 112 24.01 -11.34 50.77
CA SER A 112 23.34 -10.87 51.98
C SER A 112 23.70 -9.43 52.34
N ASP A 113 24.72 -8.86 51.68
CA ASP A 113 25.09 -7.48 51.92
C ASP A 113 24.52 -6.52 50.89
N SER A 114 23.94 -7.02 49.79
CA SER A 114 23.28 -6.13 48.85
C SER A 114 21.94 -5.66 49.43
N ASP A 115 21.36 -4.65 48.80
CA ASP A 115 19.99 -4.27 49.13
C ASP A 115 19.08 -5.47 48.88
N PRO A 116 18.17 -5.80 49.80
CA PRO A 116 17.38 -7.02 49.65
C PRO A 116 16.42 -6.94 48.47
N LEU A 117 16.23 -8.07 47.83
CA LEU A 117 15.37 -8.23 46.69
C LEU A 117 14.11 -8.99 47.07
N PRO A 118 13.00 -8.79 46.37
CA PRO A 118 11.83 -9.64 46.64
C PRO A 118 12.12 -11.07 46.26
N CYS A 119 11.41 -11.99 46.92
CA CYS A 119 11.63 -13.42 46.72
C CYS A 119 10.36 -14.08 46.19
N VAL A 120 10.54 -14.96 45.21
CA VAL A 120 9.47 -15.83 44.73
C VAL A 120 9.85 -17.25 45.11
N VAL A 121 9.01 -17.90 45.90
CA VAL A 121 9.14 -19.33 46.16
C VAL A 121 8.30 -20.01 45.10
N HIS A 122 8.96 -20.67 44.15
CA HIS A 122 8.33 -21.22 42.96
C HIS A 122 8.04 -22.71 43.11
N THR A 123 6.76 -23.07 42.85
CA THR A 123 6.28 -24.44 42.89
C THR A 123 5.85 -24.83 41.48
N HIS A 124 6.62 -25.74 40.85
CA HIS A 124 6.43 -26.08 39.44
C HIS A 124 5.20 -26.96 39.22
N GLY A 125 4.74 -27.00 37.96
CA GLY A 125 3.60 -27.80 37.55
C GLY A 125 3.94 -29.27 37.28
N GLY A 126 2.98 -29.97 36.68
CA GLY A 126 3.03 -31.42 36.57
C GLY A 126 1.98 -32.13 37.37
N GLY A 127 0.87 -31.45 37.73
CA GLY A 127 -0.25 -32.08 38.40
C GLY A 127 0.05 -32.62 39.78
N MET A 128 1.13 -32.15 40.40
CA MET A 128 1.64 -32.67 41.67
C MET A 128 2.09 -34.12 41.56
N VAL A 129 2.23 -34.63 40.34
CA VAL A 129 2.48 -36.05 40.11
C VAL A 129 3.80 -36.29 39.38
N ILE A 130 4.16 -35.42 38.41
CA ILE A 130 5.36 -35.60 37.60
C ILE A 130 6.04 -34.25 37.37
N LEU A 131 7.24 -34.33 36.74
CA LEU A 131 8.14 -33.22 36.41
C LEU A 131 8.95 -32.76 37.61
N THR A 132 10.06 -32.07 37.37
CA THR A 132 10.97 -31.72 38.47
C THR A 132 11.43 -30.29 38.29
N ALA A 133 11.87 -29.71 39.42
CA ALA A 133 12.41 -28.35 39.38
C ALA A 133 13.66 -28.25 38.54
N ALA A 134 14.37 -29.34 38.36
CA ALA A 134 15.57 -29.32 37.53
C ALA A 134 15.25 -29.34 36.04
N ASP A 135 13.98 -29.56 35.65
CA ASP A 135 13.65 -29.55 34.23
C ASP A 135 13.99 -28.21 33.59
N ALA A 136 14.43 -28.24 32.33
CA ALA A 136 14.98 -27.04 31.69
C ALA A 136 13.97 -25.88 31.64
N ASN A 137 12.69 -26.16 31.39
CA ASN A 137 11.71 -25.07 31.33
C ASN A 137 11.54 -24.41 32.70
N TYR A 138 11.60 -25.18 33.79
CA TYR A 138 11.41 -24.55 35.09
C TYR A 138 12.68 -23.81 35.51
N SER A 139 13.85 -24.38 35.25
CA SER A 139 15.09 -23.64 35.52
C SER A 139 15.14 -22.34 34.73
N ARG A 140 14.73 -22.38 33.46
CA ARG A 140 14.70 -21.18 32.64
C ARG A 140 13.74 -20.15 33.23
N TRP A 141 12.55 -20.59 33.62
CA TRP A 141 11.57 -19.67 34.20
C TRP A 141 12.12 -18.99 35.45
N ARG A 142 12.68 -19.79 36.37
CA ARG A 142 13.21 -19.23 37.60
C ARG A 142 14.36 -18.26 37.33
N SER A 143 15.19 -18.56 36.33
CA SER A 143 16.27 -17.64 35.99
C SER A 143 15.75 -16.38 35.31
N GLU A 144 14.74 -16.49 34.44
CA GLU A 144 14.17 -15.30 33.83
C GLU A 144 13.52 -14.40 34.88
N LEU A 145 12.85 -15.00 35.88
CA LEU A 145 12.34 -14.22 37.00
C LEU A 145 13.47 -13.56 37.79
N ALA A 146 14.53 -14.34 38.09
CA ALA A 146 15.63 -13.78 38.86
C ALA A 146 16.29 -12.61 38.14
N ALA A 147 16.38 -12.70 36.81
CA ALA A 147 17.03 -11.67 36.00
C ALA A 147 16.31 -10.32 36.07
N THR A 148 15.04 -10.29 36.48
CA THR A 148 14.33 -9.04 36.67
C THR A 148 14.65 -8.38 38.02
N GLY A 149 15.48 -9.01 38.85
CA GLY A 149 15.78 -8.48 40.18
C GLY A 149 15.07 -9.19 41.31
N LEU A 150 15.09 -10.53 41.30
CA LEU A 150 14.43 -11.32 42.32
C LEU A 150 15.36 -12.44 42.77
N VAL A 151 15.14 -12.92 43.99
CA VAL A 151 15.67 -14.20 44.42
C VAL A 151 14.54 -15.19 44.24
N VAL A 152 14.80 -16.26 43.49
CA VAL A 152 13.76 -17.23 43.16
C VAL A 152 14.20 -18.58 43.69
N VAL A 153 13.35 -19.18 44.53
CA VAL A 153 13.66 -20.45 45.18
C VAL A 153 12.80 -21.53 44.54
N GLY A 154 13.42 -22.42 43.78
CA GLY A 154 12.70 -23.52 43.17
C GLY A 154 12.65 -24.72 44.06
N VAL A 155 11.45 -25.12 44.49
CA VAL A 155 11.33 -26.23 45.45
C VAL A 155 11.33 -27.57 44.71
N GLU A 156 12.25 -28.47 45.08
CA GLU A 156 12.23 -29.81 44.52
C GLU A 156 11.41 -30.71 45.44
N PHE A 157 10.09 -30.58 45.36
CA PHE A 157 9.21 -31.29 46.26
C PHE A 157 8.95 -32.73 45.78
N ARG A 158 8.53 -33.58 46.73
CA ARG A 158 8.15 -34.95 46.41
C ARG A 158 6.91 -34.99 45.51
N ASN A 159 6.92 -35.92 44.56
CA ASN A 159 5.84 -36.13 43.60
C ASN A 159 5.06 -37.39 43.92
N ALA A 160 3.82 -37.45 43.41
CA ALA A 160 3.02 -38.65 43.59
C ALA A 160 3.47 -39.81 42.69
N ALA A 161 4.23 -39.55 41.62
CA ALA A 161 4.68 -40.62 40.73
C ALA A 161 5.99 -40.20 40.06
N GLY A 162 6.42 -40.98 39.06
CA GLY A 162 7.60 -40.58 38.31
C GLY A 162 8.89 -40.65 39.13
N ALA A 163 9.90 -39.93 38.63
CA ALA A 163 11.26 -40.01 39.18
C ALA A 163 11.32 -39.62 40.64
N LEU A 164 10.48 -38.69 41.08
CA LEU A 164 10.46 -38.22 42.46
C LEU A 164 9.32 -38.84 43.27
N GLY A 165 8.69 -39.89 42.77
CA GLY A 165 7.58 -40.55 43.47
C GLY A 165 8.02 -41.68 44.41
N ASN A 166 7.08 -42.40 45.02
CA ASN A 166 5.65 -42.18 44.84
C ASN A 166 5.10 -41.72 46.18
N HIS A 167 4.76 -40.43 46.26
CA HIS A 167 4.40 -39.78 47.51
C HIS A 167 3.09 -39.03 47.36
N PRO A 168 1.97 -39.64 47.75
CA PRO A 168 0.66 -38.97 47.63
C PRO A 168 0.59 -37.75 48.53
N PHE A 169 -0.49 -37.00 48.30
CA PHE A 169 -0.90 -35.91 49.18
C PHE A 169 -0.84 -36.44 50.61
N PRO A 170 -0.31 -35.66 51.56
CA PRO A 170 0.14 -34.26 51.45
C PRO A 170 1.66 -34.09 51.38
N ALA A 171 2.38 -35.04 50.80
CA ALA A 171 3.84 -35.00 50.85
C ALA A 171 4.40 -33.78 50.14
N GLY A 172 4.00 -33.57 48.88
CA GLY A 172 4.53 -32.42 48.15
C GLY A 172 4.15 -31.09 48.80
N LEU A 173 2.90 -31.00 49.27
CA LEU A 173 2.43 -29.81 49.98
C LEU A 173 3.29 -29.54 51.19
N HIS A 174 3.57 -30.57 51.99
CA HIS A 174 4.42 -30.37 53.14
C HIS A 174 5.81 -29.89 52.74
N ASP A 175 6.37 -30.42 51.64
CA ASP A 175 7.69 -29.96 51.21
C ASP A 175 7.64 -28.49 50.79
N CYS A 176 6.60 -28.08 50.06
CA CYS A 176 6.51 -26.69 49.66
C CYS A 176 6.37 -25.78 50.87
N ALA A 177 5.53 -26.19 51.83
CA ALA A 177 5.34 -25.38 53.02
C ALA A 177 6.64 -25.28 53.83
N ASP A 178 7.34 -26.40 54.00
CA ASP A 178 8.59 -26.39 54.76
C ASP A 178 9.66 -25.56 54.05
N ALA A 179 9.68 -25.60 52.70
CA ALA A 179 10.61 -24.75 51.97
C ALA A 179 10.28 -23.27 52.19
N ALA A 180 8.99 -22.92 52.15
CA ALA A 180 8.58 -21.55 52.38
C ALA A 180 8.96 -21.11 53.80
N LYS A 181 8.77 -21.99 54.79
CA LYS A 181 9.18 -21.65 56.15
C LYS A 181 10.69 -21.45 56.26
N TRP A 182 11.48 -22.27 55.56
CA TRP A 182 12.93 -22.09 55.59
C TRP A 182 13.32 -20.75 54.98
N VAL A 183 12.73 -20.41 53.83
CA VAL A 183 13.01 -19.12 53.23
C VAL A 183 12.67 -17.99 54.18
N ALA A 184 11.51 -18.11 54.85
CA ALA A 184 11.05 -17.07 55.75
C ALA A 184 11.96 -16.93 56.97
N SER A 185 12.71 -17.96 57.31
CA SER A 185 13.64 -17.94 58.43
C SER A 185 15.04 -17.54 58.02
N ASN A 186 15.27 -17.32 56.72
CA ASN A 186 16.61 -17.03 56.22
C ASN A 186 16.59 -15.78 55.34
N ARG A 187 15.73 -14.81 55.67
CA ARG A 187 15.61 -13.61 54.83
C ARG A 187 16.91 -12.83 54.77
N GLU A 188 17.61 -12.73 55.88
CA GLU A 188 18.86 -12.00 55.87
C GLU A 188 19.95 -12.74 55.12
N ALA A 189 20.05 -14.04 55.30
CA ALA A 189 21.06 -14.80 54.58
C ALA A 189 20.79 -14.81 53.08
N LEU A 190 19.51 -14.88 52.68
CA LEU A 190 19.16 -14.86 51.25
C LEU A 190 19.17 -13.46 50.68
N GLY A 191 19.12 -12.44 51.52
CA GLY A 191 19.06 -11.07 51.06
C GLY A 191 17.73 -10.74 50.42
N ILE A 192 16.63 -11.04 51.09
CA ILE A 192 15.30 -10.86 50.51
C ILE A 192 14.45 -9.97 51.42
N SER A 193 13.47 -9.29 50.79
CA SER A 193 12.63 -8.26 51.41
C SER A 193 11.18 -8.66 51.61
N THR A 194 10.70 -9.67 50.91
CA THR A 194 9.34 -10.15 50.99
C THR A 194 9.34 -11.50 50.30
N LEU A 195 8.29 -12.28 50.52
CA LEU A 195 8.19 -13.64 50.01
C LEU A 195 6.82 -13.81 49.38
N ILE A 196 6.77 -14.22 48.10
CA ILE A 196 5.50 -14.61 47.51
C ILE A 196 5.60 -16.05 47.02
N MET A 197 4.46 -16.73 47.01
CA MET A 197 4.38 -18.05 46.39
C MET A 197 3.91 -17.88 44.95
N SER A 198 4.51 -18.64 44.03
CA SER A 198 4.04 -18.62 42.65
C SER A 198 4.29 -19.96 41.97
N GLY A 199 3.36 -20.36 41.09
CA GLY A 199 3.58 -21.55 40.29
C GLY A 199 2.39 -21.72 39.36
N GLU A 200 2.53 -22.68 38.44
CA GLU A 200 1.47 -22.90 37.44
C GLU A 200 0.91 -24.32 37.49
N SER A 201 -0.38 -24.41 37.20
CA SER A 201 -1.12 -25.67 37.05
C SER A 201 -1.02 -26.45 38.36
N GLY A 202 -0.42 -27.65 38.39
CA GLY A 202 -0.23 -28.32 39.68
C GLY A 202 0.57 -27.47 40.66
N GLY A 203 1.48 -26.66 40.13
CA GLY A 203 2.20 -25.73 40.98
C GLY A 203 1.38 -24.54 41.42
N GLY A 204 0.34 -24.19 40.65
CA GLY A 204 -0.58 -23.18 41.15
C GLY A 204 -1.41 -23.71 42.29
N ASN A 205 -1.85 -24.98 42.17
CA ASN A 205 -2.46 -25.69 43.29
C ASN A 205 -1.55 -25.62 44.50
N LEU A 206 -0.30 -26.08 44.34
CA LEU A 206 0.60 -26.11 45.50
C LEU A 206 0.87 -24.73 46.10
N SER A 207 0.98 -23.67 45.27
CA SER A 207 1.18 -22.35 45.87
C SER A 207 -0.05 -21.90 46.67
N LEU A 208 -1.23 -22.14 46.11
CA LEU A 208 -2.47 -21.80 46.81
C LEU A 208 -2.60 -22.59 48.10
N ALA A 209 -2.36 -23.89 48.02
CA ALA A 209 -2.54 -24.78 49.16
C ALA A 209 -1.50 -24.54 50.24
N THR A 210 -0.26 -24.24 49.84
CA THR A 210 0.78 -23.89 50.81
C THR A 210 0.35 -22.69 51.63
N THR A 211 -0.25 -21.70 50.97
CA THR A 211 -0.67 -20.49 51.68
C THR A 211 -1.86 -20.78 52.61
N MET A 212 -2.81 -21.59 52.16
CA MET A 212 -3.89 -21.99 53.08
C MET A 212 -3.36 -22.78 54.27
N LEU A 213 -2.36 -23.65 54.02
CA LEU A 213 -1.77 -24.40 55.11
C LEU A 213 -1.04 -23.48 56.07
N ALA A 214 -0.36 -22.46 55.54
CA ALA A 214 0.30 -21.48 56.41
C ALA A 214 -0.72 -20.81 57.31
N LYS A 215 -1.91 -20.52 56.77
CA LYS A 215 -2.97 -19.96 57.62
C LYS A 215 -3.37 -20.95 58.70
N LYS A 216 -3.57 -22.22 58.34
CA LYS A 216 -3.98 -23.22 59.32
C LYS A 216 -2.93 -23.45 60.38
N GLU A 217 -1.65 -23.30 60.03
CA GLU A 217 -0.55 -23.56 60.96
C GLU A 217 -0.10 -22.30 61.68
N GLY A 218 -0.67 -21.14 61.36
CA GLY A 218 -0.39 -19.92 62.08
C GLY A 218 0.87 -19.18 61.70
N TRP A 219 1.43 -19.41 60.50
CA TRP A 219 2.60 -18.65 60.05
C TRP A 219 2.29 -17.89 58.76
N LEU A 220 1.01 -17.59 58.54
CA LEU A 220 0.57 -16.90 57.32
C LEU A 220 1.29 -15.57 57.13
N GLU A 221 1.69 -14.92 58.23
CA GLU A 221 2.33 -13.62 58.09
C GLU A 221 3.62 -13.70 57.28
N GLU A 222 4.19 -14.89 57.09
CA GLU A 222 5.41 -14.98 56.32
C GLU A 222 5.19 -14.83 54.82
N ILE A 223 3.98 -15.10 54.34
CA ILE A 223 3.70 -15.09 52.91
C ILE A 223 2.98 -13.78 52.59
N ALA A 224 3.61 -12.96 51.76
CA ALA A 224 3.07 -11.64 51.42
C ALA A 224 2.13 -11.65 50.23
N GLY A 225 2.12 -12.71 49.43
CA GLY A 225 1.20 -12.73 48.30
C GLY A 225 1.36 -14.05 47.57
N VAL A 226 0.43 -14.30 46.65
CA VAL A 226 0.40 -15.52 45.85
C VAL A 226 0.10 -15.15 44.41
N TYR A 227 0.88 -15.67 43.46
CA TYR A 227 0.60 -15.45 42.03
C TYR A 227 0.42 -16.86 41.44
N ALA A 228 -0.84 -17.27 41.30
CA ALA A 228 -1.15 -18.64 40.86
C ALA A 228 -1.54 -18.61 39.39
N GLN A 229 -0.78 -19.33 38.57
CA GLN A 229 -1.01 -19.44 37.14
C GLN A 229 -1.78 -20.71 36.83
N CYS A 230 -2.70 -20.61 35.86
CA CYS A 230 -3.56 -21.68 35.35
C CYS A 230 -3.76 -22.79 36.38
N PRO A 231 -4.34 -22.48 37.54
CA PRO A 231 -4.35 -23.46 38.63
C PRO A 231 -5.16 -24.71 38.31
N TYR A 232 -4.60 -25.84 38.73
CA TYR A 232 -5.15 -27.18 38.56
C TYR A 232 -5.69 -27.58 39.92
N ILE A 233 -6.98 -27.24 40.19
CA ILE A 233 -7.43 -27.19 41.57
C ILE A 233 -8.78 -27.84 41.85
N SER A 234 -9.52 -28.26 40.80
CA SER A 234 -10.83 -28.86 41.04
C SER A 234 -10.75 -30.35 41.28
N GLY A 235 -9.86 -31.03 40.57
CA GLY A 235 -9.85 -32.49 40.61
C GLY A 235 -11.02 -33.17 39.94
N LEU A 236 -11.85 -32.42 39.20
CA LEU A 236 -13.13 -32.91 38.66
C LEU A 236 -13.05 -33.30 37.19
N TYR A 237 -11.86 -33.68 36.71
CA TYR A 237 -11.64 -33.89 35.27
C TYR A 237 -12.38 -35.09 34.72
N ALA A 238 -12.75 -36.03 35.59
CA ALA A 238 -13.55 -37.16 35.14
C ALA A 238 -15.02 -36.81 34.90
N SER A 239 -15.60 -35.90 35.70
CA SER A 239 -17.06 -35.71 35.69
C SER A 239 -17.54 -34.55 34.85
N LYS A 240 -16.69 -33.57 34.54
CA LYS A 240 -17.05 -32.41 33.73
C LYS A 240 -18.29 -31.72 34.22
N PRO A 241 -18.32 -31.14 35.43
CA PRO A 241 -19.49 -30.47 35.95
C PRO A 241 -19.88 -29.27 35.11
N GLU A 242 -21.18 -28.97 35.10
CA GLU A 242 -21.66 -27.91 34.23
C GLU A 242 -21.22 -26.52 34.68
N GLU A 243 -20.77 -26.37 35.93
CA GLU A 243 -20.21 -25.11 36.36
C GLU A 243 -18.83 -24.83 35.76
N LEU A 244 -18.23 -25.80 35.07
CA LEU A 244 -16.88 -25.63 34.51
C LEU A 244 -16.90 -25.93 33.00
N PRO A 245 -17.55 -25.07 32.22
CA PRO A 245 -17.68 -25.34 30.77
C PRO A 245 -16.36 -25.44 30.05
N SER A 246 -15.30 -24.76 30.51
CA SER A 246 -14.03 -24.84 29.80
C SER A 246 -13.53 -26.28 29.70
N LEU A 247 -13.89 -27.14 30.68
CA LEU A 247 -13.46 -28.55 30.62
C LEU A 247 -13.93 -29.23 29.34
N LEU A 248 -15.06 -28.82 28.79
CA LEU A 248 -15.56 -29.34 27.51
C LEU A 248 -15.08 -28.49 26.34
N GLU A 249 -15.11 -27.16 26.56
CA GLU A 249 -14.81 -26.21 25.49
C GLU A 249 -13.40 -26.40 24.94
N ASN A 250 -12.43 -26.65 25.84
CA ASN A 250 -11.02 -26.74 25.50
C ASN A 250 -10.47 -28.14 25.79
N ASP A 251 -11.34 -29.14 25.86
CA ASP A 251 -10.87 -30.50 26.07
C ASP A 251 -10.02 -30.93 24.87
N ALA A 252 -8.90 -31.60 25.18
CA ALA A 252 -7.92 -32.09 24.22
C ALA A 252 -7.17 -30.96 23.54
N TYR A 253 -7.28 -29.72 24.06
CA TYR A 253 -6.34 -28.67 23.72
C TYR A 253 -5.11 -28.89 24.60
N PHE A 254 -4.09 -29.57 24.05
CA PHE A 254 -2.88 -29.93 24.78
C PHE A 254 -3.11 -31.11 25.71
N TRP A 255 -4.11 -30.99 26.59
CA TRP A 255 -4.48 -32.03 27.55
C TRP A 255 -5.89 -32.50 27.26
N ASP A 256 -6.06 -33.83 27.18
CA ASP A 256 -7.37 -34.45 27.22
C ASP A 256 -7.72 -34.67 28.68
N MET A 257 -8.98 -34.45 29.03
CA MET A 257 -9.31 -34.55 30.44
C MET A 257 -9.31 -35.99 30.96
N LYS A 258 -9.29 -37.00 30.09
CA LYS A 258 -9.08 -38.35 30.59
C LYS A 258 -7.69 -38.51 31.21
N THR A 259 -6.69 -37.87 30.62
CA THR A 259 -5.35 -37.88 31.20
C THR A 259 -5.37 -37.29 32.60
N MET A 260 -6.03 -36.14 32.76
CA MET A 260 -6.02 -35.52 34.08
C MET A 260 -6.86 -36.31 35.07
N GLY A 261 -7.96 -36.91 34.62
CA GLY A 261 -8.73 -37.79 35.50
C GLY A 261 -7.90 -38.95 36.01
N ALA A 262 -7.01 -39.49 35.17
CA ALA A 262 -6.11 -40.54 35.64
C ALA A 262 -5.06 -39.97 36.58
N MET A 263 -4.54 -38.79 36.28
CA MET A 263 -3.47 -38.24 37.10
C MET A 263 -3.95 -37.80 38.48
N VAL A 264 -5.25 -37.64 38.67
CA VAL A 264 -5.77 -37.36 40.02
C VAL A 264 -5.42 -38.50 40.98
N LYS A 265 -5.47 -39.75 40.49
CA LYS A 265 -5.41 -40.90 41.38
C LYS A 265 -4.09 -41.09 42.11
N PRO A 266 -2.92 -40.95 41.46
CA PRO A 266 -1.67 -41.02 42.22
C PRO A 266 -1.59 -39.99 43.33
N TYR A 267 -2.22 -38.82 43.16
CA TYR A 267 -2.15 -37.81 44.22
C TYR A 267 -2.98 -38.20 45.43
N ASP A 268 -4.11 -38.84 45.20
CA ASP A 268 -5.06 -39.18 46.27
C ASP A 268 -5.59 -40.59 46.02
N PRO A 269 -4.77 -41.61 46.28
CA PRO A 269 -5.13 -42.96 45.84
C PRO A 269 -6.43 -43.49 46.43
N THR A 270 -6.76 -43.11 47.64
CA THR A 270 -8.01 -43.56 48.25
C THR A 270 -9.22 -42.72 47.85
N GLY A 271 -9.01 -41.55 47.26
CA GLY A 271 -10.12 -40.65 46.99
C GLY A 271 -10.64 -39.91 48.21
N GLU A 272 -10.09 -40.16 49.39
CA GLU A 272 -10.57 -39.54 50.62
C GLU A 272 -10.41 -38.03 50.64
N ASN A 273 -9.58 -37.45 49.77
CA ASN A 273 -9.32 -36.02 49.82
C ASN A 273 -9.93 -35.25 48.66
N ALA A 274 -10.93 -35.83 47.98
CA ALA A 274 -11.50 -35.22 46.79
C ALA A 274 -12.07 -33.83 47.05
N SER A 275 -12.58 -33.57 48.26
CA SER A 275 -13.10 -32.25 48.61
C SER A 275 -12.27 -31.59 49.69
N ASN A 276 -11.06 -32.05 49.90
CA ASN A 276 -10.15 -31.44 50.85
C ASN A 276 -9.52 -30.22 50.20
N PRO A 277 -9.77 -29.00 50.67
CA PRO A 277 -9.20 -27.82 50.00
C PRO A 277 -7.69 -27.82 49.98
N LEU A 278 -7.02 -28.51 50.91
CA LEU A 278 -5.57 -28.53 50.85
C LEU A 278 -5.06 -29.39 49.71
N ALA A 279 -5.87 -30.35 49.23
CA ALA A 279 -5.54 -31.13 48.05
C ALA A 279 -6.04 -30.49 46.77
N TRP A 280 -7.26 -29.92 46.84
CA TRP A 280 -7.96 -29.39 45.66
C TRP A 280 -8.58 -28.05 46.07
N PRO A 281 -7.81 -26.97 45.97
CA PRO A 281 -8.26 -25.68 46.55
C PRO A 281 -9.61 -25.18 46.04
N TYR A 282 -10.06 -25.63 44.86
CA TYR A 282 -11.36 -25.22 44.36
C TYR A 282 -12.48 -25.50 45.36
N HIS A 283 -12.28 -26.49 46.24
CA HIS A 283 -13.32 -26.89 47.19
C HIS A 283 -13.24 -26.12 48.51
N ALA A 284 -12.42 -25.09 48.59
CA ALA A 284 -12.33 -24.26 49.78
C ALA A 284 -13.68 -23.63 50.09
N SER A 285 -13.96 -23.48 51.38
CA SER A 285 -15.06 -22.66 51.82
C SER A 285 -14.55 -21.22 52.01
N LEU A 286 -15.48 -20.29 52.20
CA LEU A 286 -15.08 -18.91 52.45
C LEU A 286 -14.20 -18.79 53.71
N GLU A 287 -14.49 -19.55 54.77
CA GLU A 287 -13.64 -19.48 55.96
C GLU A 287 -12.23 -20.00 55.69
N ASP A 288 -12.09 -20.97 54.78
CA ASP A 288 -10.76 -21.41 54.39
C ASP A 288 -9.96 -20.29 53.75
N LEU A 289 -10.64 -19.36 53.06
CA LEU A 289 -9.92 -18.34 52.30
C LEU A 289 -9.85 -17.01 53.03
N ALA A 290 -10.62 -16.83 54.10
CA ALA A 290 -10.65 -15.55 54.79
C ALA A 290 -9.28 -15.19 55.35
N GLY A 291 -8.87 -13.95 55.15
CA GLY A 291 -7.63 -13.45 55.71
C GLY A 291 -6.38 -13.73 54.91
N LEU A 292 -6.48 -14.43 53.79
CA LEU A 292 -5.31 -14.70 52.98
C LEU A 292 -4.74 -13.39 52.42
N PRO A 293 -3.44 -13.35 52.16
CA PRO A 293 -2.81 -12.15 51.61
C PRO A 293 -3.19 -11.97 50.15
N PRO A 294 -2.78 -10.86 49.52
CA PRO A 294 -3.24 -10.59 48.13
C PRO A 294 -2.83 -11.69 47.15
N HIS A 295 -3.74 -11.99 46.23
CA HIS A 295 -3.60 -13.03 45.21
C HIS A 295 -3.71 -12.42 43.83
N VAL A 296 -3.00 -13.02 42.88
CA VAL A 296 -3.25 -12.84 41.44
C VAL A 296 -3.54 -14.23 40.89
N ILE A 297 -4.64 -14.37 40.18
CA ILE A 297 -4.97 -15.61 39.49
C ILE A 297 -4.88 -15.32 38.00
N SER A 298 -4.01 -16.07 37.29
CA SER A 298 -3.75 -15.81 35.88
C SER A 298 -4.06 -17.10 35.11
N VAL A 299 -5.13 -17.08 34.30
CA VAL A 299 -5.56 -18.26 33.56
C VAL A 299 -5.24 -18.11 32.09
N ASN A 300 -5.24 -19.23 31.36
CA ASN A 300 -5.03 -19.24 29.92
C ASN A 300 -6.36 -19.42 29.20
N GLU A 301 -6.56 -18.64 28.12
CA GLU A 301 -7.87 -18.59 27.48
C GLU A 301 -8.31 -19.95 26.96
N LEU A 302 -7.41 -20.68 26.30
CA LEU A 302 -7.77 -21.93 25.61
C LEU A 302 -7.39 -23.15 26.44
N ASP A 303 -7.57 -23.06 27.74
CA ASP A 303 -7.17 -24.07 28.71
C ASP A 303 -8.42 -24.71 29.28
N PRO A 304 -8.54 -26.04 29.26
CA PRO A 304 -9.71 -26.64 29.94
C PRO A 304 -9.79 -26.30 31.44
N LEU A 305 -8.67 -25.93 32.07
CA LEU A 305 -8.69 -25.51 33.48
C LEU A 305 -9.15 -24.08 33.68
N ARG A 306 -9.40 -23.32 32.60
CA ARG A 306 -9.66 -21.88 32.76
C ARG A 306 -10.73 -21.59 33.79
N ASP A 307 -11.86 -22.27 33.70
CA ASP A 307 -13.00 -21.86 34.49
C ASP A 307 -12.83 -22.22 35.97
N GLU A 308 -12.09 -23.27 36.32
CA GLU A 308 -11.88 -23.49 37.75
C GLU A 308 -10.96 -22.43 38.36
N GLY A 309 -10.01 -21.92 37.57
CA GLY A 309 -9.20 -20.81 38.02
C GLY A 309 -10.03 -19.55 38.22
N LEU A 310 -10.91 -19.25 37.27
CA LEU A 310 -11.74 -18.05 37.41
C LEU A 310 -12.75 -18.19 38.55
N ALA A 311 -13.29 -19.39 38.75
CA ALA A 311 -14.21 -19.60 39.88
C ALA A 311 -13.49 -19.37 41.19
N HIS A 312 -12.23 -19.85 41.28
CA HIS A 312 -11.47 -19.65 42.52
C HIS A 312 -11.15 -18.16 42.72
N TYR A 313 -10.84 -17.45 41.65
CA TYR A 313 -10.67 -16.00 41.72
C TYR A 313 -11.91 -15.33 42.35
N ARG A 314 -13.10 -15.73 41.90
CA ARG A 314 -14.32 -15.11 42.42
C ARG A 314 -14.55 -15.48 43.88
N LYS A 315 -14.21 -16.73 44.25
CA LYS A 315 -14.40 -17.16 45.63
C LYS A 315 -13.46 -16.43 46.58
N LEU A 316 -12.19 -16.26 46.16
CA LEU A 316 -11.25 -15.47 46.93
C LEU A 316 -11.81 -14.08 47.18
N LEU A 317 -12.34 -13.44 46.13
CA LEU A 317 -12.93 -12.11 46.35
C LEU A 317 -14.10 -12.15 47.33
N LYS A 318 -14.97 -13.16 47.21
CA LYS A 318 -16.12 -13.27 48.10
C LYS A 318 -15.68 -13.42 49.55
N ALA A 319 -14.54 -14.05 49.78
CA ALA A 319 -13.96 -14.25 51.10
C ALA A 319 -13.21 -13.03 51.62
N GLY A 320 -13.18 -11.93 50.86
CA GLY A 320 -12.51 -10.72 51.28
C GLY A 320 -11.04 -10.61 50.95
N VAL A 321 -10.49 -11.54 50.14
CA VAL A 321 -9.09 -11.49 49.76
C VAL A 321 -8.92 -10.49 48.62
N SER A 322 -7.88 -9.67 48.69
CA SER A 322 -7.54 -8.79 47.57
C SER A 322 -7.07 -9.67 46.42
N THR A 323 -7.80 -9.65 45.30
CA THR A 323 -7.51 -10.59 44.22
C THR A 323 -7.60 -9.89 42.87
N VAL A 324 -6.58 -10.10 42.04
CA VAL A 324 -6.56 -9.65 40.64
C VAL A 324 -6.75 -10.88 39.79
N GLY A 325 -7.62 -10.80 38.79
CA GLY A 325 -7.86 -11.92 37.90
C GLY A 325 -7.51 -11.54 36.48
N ARG A 326 -6.73 -12.40 35.79
CA ARG A 326 -6.28 -12.10 34.42
C ARG A 326 -6.53 -13.32 33.55
N THR A 327 -6.98 -13.10 32.32
CA THR A 327 -6.86 -14.11 31.27
C THR A 327 -5.73 -13.70 30.34
N VAL A 328 -4.85 -14.66 30.03
CA VAL A 328 -3.83 -14.49 29.01
C VAL A 328 -4.41 -15.05 27.72
N HIS A 329 -4.71 -14.17 26.76
CA HIS A 329 -5.42 -14.64 25.59
C HIS A 329 -4.50 -15.36 24.62
N GLY A 330 -5.12 -16.14 23.75
CA GLY A 330 -4.46 -16.81 22.65
C GLY A 330 -3.62 -18.01 23.04
N THR A 331 -3.64 -18.40 24.31
CA THR A 331 -2.71 -19.40 24.83
C THR A 331 -3.45 -20.66 25.27
N CYS A 332 -2.83 -21.82 24.97
CA CYS A 332 -3.24 -23.07 25.60
C CYS A 332 -2.71 -23.10 27.03
N HIS A 333 -3.07 -24.17 27.74
CA HIS A 333 -2.60 -24.41 29.11
C HIS A 333 -1.12 -24.12 29.30
N ALA A 334 -0.82 -23.18 30.20
CA ALA A 334 0.54 -22.84 30.65
C ALA A 334 1.47 -22.37 29.54
N ALA A 335 0.94 -21.94 28.38
CA ALA A 335 1.84 -21.65 27.26
C ALA A 335 2.77 -20.49 27.56
N ASP A 336 2.31 -19.49 28.35
CA ASP A 336 3.14 -18.35 28.68
C ASP A 336 4.22 -18.68 29.71
N CYS A 337 4.26 -19.92 30.20
CA CYS A 337 5.31 -20.41 31.09
C CYS A 337 6.42 -21.12 30.33
N SER A 338 6.25 -21.35 29.03
CA SER A 338 7.18 -22.26 28.35
C SER A 338 7.62 -21.82 26.97
N PHE A 339 6.71 -21.28 26.15
CA PHE A 339 6.99 -21.03 24.73
C PHE A 339 7.72 -19.70 24.49
N VAL A 340 8.87 -19.56 25.17
CA VAL A 340 9.66 -18.33 25.13
C VAL A 340 10.16 -18.00 23.71
N ASP A 341 10.41 -19.01 22.89
CA ASP A 341 10.95 -18.75 21.56
C ASP A 341 9.87 -18.45 20.52
N VAL A 342 8.60 -18.71 20.85
CA VAL A 342 7.47 -18.62 19.93
C VAL A 342 6.63 -17.38 20.24
N ILE A 343 6.31 -17.20 21.52
CA ILE A 343 5.51 -16.04 21.95
C ILE A 343 6.28 -15.31 23.05
N PRO A 344 7.49 -14.81 22.77
CA PRO A 344 8.28 -14.19 23.83
C PRO A 344 7.60 -13.00 24.47
N ASP A 345 6.83 -12.22 23.71
CA ASP A 345 6.18 -11.06 24.31
C ASP A 345 5.17 -11.51 25.39
N VAL A 346 4.45 -12.60 25.15
CA VAL A 346 3.49 -13.11 26.13
C VAL A 346 4.22 -13.70 27.34
N TYR A 347 5.22 -14.54 27.07
CA TYR A 347 6.04 -15.14 28.12
C TYR A 347 6.60 -14.05 29.06
N PHE A 348 7.23 -13.05 28.48
CA PHE A 348 7.84 -12.01 29.30
C PHE A 348 6.81 -11.03 29.88
N ALA A 349 5.64 -10.86 29.26
CA ALA A 349 4.60 -10.09 29.94
C ALA A 349 4.23 -10.76 31.27
N THR A 350 4.15 -12.09 31.26
CA THR A 350 3.85 -12.76 32.53
C THR A 350 5.03 -12.68 33.51
N VAL A 351 6.26 -12.92 33.03
CA VAL A 351 7.45 -12.77 33.88
C VAL A 351 7.45 -11.39 34.56
N ARG A 352 7.24 -10.34 33.74
CA ARG A 352 7.25 -8.98 34.28
C ARG A 352 6.10 -8.75 35.26
N ASP A 353 4.92 -9.33 35.00
CA ASP A 353 3.78 -9.15 35.89
C ASP A 353 4.06 -9.78 37.27
N ILE A 354 4.62 -10.98 37.27
CA ILE A 354 4.95 -11.65 38.53
C ILE A 354 5.99 -10.85 39.29
N SER A 355 7.04 -10.40 38.58
CA SER A 355 8.09 -9.63 39.24
C SER A 355 7.55 -8.34 39.83
N ALA A 356 6.76 -7.61 39.04
CA ALA A 356 6.21 -6.36 39.55
C ALA A 356 5.30 -6.61 40.75
N PHE A 357 4.55 -7.72 40.74
CA PHE A 357 3.70 -8.03 41.89
C PHE A 357 4.56 -8.31 43.12
N ALA A 358 5.62 -9.09 42.95
CA ALA A 358 6.53 -9.38 44.06
C ALA A 358 7.11 -8.08 44.63
N TYR A 359 7.54 -7.17 43.76
CA TYR A 359 8.05 -5.88 44.24
C TYR A 359 6.96 -5.06 44.95
N SER A 360 5.71 -5.17 44.50
CA SER A 360 4.62 -4.42 45.10
C SER A 360 4.30 -4.90 46.50
N ARG A 361 4.72 -6.12 46.85
CA ARG A 361 4.49 -6.61 48.21
C ARG A 361 5.61 -6.26 49.18
N ALA A 362 6.74 -5.74 48.68
CA ALA A 362 7.92 -5.44 49.52
C ALA A 362 7.75 -4.12 50.28
N LEU B 9 -25.91 -18.78 29.80
CA LEU B 9 -24.92 -17.85 29.24
C LEU B 9 -24.72 -16.64 30.16
N PRO B 10 -23.53 -16.02 30.12
CA PRO B 10 -23.21 -14.98 31.09
C PRO B 10 -23.96 -13.68 30.84
N GLY B 11 -23.99 -12.87 31.89
CA GLY B 11 -24.54 -11.51 31.84
C GLY B 11 -25.94 -11.49 31.29
N ARG B 12 -26.21 -10.47 30.45
CA ARG B 12 -27.55 -10.27 29.93
C ARG B 12 -27.90 -11.21 28.81
N LEU B 13 -26.94 -12.02 28.35
CA LEU B 13 -27.27 -13.09 27.41
C LEU B 13 -28.14 -14.16 28.08
N GLY B 14 -27.89 -14.44 29.34
CA GLY B 14 -28.66 -15.44 30.05
C GLY B 14 -29.78 -14.85 30.88
N ASP B 15 -29.63 -13.59 31.29
CA ASP B 15 -30.62 -12.92 32.12
C ASP B 15 -30.68 -11.46 31.69
N PRO B 16 -31.66 -11.08 30.86
CA PRO B 16 -31.74 -9.69 30.40
C PRO B 16 -31.90 -8.65 31.51
N SER B 17 -32.32 -9.06 32.71
CA SER B 17 -32.44 -8.10 33.79
C SER B 17 -31.14 -7.91 34.57
N MET B 18 -30.10 -8.67 34.24
CA MET B 18 -28.86 -8.60 35.00
C MET B 18 -28.21 -7.22 34.86
N SER B 19 -27.47 -6.82 35.90
CA SER B 19 -26.77 -5.55 35.94
C SER B 19 -25.40 -5.80 36.56
N LEU B 20 -24.54 -4.78 36.54
CA LEU B 20 -23.27 -4.90 37.26
C LEU B 20 -23.50 -5.24 38.73
N GLY B 21 -24.56 -4.70 39.33
CA GLY B 21 -24.81 -4.96 40.73
C GLY B 21 -25.28 -6.36 41.04
N THR B 22 -25.83 -7.08 40.07
CA THR B 22 -26.29 -8.44 40.30
C THR B 22 -25.51 -9.50 39.53
N ASP B 23 -24.59 -9.10 38.66
CA ASP B 23 -23.81 -10.07 37.89
C ASP B 23 -22.85 -10.80 38.82
N PRO B 24 -22.87 -12.12 38.90
CA PRO B 24 -21.94 -12.83 39.80
C PRO B 24 -20.48 -12.62 39.46
N ARG B 25 -20.16 -12.10 38.27
CA ARG B 25 -18.76 -11.91 37.88
C ARG B 25 -18.15 -10.63 38.41
N THR B 26 -18.96 -9.65 38.83
CA THR B 26 -18.39 -8.37 39.26
C THR B 26 -17.58 -8.54 40.54
N ASP B 27 -16.41 -7.91 40.59
CA ASP B 27 -15.63 -7.84 41.82
C ASP B 27 -16.54 -7.22 42.89
N PRO B 28 -16.78 -7.91 44.00
CA PRO B 28 -17.76 -7.38 44.97
C PRO B 28 -17.38 -6.02 45.54
N ARG B 29 -16.08 -5.70 45.62
CA ARG B 29 -15.69 -4.38 46.08
C ARG B 29 -16.16 -3.32 45.10
N LEU B 30 -15.98 -3.59 43.81
CA LEU B 30 -16.46 -2.68 42.78
C LEU B 30 -17.98 -2.63 42.75
N ALA B 31 -18.65 -3.78 42.87
CA ALA B 31 -20.11 -3.79 42.88
C ALA B 31 -20.64 -2.91 44.01
N ALA B 32 -20.03 -2.99 45.19
CA ALA B 32 -20.47 -2.17 46.32
C ALA B 32 -20.25 -0.70 46.06
N ALA B 33 -19.08 -0.32 45.51
CA ALA B 33 -18.84 1.08 45.20
C ALA B 33 -19.82 1.59 44.14
N LEU B 34 -20.06 0.81 43.09
CA LEU B 34 -21.00 1.24 42.06
C LEU B 34 -22.40 1.40 42.64
N THR B 35 -22.78 0.47 43.53
CA THR B 35 -24.09 0.55 44.17
C THR B 35 -24.22 1.85 44.97
N GLN B 36 -23.18 2.18 45.73
CA GLN B 36 -23.21 3.42 46.52
C GLN B 36 -23.26 4.65 45.64
N LEU B 37 -22.68 4.58 44.45
CA LEU B 37 -22.66 5.71 43.53
C LEU B 37 -23.88 5.80 42.64
N GLY B 38 -24.81 4.83 42.73
CA GLY B 38 -25.94 4.79 41.82
C GLY B 38 -25.63 4.33 40.42
N LEU B 39 -24.51 3.62 40.22
CA LEU B 39 -24.05 3.17 38.90
C LEU B 39 -24.08 1.65 38.75
N ALA B 40 -24.62 0.92 39.74
CA ALA B 40 -24.64 -0.53 39.64
C ALA B 40 -25.81 -1.05 38.83
N ASP B 41 -26.96 -0.39 38.89
CA ASP B 41 -28.10 -0.77 38.06
C ASP B 41 -27.80 -0.51 36.59
N GLN B 42 -28.65 -1.06 35.73
CA GLN B 42 -28.53 -0.84 34.29
C GLN B 42 -28.58 0.66 33.98
N ALA B 43 -27.68 1.09 33.10
CA ALA B 43 -27.69 2.47 32.64
C ALA B 43 -29.01 2.82 31.98
N ALA B 44 -29.45 4.05 32.16
CA ALA B 44 -30.73 4.49 31.61
C ALA B 44 -30.66 4.71 30.10
N GLU B 45 -31.80 4.56 29.45
CA GLU B 45 -31.92 4.90 28.04
C GLU B 45 -31.69 6.40 27.85
N PRO B 46 -30.81 6.79 26.93
CA PRO B 46 -30.51 8.23 26.75
C PRO B 46 -31.59 8.92 25.94
N PRO B 47 -31.66 10.25 26.01
CA PRO B 47 -32.66 10.99 25.22
C PRO B 47 -32.30 11.08 23.74
N VAL B 48 -31.11 10.62 23.34
CA VAL B 48 -30.65 10.65 21.95
C VAL B 48 -30.15 9.26 21.59
N ASN B 49 -30.01 9.01 20.29
CA ASN B 49 -29.51 7.74 19.81
C ASN B 49 -28.89 7.98 18.44
N ALA B 50 -28.48 6.89 17.79
CA ALA B 50 -27.81 7.00 16.49
C ALA B 50 -28.70 7.56 15.39
N ASN B 51 -30.02 7.67 15.63
CA ASN B 51 -30.92 8.31 14.68
C ASN B 51 -31.11 9.80 14.94
N SER B 52 -30.56 10.33 16.03
CA SER B 52 -30.72 11.73 16.35
C SER B 52 -29.85 12.60 15.44
N GLU B 53 -30.25 13.86 15.32
CA GLU B 53 -29.48 14.87 14.62
C GLU B 53 -28.13 15.07 15.30
N VAL B 54 -27.12 15.38 14.50
CA VAL B 54 -25.77 15.62 15.02
C VAL B 54 -25.79 16.67 16.12
N ALA B 55 -26.53 17.77 15.91
CA ALA B 55 -26.56 18.83 16.91
C ALA B 55 -27.08 18.33 18.25
N ASP B 56 -28.08 17.45 18.23
CA ASP B 56 -28.59 16.89 19.48
C ASP B 56 -27.57 15.94 20.14
N CYS B 57 -26.82 15.19 19.34
CA CYS B 57 -25.79 14.32 19.92
C CYS B 57 -24.67 15.14 20.52
N ILE B 58 -24.29 16.24 19.87
CA ILE B 58 -23.30 17.15 20.44
C ILE B 58 -23.80 17.76 21.73
N ALA B 59 -25.04 18.28 21.72
CA ALA B 59 -25.57 18.91 22.92
C ALA B 59 -25.62 17.90 24.07
N TYR B 60 -26.10 16.69 23.78
CA TYR B 60 -26.16 15.66 24.80
C TYR B 60 -24.77 15.34 25.35
N SER B 61 -23.78 15.15 24.46
CA SER B 61 -22.42 14.85 24.90
C SER B 61 -21.87 15.97 25.76
N THR B 62 -22.06 17.22 25.33
CA THR B 62 -21.61 18.37 26.11
C THR B 62 -22.24 18.38 27.49
N ALA B 63 -23.51 18.00 27.58
CA ALA B 63 -24.15 17.95 28.89
C ALA B 63 -23.59 16.81 29.73
N ALA B 64 -23.27 15.67 29.11
CA ALA B 64 -22.78 14.52 29.87
C ALA B 64 -21.35 14.75 30.36
N GLU B 65 -20.57 15.57 29.65
CA GLU B 65 -19.19 15.80 30.03
C GLU B 65 -19.05 16.22 31.49
N GLN B 66 -19.81 17.21 31.94
CA GLN B 66 -19.59 17.68 33.31
C GLN B 66 -19.91 16.58 34.33
N ALA B 67 -20.95 15.79 34.10
CA ALA B 67 -21.29 14.69 35.00
C ALA B 67 -20.16 13.67 35.07
N TRP B 68 -19.64 13.28 33.91
CA TRP B 68 -18.53 12.32 33.90
C TRP B 68 -17.27 12.89 34.53
N GLN B 69 -17.02 14.19 34.34
CA GLN B 69 -15.85 14.78 34.96
C GLN B 69 -15.97 14.77 36.48
N THR B 70 -17.19 15.03 36.97
CA THR B 70 -17.41 14.99 38.42
C THR B 70 -17.17 13.59 38.98
N LEU B 71 -17.64 12.57 38.27
CA LEU B 71 -17.32 11.21 38.70
C LEU B 71 -15.80 10.99 38.70
N GLY B 72 -15.11 11.43 37.64
CA GLY B 72 -13.67 11.26 37.60
C GLY B 72 -12.95 11.96 38.75
N ALA B 73 -13.42 13.15 39.11
CA ALA B 73 -12.81 13.86 40.23
C ALA B 73 -13.05 13.12 41.54
N MET B 74 -14.21 12.57 41.72
CA MET B 74 -14.50 11.81 42.90
C MET B 74 -13.60 10.56 42.99
N LEU B 75 -13.45 9.85 41.89
CA LEU B 75 -12.66 8.63 41.96
C LEU B 75 -11.16 8.91 42.05
N GLY B 76 -10.68 10.02 41.47
CA GLY B 76 -9.25 10.17 41.32
C GLY B 76 -8.53 11.15 42.23
N SER B 77 -9.29 12.01 42.92
CA SER B 77 -8.67 13.11 43.64
C SER B 77 -8.49 12.82 45.13
N GLN B 78 -8.76 11.60 45.58
CA GLN B 78 -8.73 11.29 47.01
C GLN B 78 -7.36 10.86 47.50
N GLY B 79 -6.33 10.94 46.66
CA GLY B 79 -5.01 10.53 47.10
C GLY B 79 -3.96 11.01 46.12
N GLU B 80 -2.73 10.54 46.35
CA GLU B 80 -1.59 10.91 45.51
C GLU B 80 -0.60 9.75 45.50
N PRO B 81 0.35 9.74 44.55
CA PRO B 81 1.27 8.60 44.45
C PRO B 81 2.19 8.51 45.66
N SER B 82 2.63 7.28 45.94
CA SER B 82 3.58 7.06 47.05
C SER B 82 4.96 7.61 46.72
N ASN B 83 5.30 7.84 45.45
CA ASN B 83 6.54 8.51 45.14
C ASN B 83 6.23 9.91 44.62
N PRO B 84 7.04 10.91 44.95
CA PRO B 84 6.73 12.30 44.55
C PRO B 84 6.88 12.50 43.05
N VAL B 85 5.97 13.27 42.47
CA VAL B 85 5.94 13.51 41.04
C VAL B 85 5.84 15.01 40.80
N ASP B 86 6.58 15.49 39.79
CA ASP B 86 6.47 16.85 39.28
C ASP B 86 5.60 16.85 38.04
N VAL B 87 4.77 17.89 37.89
CA VAL B 87 3.96 18.09 36.69
C VAL B 87 4.25 19.48 36.15
N ARG B 88 4.58 19.55 34.87
CA ARG B 88 4.72 20.85 34.23
C ARG B 88 3.92 20.85 32.94
N GLU B 89 3.60 22.05 32.47
CA GLU B 89 2.80 22.23 31.28
C GLU B 89 3.66 22.75 30.14
N GLU B 90 3.40 22.26 28.94
CA GLU B 90 4.06 22.71 27.75
C GLU B 90 3.00 22.92 26.67
N THR B 91 3.18 23.91 25.82
CA THR B 91 2.27 24.14 24.71
C THR B 91 3.05 24.03 23.41
N ILE B 92 2.54 23.23 22.47
CA ILE B 92 3.17 23.03 21.17
C ILE B 92 2.18 23.43 20.08
N LYS B 93 2.67 23.49 18.86
CA LYS B 93 1.81 23.81 17.73
C LYS B 93 1.53 22.57 16.91
N GLY B 94 0.25 22.33 16.65
CA GLY B 94 -0.13 21.25 15.78
C GLY B 94 0.12 21.61 14.32
N ARG B 95 -0.05 20.60 13.45
CA ARG B 95 0.24 20.75 12.02
C ARG B 95 -0.56 21.88 11.38
N GLY B 96 -1.75 22.16 11.90
CA GLY B 96 -2.63 23.22 11.43
C GLY B 96 -2.48 24.52 12.17
N GLY B 97 -1.54 24.59 13.11
CA GLY B 97 -1.29 25.84 13.81
C GLY B 97 -2.00 25.97 15.14
N ASN B 98 -2.83 25.00 15.51
CA ASN B 98 -3.53 25.11 16.77
C ASN B 98 -2.59 24.75 17.91
N GLU B 99 -2.88 25.31 19.07
CA GLU B 99 -2.07 25.07 20.26
C GLU B 99 -2.54 23.81 20.97
N ILE B 100 -1.58 22.95 21.29
CA ILE B 100 -1.85 21.71 22.00
C ILE B 100 -1.14 21.76 23.33
N LYS B 101 -1.90 21.72 24.42
CA LYS B 101 -1.30 21.69 25.75
C LYS B 101 -0.88 20.27 26.10
N LEU B 102 0.28 20.16 26.74
CA LEU B 102 0.83 18.88 27.21
C LEU B 102 1.06 18.97 28.70
N TYR B 103 0.59 17.97 29.45
CA TYR B 103 0.89 17.84 30.87
C TYR B 103 1.99 16.80 31.01
N ILE B 104 3.15 17.22 31.50
CA ILE B 104 4.32 16.35 31.54
C ILE B 104 4.58 15.98 32.99
N HIS B 105 4.39 14.70 33.32
CA HIS B 105 4.58 14.16 34.66
C HIS B 105 5.88 13.38 34.73
N SER B 106 6.65 13.58 35.80
CA SER B 106 7.92 12.88 35.92
C SER B 106 8.26 12.76 37.40
N PRO B 107 9.12 11.79 37.77
CA PRO B 107 9.57 11.73 39.17
C PRO B 107 10.28 13.03 39.55
N THR B 108 10.03 13.52 40.76
CA THR B 108 10.73 14.72 41.22
C THR B 108 12.22 14.49 41.15
N GLY B 109 12.94 15.51 40.70
CA GLY B 109 14.37 15.39 40.54
C GLY B 109 14.82 14.77 39.24
N HIS B 110 13.90 14.49 38.32
CA HIS B 110 14.28 14.00 37.01
C HIS B 110 14.52 15.20 36.09
N THR B 111 15.65 15.17 35.38
CA THR B 111 16.02 16.25 34.48
C THR B 111 16.59 15.66 33.19
N SER B 112 16.88 16.53 32.23
CA SER B 112 17.60 16.10 31.03
C SER B 112 19.01 15.61 31.35
N ASP B 113 19.50 15.82 32.58
CA ASP B 113 20.79 15.31 32.99
C ASP B 113 20.70 13.99 33.74
N SER B 114 19.50 13.55 34.10
CA SER B 114 19.35 12.26 34.73
C SER B 114 19.50 11.15 33.69
N ASP B 115 19.63 9.92 34.19
CA ASP B 115 19.55 8.77 33.30
C ASP B 115 18.16 8.75 32.66
N PRO B 116 18.06 8.56 31.35
CA PRO B 116 16.74 8.68 30.70
C PRO B 116 15.77 7.60 31.17
N LEU B 117 14.49 7.98 31.26
CA LEU B 117 13.37 7.14 31.67
C LEU B 117 12.51 6.79 30.46
N PRO B 118 11.81 5.67 30.48
CA PRO B 118 10.84 5.39 29.42
C PRO B 118 9.70 6.40 29.47
N CYS B 119 9.09 6.65 28.32
CA CYS B 119 8.05 7.65 28.17
C CYS B 119 6.75 7.00 27.70
N VAL B 120 5.65 7.42 28.31
CA VAL B 120 4.29 7.06 27.88
C VAL B 120 3.61 8.34 27.41
N VAL B 121 3.18 8.38 26.15
CA VAL B 121 2.33 9.44 25.64
C VAL B 121 0.90 8.97 25.87
N HIS B 122 0.19 9.60 26.81
CA HIS B 122 -1.10 9.12 27.25
C HIS B 122 -2.23 9.85 26.55
N THR B 123 -3.16 9.09 26.00
CA THR B 123 -4.32 9.62 25.30
C THR B 123 -5.56 9.22 26.08
N HIS B 124 -6.22 10.18 26.73
CA HIS B 124 -7.31 9.89 27.65
C HIS B 124 -8.59 9.46 26.90
N GLY B 125 -9.49 8.80 27.65
CA GLY B 125 -10.77 8.36 27.15
C GLY B 125 -11.85 9.45 27.16
N GLY B 126 -13.08 9.01 26.93
CA GLY B 126 -14.19 9.92 26.64
C GLY B 126 -14.75 9.81 25.22
N GLY B 127 -14.53 8.68 24.54
CA GLY B 127 -15.08 8.43 23.23
C GLY B 127 -14.62 9.38 22.13
N MET B 128 -13.47 10.04 22.33
CA MET B 128 -12.94 11.05 21.44
C MET B 128 -13.86 12.27 21.36
N VAL B 129 -14.86 12.33 22.25
CA VAL B 129 -15.91 13.33 22.16
C VAL B 129 -15.91 14.25 23.37
N ILE B 130 -15.61 13.73 24.56
CA ILE B 130 -15.65 14.52 25.78
C ILE B 130 -14.51 14.12 26.73
N LEU B 131 -14.41 14.88 27.82
CA LEU B 131 -13.41 14.78 28.89
C LEU B 131 -12.08 15.41 28.49
N THR B 132 -11.24 15.71 29.49
CA THR B 132 -10.01 16.45 29.27
C THR B 132 -8.86 15.81 30.04
N ALA B 133 -7.64 16.05 29.54
CA ALA B 133 -6.45 15.59 30.24
C ALA B 133 -6.31 16.21 31.62
N ALA B 134 -6.94 17.36 31.84
CA ALA B 134 -6.88 17.98 33.15
C ALA B 134 -7.84 17.35 34.16
N ASP B 135 -8.75 16.47 33.73
CA ASP B 135 -9.65 15.82 34.68
C ASP B 135 -8.84 15.07 35.74
N ALA B 136 -9.36 15.07 36.98
CA ALA B 136 -8.57 14.57 38.11
C ALA B 136 -8.17 13.11 37.94
N ASN B 137 -9.06 12.28 37.39
CA ASN B 137 -8.74 10.86 37.22
C ASN B 137 -7.59 10.67 36.23
N TYR B 138 -7.55 11.50 35.17
CA TYR B 138 -6.47 11.34 34.20
C TYR B 138 -5.16 11.89 34.75
N SER B 139 -5.20 13.03 35.44
CA SER B 139 -4.01 13.54 36.09
C SER B 139 -3.45 12.54 37.10
N ARG B 140 -4.35 11.93 37.89
CA ARG B 140 -3.95 10.92 38.86
C ARG B 140 -3.28 9.73 38.17
N TRP B 141 -3.90 9.25 37.09
CA TRP B 141 -3.34 8.12 36.34
C TRP B 141 -1.93 8.45 35.83
N ARG B 142 -1.77 9.62 35.19
CA ARG B 142 -0.46 9.96 34.67
C ARG B 142 0.58 10.10 35.78
N SER B 143 0.20 10.64 36.95
CA SER B 143 1.15 10.74 38.05
C SER B 143 1.48 9.38 38.65
N GLU B 144 0.49 8.48 38.76
CA GLU B 144 0.79 7.15 39.27
C GLU B 144 1.73 6.40 38.34
N LEU B 145 1.54 6.56 37.02
CA LEU B 145 2.51 5.99 36.08
C LEU B 145 3.88 6.64 36.24
N ALA B 146 3.92 7.97 36.35
CA ALA B 146 5.21 8.65 36.45
C ALA B 146 5.95 8.19 37.70
N ALA B 147 5.22 7.94 38.79
CA ALA B 147 5.81 7.55 40.07
C ALA B 147 6.53 6.21 40.01
N THR B 148 6.22 5.37 39.01
CA THR B 148 6.95 4.12 38.84
C THR B 148 8.28 4.33 38.13
N GLY B 149 8.61 5.56 37.74
CA GLY B 149 9.83 5.79 37.02
C GLY B 149 9.59 6.04 35.53
N LEU B 150 8.63 6.90 35.21
CA LEU B 150 8.30 7.21 33.82
C LEU B 150 8.14 8.71 33.64
N VAL B 151 8.39 9.17 32.41
CA VAL B 151 7.92 10.47 31.99
C VAL B 151 6.61 10.24 31.24
N VAL B 152 5.53 10.88 31.67
CA VAL B 152 4.21 10.65 31.10
C VAL B 152 3.69 11.95 30.54
N VAL B 153 3.37 11.94 29.25
CA VAL B 153 2.93 13.14 28.55
C VAL B 153 1.44 13.02 28.27
N GLY B 154 0.64 13.79 28.99
CA GLY B 154 -0.80 13.83 28.74
C GLY B 154 -1.18 14.84 27.69
N VAL B 155 -1.73 14.37 26.57
CA VAL B 155 -2.08 15.21 25.43
C VAL B 155 -3.47 15.82 25.65
N GLU B 156 -3.56 17.15 25.60
CA GLU B 156 -4.87 17.82 25.66
C GLU B 156 -5.37 18.03 24.24
N PHE B 157 -5.90 16.97 23.64
CA PHE B 157 -6.31 17.03 22.24
C PHE B 157 -7.72 17.61 22.07
N ARG B 158 -7.99 18.09 20.86
CA ARG B 158 -9.32 18.57 20.52
C ARG B 158 -10.34 17.44 20.57
N ASN B 159 -11.55 17.77 21.06
CA ASN B 159 -12.67 16.85 21.15
C ASN B 159 -13.75 17.14 20.14
N ALA B 160 -14.57 16.12 19.86
CA ALA B 160 -15.69 16.32 18.96
C ALA B 160 -16.82 17.13 19.60
N ALA B 161 -16.86 17.22 20.92
CA ALA B 161 -17.93 17.96 21.60
C ALA B 161 -17.40 18.50 22.93
N GLY B 162 -18.30 19.00 23.78
CA GLY B 162 -17.90 19.45 25.10
C GLY B 162 -17.03 20.72 25.10
N ALA B 163 -16.33 20.91 26.23
CA ALA B 163 -15.53 22.11 26.46
C ALA B 163 -14.42 22.26 25.44
N LEU B 164 -13.87 21.16 24.93
CA LEU B 164 -12.80 21.22 23.95
C LEU B 164 -13.31 20.97 22.54
N GLY B 165 -14.62 21.04 22.30
CA GLY B 165 -15.20 20.82 20.98
C GLY B 165 -15.33 22.08 20.12
N ASN B 166 -15.93 22.00 18.94
CA ASN B 166 -16.47 20.76 18.37
C ASN B 166 -15.68 20.42 17.12
N HIS B 167 -14.83 19.40 17.23
CA HIS B 167 -13.85 19.10 16.20
C HIS B 167 -13.93 17.62 15.82
N PRO B 168 -14.61 17.28 14.72
CA PRO B 168 -14.73 15.88 14.33
C PRO B 168 -13.39 15.30 13.94
N PHE B 169 -13.41 13.97 13.77
CA PHE B 169 -12.29 13.25 13.17
C PHE B 169 -11.84 13.97 11.89
N PRO B 170 -10.52 14.14 11.70
CA PRO B 170 -9.39 13.62 12.48
C PRO B 170 -8.69 14.63 13.40
N ALA B 171 -9.40 15.62 13.96
CA ALA B 171 -8.72 16.68 14.70
C ALA B 171 -7.97 16.14 15.91
N GLY B 172 -8.68 15.41 16.77
CA GLY B 172 -8.05 14.89 17.96
C GLY B 172 -6.92 13.93 17.63
N LEU B 173 -7.14 13.08 16.61
CA LEU B 173 -6.07 12.18 16.16
C LEU B 173 -4.84 12.95 15.72
N HIS B 174 -5.03 14.01 14.92
CA HIS B 174 -3.88 14.81 14.51
C HIS B 174 -3.17 15.45 15.69
N ASP B 175 -3.90 15.90 16.71
CA ASP B 175 -3.26 16.45 17.90
C ASP B 175 -2.44 15.38 18.63
N CYS B 176 -2.98 14.17 18.77
CA CYS B 176 -2.21 13.09 19.41
C CYS B 176 -0.97 12.75 18.62
N ALA B 177 -1.09 12.66 17.29
CA ALA B 177 0.09 12.37 16.45
C ALA B 177 1.11 13.49 16.56
N ASP B 178 0.67 14.74 16.49
CA ASP B 178 1.62 15.85 16.55
C ASP B 178 2.30 15.92 17.91
N ALA B 179 1.57 15.61 18.99
CA ALA B 179 2.22 15.54 20.31
C ALA B 179 3.24 14.42 20.38
N ALA B 180 2.90 13.24 19.85
CA ALA B 180 3.84 12.14 19.84
C ALA B 180 5.10 12.50 19.04
N LYS B 181 4.93 13.13 17.88
CA LYS B 181 6.06 13.55 17.05
C LYS B 181 6.93 14.58 17.79
N TRP B 182 6.30 15.49 18.54
CA TRP B 182 7.06 16.45 19.33
C TRP B 182 7.87 15.75 20.41
N VAL B 183 7.23 14.83 21.14
CA VAL B 183 7.95 14.05 22.14
C VAL B 183 9.13 13.32 21.51
N ALA B 184 8.92 12.72 20.33
CA ALA B 184 9.96 11.96 19.64
C ALA B 184 11.11 12.85 19.19
N SER B 185 10.86 14.14 18.99
CA SER B 185 11.89 15.10 18.60
C SER B 185 12.56 15.76 19.79
N ASN B 186 12.12 15.46 21.02
CA ASN B 186 12.60 16.14 22.21
C ASN B 186 13.04 15.13 23.27
N ARG B 187 13.60 14.00 22.84
CA ARG B 187 13.95 12.95 23.79
C ARG B 187 15.03 13.39 24.76
N GLU B 188 16.03 14.14 24.29
CA GLU B 188 17.06 14.60 25.20
C GLU B 188 16.52 15.60 26.21
N ALA B 189 15.74 16.58 25.72
CA ALA B 189 15.18 17.61 26.59
C ALA B 189 14.24 17.01 27.63
N LEU B 190 13.47 16.00 27.26
CA LEU B 190 12.57 15.38 28.23
C LEU B 190 13.28 14.37 29.12
N GLY B 191 14.46 13.91 28.72
CA GLY B 191 15.18 12.88 29.44
C GLY B 191 14.51 11.52 29.30
N ILE B 192 14.20 11.09 28.07
CA ILE B 192 13.47 9.85 27.85
C ILE B 192 14.23 8.92 26.90
N SER B 193 13.99 7.61 27.05
CA SER B 193 14.73 6.53 26.38
C SER B 193 13.96 5.75 25.33
N THR B 194 12.65 5.83 25.36
CA THR B 194 11.75 5.13 24.45
C THR B 194 10.39 5.76 24.66
N LEU B 195 9.49 5.57 23.70
CA LEU B 195 8.18 6.21 23.67
C LEU B 195 7.13 5.14 23.38
N ILE B 196 6.14 4.99 24.25
CA ILE B 196 4.99 4.15 23.90
C ILE B 196 3.73 4.99 23.95
N MET B 197 2.73 4.58 23.17
CA MET B 197 1.41 5.20 23.22
C MET B 197 0.54 4.40 24.17
N SER B 198 -0.26 5.08 24.99
CA SER B 198 -1.18 4.33 25.84
C SER B 198 -2.41 5.16 26.18
N GLY B 199 -3.56 4.48 26.28
CA GLY B 199 -4.76 5.15 26.74
C GLY B 199 -5.91 4.16 26.76
N GLU B 200 -7.04 4.59 27.31
CA GLU B 200 -8.18 3.70 27.48
C GLU B 200 -9.42 4.18 26.74
N SER B 201 -10.19 3.21 26.25
CA SER B 201 -11.51 3.45 25.63
C SER B 201 -11.34 4.34 24.42
N GLY B 202 -11.94 5.54 24.38
CA GLY B 202 -11.64 6.45 23.27
C GLY B 202 -10.16 6.77 23.19
N GLY B 203 -9.48 6.76 24.34
CA GLY B 203 -8.03 6.94 24.31
C GLY B 203 -7.26 5.70 23.85
N GLY B 204 -7.85 4.51 23.99
CA GLY B 204 -7.27 3.33 23.36
C GLY B 204 -7.38 3.39 21.85
N ASN B 205 -8.54 3.82 21.35
CA ASN B 205 -8.72 4.14 19.94
C ASN B 205 -7.63 5.10 19.49
N LEU B 206 -7.51 6.26 20.15
CA LEU B 206 -6.54 7.26 19.72
C LEU B 206 -5.10 6.74 19.77
N SER B 207 -4.74 5.94 20.78
CA SER B 207 -3.37 5.40 20.79
C SER B 207 -3.14 4.43 19.63
N LEU B 208 -4.11 3.56 19.35
CA LEU B 208 -3.99 2.65 18.21
C LEU B 208 -3.91 3.41 16.89
N ALA B 209 -4.80 4.38 16.72
CA ALA B 209 -4.90 5.12 15.46
C ALA B 209 -3.69 6.01 15.26
N THR B 210 -3.18 6.63 16.34
CA THR B 210 -1.95 7.41 16.23
C THR B 210 -0.82 6.55 15.67
N THR B 211 -0.71 5.31 16.17
CA THR B 211 0.36 4.46 15.69
C THR B 211 0.14 4.04 14.21
N MET B 212 -1.11 3.75 13.83
CA MET B 212 -1.38 3.48 12.41
C MET B 212 -1.08 4.69 11.53
N LEU B 213 -1.42 5.87 12.03
CA LEU B 213 -1.14 7.10 11.28
C LEU B 213 0.36 7.32 11.15
N ALA B 214 1.13 7.01 12.21
CA ALA B 214 2.57 7.13 12.10
C ALA B 214 3.11 6.26 10.97
N LYS B 215 2.53 5.06 10.79
CA LYS B 215 2.93 4.25 9.63
C LYS B 215 2.62 4.97 8.31
N LYS B 216 1.40 5.53 8.21
CA LYS B 216 0.98 6.23 6.99
C LYS B 216 1.80 7.49 6.71
N GLU B 217 2.32 8.13 7.75
CA GLU B 217 3.07 9.39 7.63
C GLU B 217 4.58 9.18 7.68
N GLY B 218 5.04 7.94 7.79
CA GLY B 218 6.45 7.64 7.67
C GLY B 218 7.31 7.90 8.89
N TRP B 219 6.71 7.99 10.08
CA TRP B 219 7.48 8.16 11.32
C TRP B 219 7.21 7.04 12.32
N LEU B 220 6.78 5.87 11.83
CA LEU B 220 6.44 4.76 12.72
C LEU B 220 7.61 4.38 13.61
N GLU B 221 8.85 4.55 13.15
CA GLU B 221 9.99 4.12 13.96
C GLU B 221 10.10 4.86 15.29
N GLU B 222 9.42 5.99 15.46
CA GLU B 222 9.49 6.73 16.71
C GLU B 222 8.69 6.06 17.83
N ILE B 223 7.73 5.21 17.49
CA ILE B 223 6.84 4.59 18.49
C ILE B 223 7.33 3.18 18.79
N ALA B 224 7.67 2.92 20.05
CA ALA B 224 8.24 1.62 20.40
C ALA B 224 7.19 0.58 20.81
N GLY B 225 5.97 1.00 21.09
CA GLY B 225 4.94 0.05 21.47
C GLY B 225 3.67 0.80 21.79
N VAL B 226 2.60 0.03 21.97
CA VAL B 226 1.27 0.57 22.26
C VAL B 226 0.63 -0.28 23.35
N TYR B 227 0.07 0.37 24.37
CA TYR B 227 -0.66 -0.35 25.42
C TYR B 227 -2.07 0.22 25.41
N ALA B 228 -2.98 -0.48 24.78
CA ALA B 228 -4.33 0.01 24.55
C ALA B 228 -5.30 -0.68 25.50
N GLN B 229 -5.95 0.11 26.36
CA GLN B 229 -6.90 -0.41 27.33
C GLN B 229 -8.32 -0.25 26.81
N CYS B 230 -9.17 -1.27 27.10
CA CYS B 230 -10.58 -1.37 26.74
C CYS B 230 -10.91 -0.51 25.51
N PRO B 231 -10.29 -0.78 24.37
CA PRO B 231 -10.41 0.16 23.23
C PRO B 231 -11.82 0.24 22.68
N TYR B 232 -12.18 1.49 22.33
CA TYR B 232 -13.49 1.90 21.82
C TYR B 232 -13.27 2.11 20.32
N ILE B 233 -13.43 1.03 19.53
CA ILE B 233 -12.82 1.00 18.19
C ILE B 233 -13.70 0.47 17.07
N SER B 234 -14.89 -0.11 17.38
CA SER B 234 -15.73 -0.57 16.28
C SER B 234 -16.65 0.53 15.73
N GLY B 235 -17.17 1.40 16.58
CA GLY B 235 -18.19 2.35 16.14
C GLY B 235 -19.54 1.73 15.84
N LEU B 236 -19.76 0.46 16.18
CA LEU B 236 -20.94 -0.30 15.74
C LEU B 236 -22.01 -0.43 16.81
N TYR B 237 -22.06 0.51 17.75
CA TYR B 237 -22.92 0.35 18.92
C TYR B 237 -24.40 0.44 18.58
N ALA B 238 -24.74 1.10 17.48
CA ALA B 238 -26.14 1.16 17.06
C ALA B 238 -26.60 -0.15 16.45
N SER B 239 -25.73 -0.87 15.75
CA SER B 239 -26.16 -2.03 14.98
C SER B 239 -25.94 -3.36 15.68
N LYS B 240 -25.04 -3.41 16.68
CA LYS B 240 -24.71 -4.56 17.52
C LYS B 240 -24.46 -5.83 16.68
N PRO B 241 -23.37 -5.88 15.93
CA PRO B 241 -23.11 -7.06 15.08
C PRO B 241 -23.01 -8.33 15.88
N GLU B 242 -23.36 -9.46 15.22
CA GLU B 242 -23.31 -10.76 15.85
C GLU B 242 -21.89 -11.18 16.22
N GLU B 243 -20.87 -10.61 15.59
CA GLU B 243 -19.49 -10.93 15.91
C GLU B 243 -19.04 -10.38 17.26
N LEU B 244 -19.84 -9.52 17.90
CA LEU B 244 -19.46 -8.85 19.14
C LEU B 244 -20.48 -9.11 20.26
N PRO B 245 -20.49 -10.33 20.81
CA PRO B 245 -21.49 -10.67 21.85
C PRO B 245 -21.50 -9.77 23.06
N SER B 246 -20.34 -9.24 23.47
CA SER B 246 -20.30 -8.40 24.68
C SER B 246 -21.23 -7.19 24.54
N LEU B 247 -21.45 -6.71 23.31
CA LEU B 247 -22.35 -5.55 23.14
C LEU B 247 -23.74 -5.85 23.67
N LEU B 248 -24.18 -7.11 23.59
CA LEU B 248 -25.45 -7.50 24.21
C LEU B 248 -25.27 -7.98 25.64
N GLU B 249 -24.19 -8.74 25.86
CA GLU B 249 -23.97 -9.41 27.15
C GLU B 249 -23.83 -8.40 28.29
N ASN B 250 -23.11 -7.30 28.02
CA ASN B 250 -22.79 -6.30 29.03
C ASN B 250 -23.42 -4.95 28.68
N ASP B 251 -24.48 -4.97 27.87
CA ASP B 251 -25.15 -3.72 27.53
C ASP B 251 -25.71 -3.08 28.78
N ALA B 252 -25.54 -1.76 28.89
CA ALA B 252 -25.98 -0.95 30.02
C ALA B 252 -25.22 -1.29 31.30
N TYR B 253 -24.10 -2.01 31.20
CA TYR B 253 -23.13 -2.09 32.28
C TYR B 253 -22.28 -0.82 32.14
N PHE B 254 -22.62 0.21 32.91
CA PHE B 254 -21.90 1.48 32.83
C PHE B 254 -22.35 2.30 31.61
N TRP B 255 -22.29 1.68 30.44
CA TRP B 255 -22.67 2.29 29.17
C TRP B 255 -23.80 1.53 28.50
N ASP B 256 -24.83 2.26 28.08
CA ASP B 256 -25.86 1.72 27.20
C ASP B 256 -25.41 1.93 25.77
N MET B 257 -25.68 0.96 24.91
CA MET B 257 -25.19 1.10 23.54
C MET B 257 -25.95 2.13 22.72
N LYS B 258 -27.17 2.51 23.14
CA LYS B 258 -27.80 3.64 22.45
C LYS B 258 -27.04 4.94 22.73
N THR B 259 -26.55 5.08 23.96
CA THR B 259 -25.75 6.25 24.29
C THR B 259 -24.51 6.31 23.43
N MET B 260 -23.79 5.19 23.30
CA MET B 260 -22.58 5.20 22.49
C MET B 260 -22.92 5.39 21.02
N GLY B 261 -24.07 4.84 20.57
CA GLY B 261 -24.49 5.06 19.20
C GLY B 261 -24.71 6.54 18.92
N ALA B 262 -25.23 7.27 19.90
CA ALA B 262 -25.33 8.72 19.76
C ALA B 262 -23.96 9.38 19.80
N MET B 263 -23.06 8.91 20.68
CA MET B 263 -21.77 9.59 20.81
C MET B 263 -20.83 9.32 19.63
N VAL B 264 -21.12 8.31 18.82
CA VAL B 264 -20.37 8.11 17.57
C VAL B 264 -20.52 9.32 16.64
N LYS B 265 -21.72 9.90 16.61
CA LYS B 265 -22.04 10.88 15.57
C LYS B 265 -21.21 12.16 15.63
N PRO B 266 -20.97 12.79 16.78
CA PRO B 266 -20.10 13.97 16.78
C PRO B 266 -18.69 13.70 16.23
N TYR B 267 -18.18 12.48 16.43
CA TYR B 267 -16.84 12.18 15.92
C TYR B 267 -16.84 12.11 14.40
N ASP B 268 -17.90 11.57 13.82
CA ASP B 268 -17.97 11.35 12.38
C ASP B 268 -19.39 11.65 11.92
N PRO B 269 -19.77 12.92 11.84
CA PRO B 269 -21.20 13.24 11.65
C PRO B 269 -21.80 12.70 10.36
N THR B 270 -21.04 12.58 9.28
CA THR B 270 -21.60 12.04 8.04
C THR B 270 -21.62 10.52 8.01
N GLY B 271 -20.92 9.85 8.91
CA GLY B 271 -20.74 8.41 8.76
C GLY B 271 -19.77 8.01 7.67
N GLU B 272 -19.17 8.95 6.96
CA GLU B 272 -18.30 8.60 5.84
C GLU B 272 -16.99 7.96 6.27
N ASN B 273 -16.68 7.97 7.57
CA ASN B 273 -15.47 7.32 8.06
C ASN B 273 -15.78 6.10 8.92
N ALA B 274 -16.99 5.57 8.80
CA ALA B 274 -17.41 4.42 9.61
C ALA B 274 -16.51 3.21 9.41
N SER B 275 -15.91 3.06 8.22
CA SER B 275 -15.00 1.94 7.96
C SER B 275 -13.57 2.40 7.82
N ASN B 276 -13.27 3.63 8.23
CA ASN B 276 -11.94 4.18 8.15
C ASN B 276 -11.17 3.74 9.38
N PRO B 277 -10.14 2.91 9.24
CA PRO B 277 -9.46 2.41 10.44
C PRO B 277 -8.85 3.51 11.29
N LEU B 278 -8.50 4.66 10.70
CA LEU B 278 -7.96 5.75 11.52
C LEU B 278 -8.99 6.38 12.44
N ALA B 279 -10.28 6.25 12.11
CA ALA B 279 -11.37 6.67 12.97
C ALA B 279 -11.84 5.55 13.90
N TRP B 280 -11.87 4.32 13.36
CA TRP B 280 -12.42 3.14 14.05
C TRP B 280 -11.47 1.96 13.78
N PRO B 281 -10.41 1.81 14.60
CA PRO B 281 -9.36 0.83 14.31
C PRO B 281 -9.80 -0.61 14.11
N TYR B 282 -10.98 -0.97 14.65
CA TYR B 282 -11.51 -2.32 14.46
C TYR B 282 -11.62 -2.70 12.98
N HIS B 283 -11.77 -1.71 12.09
CA HIS B 283 -11.92 -1.93 10.66
C HIS B 283 -10.60 -1.97 9.90
N ALA B 284 -9.46 -2.02 10.60
CA ALA B 284 -8.16 -2.07 9.95
C ALA B 284 -8.05 -3.28 9.03
N SER B 285 -7.36 -3.10 7.91
CA SER B 285 -6.95 -4.24 7.11
C SER B 285 -5.62 -4.75 7.64
N LEU B 286 -5.20 -5.95 7.20
CA LEU B 286 -3.89 -6.41 7.64
C LEU B 286 -2.78 -5.48 7.19
N GLU B 287 -2.91 -4.85 6.01
CA GLU B 287 -1.85 -3.95 5.56
C GLU B 287 -1.76 -2.69 6.41
N ASP B 288 -2.87 -2.23 7.00
CA ASP B 288 -2.82 -1.09 7.92
C ASP B 288 -1.97 -1.38 9.15
N LEU B 289 -1.87 -2.65 9.51
CA LEU B 289 -1.22 -3.07 10.73
C LEU B 289 0.18 -3.65 10.49
N ALA B 290 0.55 -3.95 9.25
CA ALA B 290 1.83 -4.60 9.00
C ALA B 290 3.01 -3.77 9.51
N GLY B 291 3.91 -4.40 10.24
CA GLY B 291 5.10 -3.70 10.67
C GLY B 291 4.96 -2.89 11.95
N LEU B 292 3.77 -2.83 12.53
CA LEU B 292 3.60 -2.06 13.75
C LEU B 292 4.43 -2.65 14.90
N PRO B 293 4.83 -1.80 15.86
CA PRO B 293 5.61 -2.25 17.01
C PRO B 293 4.73 -3.05 17.96
N PRO B 294 5.32 -3.63 19.01
CA PRO B 294 4.54 -4.52 19.89
C PRO B 294 3.38 -3.81 20.56
N HIS B 295 2.29 -4.56 20.69
CA HIS B 295 1.05 -4.08 21.28
C HIS B 295 0.68 -4.92 22.51
N VAL B 296 0.03 -4.28 23.48
CA VAL B 296 -0.73 -4.98 24.51
C VAL B 296 -2.16 -4.48 24.40
N ILE B 297 -3.12 -5.41 24.35
CA ILE B 297 -4.54 -5.07 24.38
C ILE B 297 -5.09 -5.57 25.70
N SER B 298 -5.66 -4.68 26.54
CA SER B 298 -6.12 -5.05 27.86
C SER B 298 -7.60 -4.68 27.96
N VAL B 299 -8.48 -5.67 28.01
CA VAL B 299 -9.93 -5.44 28.00
C VAL B 299 -10.50 -5.71 29.39
N ASN B 300 -11.72 -5.19 29.64
CA ASN B 300 -12.42 -5.46 30.89
C ASN B 300 -13.50 -6.50 30.69
N GLU B 301 -13.61 -7.42 31.65
CA GLU B 301 -14.49 -8.58 31.47
C GLU B 301 -15.95 -8.18 31.27
N LEU B 302 -16.44 -7.24 32.09
CA LEU B 302 -17.86 -6.89 32.10
C LEU B 302 -18.13 -5.61 31.32
N ASP B 303 -17.44 -5.44 30.20
CA ASP B 303 -17.46 -4.25 29.37
C ASP B 303 -18.14 -4.59 28.06
N PRO B 304 -19.17 -3.86 27.62
CA PRO B 304 -19.71 -4.13 26.28
C PRO B 304 -18.68 -4.01 25.17
N LEU B 305 -17.60 -3.25 25.39
CA LEU B 305 -16.53 -3.13 24.40
C LEU B 305 -15.55 -4.30 24.41
N ARG B 306 -15.70 -5.28 25.32
CA ARG B 306 -14.69 -6.34 25.44
C ARG B 306 -14.37 -7.01 24.10
N ASP B 307 -15.40 -7.44 23.38
CA ASP B 307 -15.16 -8.32 22.25
C ASP B 307 -14.54 -7.60 21.05
N GLU B 308 -14.80 -6.29 20.86
CA GLU B 308 -14.10 -5.62 19.76
C GLU B 308 -12.62 -5.46 20.07
N GLY B 309 -12.28 -5.30 21.35
CA GLY B 309 -10.87 -5.26 21.74
C GLY B 309 -10.21 -6.60 21.48
N LEU B 310 -10.88 -7.70 21.87
CA LEU B 310 -10.28 -9.02 21.64
C LEU B 310 -10.20 -9.36 20.14
N ALA B 311 -11.21 -8.97 19.37
CA ALA B 311 -11.14 -9.19 17.92
C ALA B 311 -9.96 -8.43 17.32
N HIS B 312 -9.70 -7.21 17.79
CA HIS B 312 -8.58 -6.44 17.28
C HIS B 312 -7.25 -7.03 17.71
N TYR B 313 -7.18 -7.55 18.95
CA TYR B 313 -6.02 -8.32 19.38
C TYR B 313 -5.70 -9.44 18.39
N ARG B 314 -6.70 -10.20 18.00
CA ARG B 314 -6.46 -11.28 17.05
C ARG B 314 -6.04 -10.75 15.69
N LYS B 315 -6.66 -9.67 15.24
CA LYS B 315 -6.28 -9.11 13.94
C LYS B 315 -4.85 -8.61 13.94
N LEU B 316 -4.43 -7.94 15.00
CA LEU B 316 -3.03 -7.53 15.14
C LEU B 316 -2.11 -8.72 14.99
N LEU B 317 -2.44 -9.84 15.66
CA LEU B 317 -1.61 -11.04 15.52
C LEU B 317 -1.61 -11.56 14.08
N LYS B 318 -2.78 -11.58 13.44
CA LYS B 318 -2.86 -12.06 12.06
C LYS B 318 -1.99 -11.22 11.14
N ALA B 319 -1.83 -9.94 11.43
CA ALA B 319 -0.99 -9.03 10.65
C ALA B 319 0.48 -9.15 11.00
N GLY B 320 0.84 -10.03 11.94
CA GLY B 320 2.23 -10.22 12.30
C GLY B 320 2.75 -9.31 13.38
N VAL B 321 1.87 -8.54 14.05
CA VAL B 321 2.32 -7.68 15.13
C VAL B 321 2.46 -8.51 16.39
N SER B 322 3.54 -8.30 17.14
CA SER B 322 3.70 -8.92 18.44
C SER B 322 2.63 -8.36 19.37
N THR B 323 1.74 -9.21 19.88
CA THR B 323 0.58 -8.70 20.62
C THR B 323 0.32 -9.59 21.82
N VAL B 324 0.13 -8.94 22.97
CA VAL B 324 -0.29 -9.61 24.20
C VAL B 324 -1.75 -9.21 24.44
N GLY B 325 -2.60 -10.19 24.76
CA GLY B 325 -4.00 -9.92 25.02
C GLY B 325 -4.34 -10.30 26.47
N ARG B 326 -4.98 -9.38 27.20
CA ARG B 326 -5.34 -9.61 28.59
C ARG B 326 -6.77 -9.23 28.86
N THR B 327 -7.49 -10.06 29.62
CA THR B 327 -8.74 -9.62 30.23
C THR B 327 -8.47 -9.32 31.70
N VAL B 328 -8.94 -8.16 32.17
CA VAL B 328 -8.93 -7.82 33.58
C VAL B 328 -10.29 -8.25 34.15
N HIS B 329 -10.30 -9.28 34.97
CA HIS B 329 -11.59 -9.82 35.36
C HIS B 329 -12.26 -8.97 36.45
N GLY B 330 -13.56 -9.18 36.59
CA GLY B 330 -14.35 -8.57 37.64
C GLY B 330 -14.66 -7.11 37.45
N THR B 331 -14.26 -6.51 36.31
CA THR B 331 -14.30 -5.07 36.12
C THR B 331 -15.28 -4.67 35.03
N CYS B 332 -16.00 -3.56 35.28
CA CYS B 332 -16.74 -2.89 34.22
C CYS B 332 -15.75 -2.10 33.36
N HIS B 333 -16.26 -1.51 32.28
CA HIS B 333 -15.53 -0.63 31.40
C HIS B 333 -14.61 0.32 32.17
N ALA B 334 -13.31 0.22 31.89
CA ALA B 334 -12.25 1.13 32.34
C ALA B 334 -12.11 1.21 33.87
N ALA B 335 -12.64 0.22 34.61
CA ALA B 335 -12.65 0.35 36.07
C ALA B 335 -11.25 0.36 36.66
N ASP B 336 -10.31 -0.35 36.04
CA ASP B 336 -8.93 -0.40 36.53
C ASP B 336 -8.14 0.86 36.22
N CYS B 337 -8.75 1.82 35.50
CA CYS B 337 -8.20 3.14 35.21
C CYS B 337 -8.66 4.18 36.23
N SER B 338 -9.60 3.84 37.10
CA SER B 338 -10.25 4.88 37.89
C SER B 338 -10.49 4.53 39.35
N PHE B 339 -10.92 3.30 39.66
CA PHE B 339 -11.41 2.98 41.01
C PHE B 339 -10.28 2.62 41.99
N VAL B 340 -9.35 3.56 42.12
CA VAL B 340 -8.13 3.33 42.91
C VAL B 340 -8.45 3.13 44.40
N ASP B 341 -9.50 3.76 44.90
CA ASP B 341 -9.81 3.61 46.33
C ASP B 341 -10.58 2.33 46.65
N VAL B 342 -11.16 1.69 45.65
CA VAL B 342 -12.05 0.56 45.81
C VAL B 342 -11.35 -0.75 45.43
N ILE B 343 -10.68 -0.76 44.28
CA ILE B 343 -9.95 -1.95 43.85
C ILE B 343 -8.49 -1.57 43.57
N PRO B 344 -7.74 -1.11 44.59
CA PRO B 344 -6.38 -0.66 44.35
C PRO B 344 -5.46 -1.74 43.80
N ASP B 345 -5.65 -3.00 44.18
CA ASP B 345 -4.78 -4.05 43.67
C ASP B 345 -4.96 -4.20 42.16
N VAL B 346 -6.19 -4.06 41.68
CA VAL B 346 -6.46 -4.15 40.23
C VAL B 346 -5.89 -2.93 39.51
N TYR B 347 -6.22 -1.74 40.02
CA TYR B 347 -5.71 -0.48 39.47
C TYR B 347 -4.19 -0.50 39.35
N PHE B 348 -3.51 -0.83 40.45
CA PHE B 348 -2.06 -0.79 40.42
C PHE B 348 -1.47 -1.96 39.66
N ALA B 349 -2.17 -3.10 39.57
CA ALA B 349 -1.69 -4.15 38.69
C ALA B 349 -1.59 -3.64 37.26
N THR B 350 -2.59 -2.86 36.83
CA THR B 350 -2.53 -2.31 35.47
C THR B 350 -1.44 -1.24 35.35
N VAL B 351 -1.34 -0.31 36.33
CA VAL B 351 -0.26 0.68 36.30
C VAL B 351 1.11 -0.01 36.16
N ARG B 352 1.36 -1.04 37.00
CA ARG B 352 2.65 -1.73 36.94
C ARG B 352 2.85 -2.45 35.63
N ASP B 353 1.78 -3.03 35.07
CA ASP B 353 1.89 -3.73 33.79
C ASP B 353 2.30 -2.76 32.68
N ILE B 354 1.68 -1.58 32.65
CA ILE B 354 2.02 -0.58 31.63
C ILE B 354 3.46 -0.12 31.80
N SER B 355 3.85 0.20 33.04
CA SER B 355 5.21 0.66 33.30
C SER B 355 6.23 -0.40 32.90
N ALA B 356 6.00 -1.64 33.31
CA ALA B 356 6.95 -2.69 32.97
C ALA B 356 7.05 -2.90 31.46
N PHE B 357 5.92 -2.77 30.74
CA PHE B 357 5.96 -2.86 29.27
C PHE B 357 6.79 -1.72 28.67
N ALA B 358 6.57 -0.49 29.17
CA ALA B 358 7.36 0.65 28.71
C ALA B 358 8.85 0.40 28.93
N TYR B 359 9.23 -0.06 30.13
CA TYR B 359 10.63 -0.37 30.40
C TYR B 359 11.17 -1.46 29.48
N SER B 360 10.32 -2.44 29.12
CA SER B 360 10.72 -3.55 28.28
C SER B 360 10.98 -3.10 26.85
N ARG B 361 10.49 -1.92 26.47
CA ARG B 361 10.80 -1.41 25.14
C ARG B 361 12.07 -0.56 25.08
N ALA B 362 12.64 -0.21 26.22
CA ALA B 362 13.83 0.61 26.23
C ALA B 362 15.05 -0.26 25.98
N LEU C 9 19.61 24.64 -27.42
CA LEU C 9 19.32 24.78 -26.00
C LEU C 9 17.87 25.17 -25.81
N PRO C 10 16.99 24.19 -25.83
CA PRO C 10 15.54 24.48 -25.78
C PRO C 10 15.08 24.88 -24.39
N GLY C 11 13.92 25.53 -24.36
CA GLY C 11 13.26 25.83 -23.11
C GLY C 11 14.16 26.56 -22.13
N ARG C 12 14.07 26.16 -20.87
CA ARG C 12 14.80 26.83 -19.80
C ARG C 12 16.27 26.46 -19.75
N LEU C 13 16.71 25.54 -20.61
CA LEU C 13 18.14 25.31 -20.71
C LEU C 13 18.83 26.50 -21.37
N GLY C 14 18.17 27.14 -22.33
CA GLY C 14 18.77 28.28 -23.01
C GLY C 14 18.29 29.61 -22.46
N ASP C 15 17.07 29.64 -21.91
CA ASP C 15 16.49 30.87 -21.36
C ASP C 15 15.77 30.49 -20.07
N PRO C 16 16.40 30.69 -18.91
CA PRO C 16 15.79 30.27 -17.64
C PRO C 16 14.44 30.89 -17.33
N SER C 17 14.08 32.00 -17.97
CA SER C 17 12.79 32.64 -17.74
C SER C 17 11.70 32.07 -18.61
N MET C 18 12.03 31.14 -19.51
CA MET C 18 11.05 30.69 -20.50
C MET C 18 9.88 29.98 -19.81
N SER C 19 8.70 30.10 -20.44
CA SER C 19 7.47 29.51 -19.95
C SER C 19 6.73 28.89 -21.12
N LEU C 20 5.66 28.14 -20.83
CA LEU C 20 4.81 27.63 -21.91
C LEU C 20 4.30 28.78 -22.79
N GLY C 21 3.99 29.92 -22.16
CA GLY C 21 3.50 31.05 -22.91
C GLY C 21 4.53 31.73 -23.78
N THR C 22 5.83 31.55 -23.50
CA THR C 22 6.84 32.20 -24.33
C THR C 22 7.70 31.22 -25.11
N ASP C 23 7.55 29.92 -24.88
CA ASP C 23 8.39 28.94 -25.57
C ASP C 23 7.97 28.86 -27.05
N PRO C 24 8.89 29.05 -27.99
CA PRO C 24 8.52 28.96 -29.43
C PRO C 24 8.03 27.57 -29.84
N ARG C 25 8.23 26.55 -29.01
CA ARG C 25 7.77 25.20 -29.33
C ARG C 25 6.31 24.96 -29.00
N THR C 26 5.69 25.78 -28.14
CA THR C 26 4.31 25.52 -27.75
C THR C 26 3.37 25.69 -28.94
N ASP C 27 2.42 24.76 -29.08
CA ASP C 27 1.36 24.92 -30.07
C ASP C 27 0.66 26.24 -29.74
N PRO C 28 0.57 27.20 -30.67
CA PRO C 28 0.04 28.52 -30.30
C PRO C 28 -1.41 28.50 -29.84
N ARG C 29 -2.21 27.53 -30.32
CA ARG C 29 -3.58 27.40 -29.82
C ARG C 29 -3.59 27.06 -28.34
N LEU C 30 -2.70 26.13 -27.96
CA LEU C 30 -2.55 25.75 -26.55
C LEU C 30 -2.01 26.90 -25.72
N ALA C 31 -0.99 27.59 -26.23
CA ALA C 31 -0.43 28.71 -25.49
C ALA C 31 -1.49 29.76 -25.21
N ALA C 32 -2.33 30.05 -26.21
CA ALA C 32 -3.38 31.05 -26.03
C ALA C 32 -4.41 30.61 -25.00
N ALA C 33 -4.76 29.32 -24.99
CA ALA C 33 -5.70 28.82 -23.98
C ALA C 33 -5.14 28.94 -22.56
N LEU C 34 -3.83 28.68 -22.40
CA LEU C 34 -3.22 28.71 -21.07
C LEU C 34 -3.27 30.09 -20.40
N THR C 35 -3.29 31.18 -21.18
CA THR C 35 -3.24 32.53 -20.60
C THR C 35 -4.39 32.84 -19.64
N GLN C 36 -5.64 32.62 -20.05
CA GLN C 36 -6.76 32.90 -19.14
C GLN C 36 -6.77 31.97 -17.94
N LEU C 37 -6.11 30.82 -18.03
CA LEU C 37 -6.10 29.89 -16.92
C LEU C 37 -5.02 30.20 -15.89
N GLY C 38 -4.13 31.15 -16.19
CA GLY C 38 -3.00 31.38 -15.33
C GLY C 38 -1.93 30.31 -15.44
N LEU C 39 -1.94 29.53 -16.52
CA LEU C 39 -0.99 28.44 -16.71
C LEU C 39 0.02 28.69 -17.83
N ALA C 40 0.02 29.88 -18.44
CA ALA C 40 1.02 30.17 -19.47
C ALA C 40 2.35 30.57 -18.84
N ASP C 41 2.29 31.35 -17.76
CA ASP C 41 3.50 31.73 -17.05
C ASP C 41 4.08 30.51 -16.34
N GLN C 42 5.32 30.66 -15.90
CA GLN C 42 5.92 29.59 -15.09
C GLN C 42 5.06 29.32 -13.86
N ALA C 43 4.88 28.05 -13.54
CA ALA C 43 4.17 27.71 -12.31
C ALA C 43 4.84 28.41 -11.13
N ALA C 44 4.02 28.84 -10.18
CA ALA C 44 4.53 29.57 -9.02
C ALA C 44 5.32 28.66 -8.08
N GLU C 45 6.23 29.27 -7.31
CA GLU C 45 6.97 28.51 -6.31
C GLU C 45 5.99 27.88 -5.33
N PRO C 46 6.05 26.57 -5.11
CA PRO C 46 5.06 25.93 -4.23
C PRO C 46 5.40 26.15 -2.77
N PRO C 47 4.40 26.05 -1.89
CA PRO C 47 4.63 26.24 -0.45
C PRO C 47 5.32 25.07 0.22
N VAL C 48 5.48 23.96 -0.50
CA VAL C 48 6.13 22.77 0.00
C VAL C 48 7.21 22.39 -0.99
N ASN C 49 8.10 21.53 -0.54
CA ASN C 49 9.13 21.00 -1.42
C ASN C 49 9.56 19.67 -0.84
N ALA C 50 10.58 19.07 -1.45
CA ALA C 50 10.99 17.76 -0.98
C ALA C 50 11.60 17.78 0.42
N ASN C 51 11.85 18.96 1.00
CA ASN C 51 12.31 19.07 2.38
C ASN C 51 11.15 19.15 3.37
N SER C 52 9.92 19.24 2.89
CA SER C 52 8.78 19.31 3.78
C SER C 52 8.52 17.97 4.46
N GLU C 53 7.91 18.03 5.63
CA GLU C 53 7.48 16.84 6.36
C GLU C 53 6.42 16.09 5.57
N VAL C 54 6.42 14.75 5.70
CA VAL C 54 5.47 13.92 4.95
C VAL C 54 4.03 14.40 5.17
N ALA C 55 3.65 14.64 6.44
CA ALA C 55 2.27 15.04 6.71
C ALA C 55 1.91 16.33 5.97
N ASP C 56 2.85 17.28 5.88
CA ASP C 56 2.59 18.52 5.16
C ASP C 56 2.47 18.29 3.66
N CYS C 57 3.24 17.34 3.11
CA CYS C 57 3.11 17.00 1.70
C CYS C 57 1.77 16.35 1.42
N ILE C 58 1.31 15.49 2.33
CA ILE C 58 -0.02 14.88 2.15
C ILE C 58 -1.07 15.98 2.16
N ALA C 59 -1.01 16.86 3.16
CA ALA C 59 -2.00 17.93 3.26
C ALA C 59 -1.94 18.85 2.04
N TYR C 60 -0.73 19.17 1.58
CA TYR C 60 -0.61 20.00 0.38
C TYR C 60 -1.27 19.34 -0.82
N SER C 61 -1.01 18.04 -1.03
CA SER C 61 -1.61 17.34 -2.16
C SER C 61 -3.13 17.37 -2.08
N THR C 62 -3.67 17.08 -0.88
CA THR C 62 -5.11 17.14 -0.67
C THR C 62 -5.67 18.52 -1.01
N ALA C 63 -4.93 19.57 -0.64
CA ALA C 63 -5.38 20.93 -0.97
C ALA C 63 -5.29 21.23 -2.46
N ALA C 64 -4.34 20.63 -3.19
CA ALA C 64 -4.16 20.89 -4.62
C ALA C 64 -5.23 20.24 -5.50
N GLU C 65 -5.84 19.16 -4.99
CA GLU C 65 -6.79 18.40 -5.79
C GLU C 65 -7.92 19.26 -6.38
N GLN C 66 -8.51 20.15 -5.59
CA GLN C 66 -9.62 20.95 -6.11
C GLN C 66 -9.21 21.76 -7.34
N ALA C 67 -8.03 22.39 -7.31
CA ALA C 67 -7.59 23.17 -8.46
C ALA C 67 -7.52 22.30 -9.71
N TRP C 68 -6.90 21.13 -9.58
CA TRP C 68 -6.77 20.30 -10.78
C TRP C 68 -8.11 19.71 -11.23
N GLN C 69 -9.02 19.41 -10.30
CA GLN C 69 -10.35 18.94 -10.69
C GLN C 69 -11.12 20.02 -11.42
N THR C 70 -11.00 21.27 -10.97
CA THR C 70 -11.64 22.38 -11.66
C THR C 70 -11.08 22.54 -13.07
N LEU C 71 -9.76 22.40 -13.23
CA LEU C 71 -9.22 22.42 -14.59
C LEU C 71 -9.83 21.30 -15.43
N GLY C 72 -9.87 20.08 -14.87
CA GLY C 72 -10.46 18.97 -15.61
C GLY C 72 -11.89 19.23 -16.01
N ALA C 73 -12.66 19.89 -15.13
CA ALA C 73 -14.03 20.23 -15.51
C ALA C 73 -14.06 21.24 -16.64
N MET C 74 -13.21 22.27 -16.56
CA MET C 74 -13.11 23.28 -17.62
C MET C 74 -12.81 22.62 -18.96
N LEU C 75 -11.86 21.68 -18.97
CA LEU C 75 -11.39 21.10 -20.23
C LEU C 75 -12.29 19.99 -20.77
N GLY C 76 -12.96 19.24 -19.90
CA GLY C 76 -13.60 18.03 -20.38
C GLY C 76 -15.11 18.07 -20.45
N SER C 77 -15.75 19.06 -19.82
CA SER C 77 -17.19 19.02 -19.67
C SER C 77 -17.93 19.84 -20.72
N GLN C 78 -17.23 20.38 -21.72
CA GLN C 78 -17.87 21.24 -22.71
C GLN C 78 -18.42 20.50 -23.92
N GLY C 79 -18.35 19.17 -23.95
CA GLY C 79 -18.88 18.45 -25.09
C GLY C 79 -19.00 16.98 -24.79
N GLU C 80 -19.30 16.20 -25.83
CA GLU C 80 -19.47 14.76 -25.72
C GLU C 80 -19.00 14.11 -27.00
N PRO C 81 -18.76 12.80 -27.01
CA PRO C 81 -18.27 12.15 -28.23
C PRO C 81 -19.27 12.25 -29.37
N SER C 82 -18.75 12.23 -30.60
CA SER C 82 -19.59 12.26 -31.78
C SER C 82 -20.43 10.99 -31.94
N ASN C 83 -20.00 9.87 -31.35
CA ASN C 83 -20.76 8.63 -31.34
C ASN C 83 -21.30 8.38 -29.94
N PRO C 84 -22.54 7.88 -29.83
CA PRO C 84 -23.16 7.71 -28.52
C PRO C 84 -22.51 6.59 -27.71
N VAL C 85 -22.33 6.85 -26.42
CA VAL C 85 -21.65 5.94 -25.50
C VAL C 85 -22.53 5.73 -24.27
N ASP C 86 -22.54 4.50 -23.77
CA ASP C 86 -23.18 4.14 -22.51
C ASP C 86 -22.14 4.06 -21.40
N VAL C 87 -22.49 4.50 -20.20
CA VAL C 87 -21.61 4.37 -19.05
C VAL C 87 -22.38 3.67 -17.93
N ARG C 88 -21.79 2.62 -17.37
CA ARG C 88 -22.37 1.96 -16.20
C ARG C 88 -21.29 1.73 -15.16
N GLU C 89 -21.74 1.56 -13.91
CA GLU C 89 -20.82 1.40 -12.79
C GLU C 89 -20.89 -0.02 -12.26
N GLU C 90 -19.74 -0.53 -11.84
CA GLU C 90 -19.63 -1.84 -11.23
C GLU C 90 -18.73 -1.70 -10.02
N THR C 91 -19.04 -2.43 -8.94
CA THR C 91 -18.19 -2.40 -7.76
C THR C 91 -17.65 -3.79 -7.51
N ILE C 92 -16.33 -3.85 -7.36
CA ILE C 92 -15.64 -5.09 -7.09
C ILE C 92 -14.88 -4.93 -5.82
N LYS C 93 -14.35 -6.06 -5.39
CA LYS C 93 -13.65 -6.18 -4.14
C LYS C 93 -12.21 -6.42 -4.34
N GLY C 94 -11.39 -5.61 -3.70
CA GLY C 94 -9.94 -5.77 -3.82
C GLY C 94 -9.39 -6.89 -2.93
N ARG C 95 -8.12 -7.24 -3.16
CA ARG C 95 -7.50 -8.35 -2.42
C ARG C 95 -7.55 -8.13 -0.91
N GLY C 96 -7.55 -6.87 -0.47
CA GLY C 96 -7.58 -6.55 0.94
C GLY C 96 -8.96 -6.29 1.52
N GLY C 97 -10.02 -6.42 0.74
CA GLY C 97 -11.38 -6.23 1.21
C GLY C 97 -12.04 -4.90 0.92
N ASN C 98 -11.33 -3.94 0.34
CA ASN C 98 -11.93 -2.67 -0.03
C ASN C 98 -12.73 -2.79 -1.32
N GLU C 99 -13.70 -1.90 -1.48
CA GLU C 99 -14.53 -1.86 -2.67
C GLU C 99 -13.85 -0.98 -3.71
N ILE C 100 -13.81 -1.46 -4.95
CA ILE C 100 -13.26 -0.68 -6.07
C ILE C 100 -14.40 -0.44 -7.07
N LYS C 101 -14.75 0.82 -7.28
CA LYS C 101 -15.75 1.17 -8.31
C LYS C 101 -15.07 1.17 -9.68
N LEU C 102 -15.80 0.71 -10.69
CA LEU C 102 -15.34 0.68 -12.07
C LEU C 102 -16.38 1.42 -12.89
N TYR C 103 -15.90 2.35 -13.74
CA TYR C 103 -16.74 3.04 -14.71
C TYR C 103 -16.53 2.34 -16.04
N ILE C 104 -17.58 1.74 -16.58
CA ILE C 104 -17.46 0.92 -17.79
C ILE C 104 -18.16 1.65 -18.93
N HIS C 105 -17.38 2.14 -19.89
CA HIS C 105 -17.87 2.90 -21.03
C HIS C 105 -17.85 2.00 -22.27
N SER C 106 -18.91 2.05 -23.07
CA SER C 106 -18.99 1.21 -24.25
C SER C 106 -19.90 1.89 -25.26
N PRO C 107 -19.75 1.59 -26.55
CA PRO C 107 -20.70 2.14 -27.53
C PRO C 107 -22.12 1.69 -27.18
N THR C 108 -23.08 2.58 -27.34
CA THR C 108 -24.47 2.22 -27.06
C THR C 108 -24.87 1.04 -27.93
N GLY C 109 -25.57 0.08 -27.33
CA GLY C 109 -25.93 -1.11 -28.06
C GLY C 109 -24.89 -2.21 -28.06
N HIS C 110 -23.81 -2.05 -27.31
CA HIS C 110 -22.84 -3.13 -27.17
C HIS C 110 -23.28 -3.99 -26.00
N THR C 111 -23.29 -5.31 -26.21
CA THR C 111 -23.72 -6.24 -25.18
C THR C 111 -22.80 -7.46 -25.20
N SER C 112 -23.04 -8.36 -24.24
CA SER C 112 -22.37 -9.66 -24.26
C SER C 112 -22.73 -10.48 -25.50
N ASP C 113 -23.72 -10.05 -26.27
CA ASP C 113 -24.13 -10.74 -27.50
C ASP C 113 -23.56 -10.12 -28.77
N SER C 114 -22.92 -8.96 -28.69
CA SER C 114 -22.29 -8.37 -29.86
C SER C 114 -20.96 -9.05 -30.16
N ASP C 115 -20.42 -8.77 -31.34
CA ASP C 115 -19.05 -9.16 -31.61
C ASP C 115 -18.15 -8.43 -30.61
N PRO C 116 -17.23 -9.12 -29.95
CA PRO C 116 -16.46 -8.49 -28.88
C PRO C 116 -15.57 -7.38 -29.40
N LEU C 117 -15.37 -6.38 -28.53
CA LEU C 117 -14.54 -5.22 -28.80
C LEU C 117 -13.25 -5.25 -27.98
N PRO C 118 -12.18 -4.60 -28.43
CA PRO C 118 -10.99 -4.50 -27.60
C PRO C 118 -11.34 -3.69 -26.35
N CYS C 119 -10.61 -3.97 -25.28
CA CYS C 119 -10.84 -3.34 -23.98
C CYS C 119 -9.62 -2.54 -23.55
N VAL C 120 -9.85 -1.33 -23.06
CA VAL C 120 -8.79 -0.54 -22.43
C VAL C 120 -9.14 -0.41 -20.95
N VAL C 121 -8.26 -0.89 -20.09
CA VAL C 121 -8.37 -0.65 -18.66
C VAL C 121 -7.59 0.62 -18.37
N HIS C 122 -8.32 1.70 -18.05
CA HIS C 122 -7.73 3.03 -17.98
C HIS C 122 -7.39 3.39 -16.54
N THR C 123 -6.15 3.82 -16.32
CA THR C 123 -5.67 4.23 -15.01
C THR C 123 -5.35 5.73 -15.10
N HIS C 124 -6.15 6.57 -14.44
CA HIS C 124 -6.02 8.01 -14.59
C HIS C 124 -4.78 8.55 -13.88
N GLY C 125 -4.40 9.77 -14.29
CA GLY C 125 -3.28 10.49 -13.71
C GLY C 125 -3.64 11.25 -12.43
N GLY C 126 -2.70 12.10 -12.02
CA GLY C 126 -2.75 12.72 -10.71
C GLY C 126 -1.63 12.28 -9.77
N GLY C 127 -0.52 11.75 -10.30
CA GLY C 127 0.66 11.38 -9.50
C GLY C 127 0.42 10.26 -8.51
N MET C 128 -0.63 9.47 -8.72
CA MET C 128 -1.10 8.42 -7.82
C MET C 128 -1.54 8.99 -6.48
N VAL C 129 -1.72 10.32 -6.39
CA VAL C 129 -1.98 10.99 -5.13
C VAL C 129 -3.33 11.69 -5.13
N ILE C 130 -3.74 12.28 -6.26
CA ILE C 130 -4.98 13.04 -6.32
C ILE C 130 -5.69 12.75 -7.64
N LEU C 131 -6.93 13.29 -7.75
CA LEU C 131 -7.88 13.21 -8.87
C LEU C 131 -8.62 11.88 -8.88
N THR C 132 -9.76 11.83 -9.56
CA THR C 132 -10.63 10.66 -9.54
C THR C 132 -11.08 10.31 -10.95
N ALA C 133 -11.46 9.05 -11.11
CA ALA C 133 -11.97 8.59 -12.40
C ALA C 133 -13.27 9.28 -12.78
N ALA C 134 -14.00 9.82 -11.80
CA ALA C 134 -15.22 10.57 -12.08
C ALA C 134 -14.96 12.01 -12.54
N ASP C 135 -13.72 12.51 -12.45
CA ASP C 135 -13.47 13.88 -12.93
C ASP C 135 -13.84 14.01 -14.41
N ALA C 136 -14.32 15.20 -14.79
CA ALA C 136 -14.90 15.40 -16.14
C ALA C 136 -13.93 15.06 -17.27
N ASN C 137 -12.64 15.39 -17.11
CA ASN C 137 -11.66 15.10 -18.17
C ASN C 137 -11.47 13.60 -18.35
N TYR C 138 -11.47 12.83 -17.25
CA TYR C 138 -11.23 11.39 -17.39
C TYR C 138 -12.48 10.68 -17.89
N SER C 139 -13.65 11.10 -17.42
CA SER C 139 -14.89 10.55 -17.98
C SER C 139 -14.97 10.84 -19.47
N ARG C 140 -14.61 12.07 -19.88
CA ARG C 140 -14.62 12.43 -21.28
C ARG C 140 -13.66 11.56 -22.08
N TRP C 141 -12.44 11.38 -21.57
CA TRP C 141 -11.43 10.58 -22.26
C TRP C 141 -11.91 9.14 -22.47
N ARG C 142 -12.42 8.51 -21.40
CA ARG C 142 -12.86 7.14 -21.53
C ARG C 142 -14.03 7.04 -22.51
N SER C 143 -14.92 8.05 -22.51
CA SER C 143 -16.03 8.01 -23.46
C SER C 143 -15.57 8.23 -24.89
N GLU C 144 -14.61 9.14 -25.11
CA GLU C 144 -14.10 9.36 -26.46
C GLU C 144 -13.40 8.11 -26.99
N LEU C 145 -12.66 7.41 -26.12
CA LEU C 145 -12.08 6.13 -26.50
C LEU C 145 -13.16 5.10 -26.80
N ALA C 146 -14.17 5.01 -25.93
CA ALA C 146 -15.22 4.02 -26.16
C ALA C 146 -15.92 4.27 -27.48
N ALA C 147 -16.09 5.55 -27.85
CA ALA C 147 -16.81 5.94 -29.07
C ALA C 147 -16.11 5.48 -30.34
N THR C 148 -14.82 5.16 -30.26
CA THR C 148 -14.11 4.59 -31.40
C THR C 148 -14.34 3.11 -31.55
N GLY C 149 -15.11 2.49 -30.65
CA GLY C 149 -15.31 1.06 -30.72
C GLY C 149 -14.55 0.26 -29.69
N LEU C 150 -14.57 0.71 -28.43
CA LEU C 150 -13.87 0.04 -27.36
C LEU C 150 -14.77 -0.08 -26.14
N VAL C 151 -14.48 -1.05 -25.31
CA VAL C 151 -14.96 -1.07 -23.92
C VAL C 151 -13.83 -0.51 -23.08
N VAL C 152 -14.12 0.56 -22.31
CA VAL C 152 -13.10 1.25 -21.53
C VAL C 152 -13.52 1.14 -20.06
N VAL C 153 -12.63 0.59 -19.24
CA VAL C 153 -12.93 0.36 -17.83
C VAL C 153 -12.09 1.34 -17.04
N GLY C 154 -12.73 2.37 -16.48
CA GLY C 154 -12.03 3.32 -15.66
C GLY C 154 -11.98 2.89 -14.20
N VAL C 155 -10.77 2.65 -13.70
CA VAL C 155 -10.57 2.13 -12.35
C VAL C 155 -10.59 3.30 -11.37
N GLU C 156 -11.47 3.22 -10.35
CA GLU C 156 -11.47 4.23 -9.28
C GLU C 156 -10.59 3.71 -8.16
N PHE C 157 -9.28 3.80 -8.35
CA PHE C 157 -8.34 3.23 -7.38
C PHE C 157 -8.11 4.17 -6.20
N ARG C 158 -7.66 3.58 -5.08
CA ARG C 158 -7.31 4.38 -3.91
C ARG C 158 -6.13 5.30 -4.22
N ASN C 159 -6.18 6.52 -3.67
CA ASN C 159 -5.15 7.53 -3.84
C ASN C 159 -4.35 7.69 -2.56
N ALA C 160 -3.14 8.23 -2.72
CA ALA C 160 -2.29 8.52 -1.57
C ALA C 160 -2.79 9.74 -0.77
N ALA C 161 -3.62 10.58 -1.38
CA ALA C 161 -4.15 11.77 -0.69
C ALA C 161 -5.49 12.16 -1.29
N GLY C 162 -5.99 13.34 -0.91
CA GLY C 162 -7.23 13.88 -1.46
C GLY C 162 -8.48 13.10 -1.06
N ALA C 163 -9.55 13.33 -1.84
CA ALA C 163 -10.86 12.76 -1.52
C ALA C 163 -10.84 11.24 -1.44
N LEU C 164 -9.96 10.57 -2.21
CA LEU C 164 -9.85 9.12 -2.21
C LEU C 164 -8.66 8.61 -1.39
N GLY C 165 -8.07 9.47 -0.56
CA GLY C 165 -6.92 9.09 0.25
C GLY C 165 -7.31 8.57 1.64
N ASN C 166 -6.33 8.29 2.49
CA ASN C 166 -4.90 8.42 2.19
C ASN C 166 -4.26 7.04 2.22
N HIS C 167 -3.89 6.54 1.05
CA HIS C 167 -3.44 5.16 0.88
C HIS C 167 -2.13 5.10 0.12
N PRO C 168 -0.99 5.00 0.81
CA PRO C 168 0.30 4.95 0.11
C PRO C 168 0.45 3.71 -0.75
N PHE C 169 1.48 3.74 -1.58
CA PHE C 169 1.93 2.56 -2.30
C PHE C 169 1.99 1.41 -1.29
N PRO C 170 1.48 0.23 -1.66
CA PRO C 170 0.98 -0.17 -2.97
C PRO C 170 -0.54 -0.24 -3.13
N ALA C 171 -1.32 0.59 -2.42
CA ALA C 171 -2.77 0.44 -2.43
C ALA C 171 -3.36 0.65 -3.82
N GLY C 172 -3.04 1.77 -4.46
CA GLY C 172 -3.58 2.04 -5.78
C GLY C 172 -3.13 1.02 -6.81
N LEU C 173 -1.88 0.60 -6.72
CA LEU C 173 -1.36 -0.44 -7.61
C LEU C 173 -2.17 -1.72 -7.46
N HIS C 174 -2.41 -2.14 -6.21
CA HIS C 174 -3.19 -3.34 -5.99
C HIS C 174 -4.61 -3.18 -6.51
N ASP C 175 -5.20 -1.98 -6.37
CA ASP C 175 -6.54 -1.78 -6.92
C ASP C 175 -6.56 -1.90 -8.45
N CYS C 176 -5.55 -1.31 -9.12
CA CYS C 176 -5.49 -1.42 -10.58
C CYS C 176 -5.29 -2.86 -11.01
N ALA C 177 -4.41 -3.58 -10.31
CA ALA C 177 -4.15 -4.98 -10.63
C ALA C 177 -5.40 -5.83 -10.44
N ASP C 178 -6.10 -5.63 -9.32
CA ASP C 178 -7.32 -6.39 -9.07
C ASP C 178 -8.41 -6.04 -10.09
N ALA C 179 -8.47 -4.78 -10.53
CA ALA C 179 -9.44 -4.42 -11.57
C ALA C 179 -9.09 -5.09 -12.90
N ALA C 180 -7.81 -5.12 -13.26
CA ALA C 180 -7.39 -5.80 -14.49
C ALA C 180 -7.69 -7.28 -14.41
N LYS C 181 -7.42 -7.91 -13.26
CA LYS C 181 -7.74 -9.33 -13.06
C LYS C 181 -9.24 -9.58 -13.19
N TRP C 182 -10.05 -8.69 -12.63
CA TRP C 182 -11.50 -8.84 -12.75
C TRP C 182 -11.95 -8.71 -14.20
N VAL C 183 -11.45 -7.69 -14.91
CA VAL C 183 -11.78 -7.54 -16.31
C VAL C 183 -11.37 -8.78 -17.09
N ALA C 184 -10.18 -9.31 -16.80
CA ALA C 184 -9.66 -10.50 -17.48
C ALA C 184 -10.49 -11.74 -17.19
N SER C 185 -11.23 -11.74 -16.08
CA SER C 185 -12.11 -12.86 -15.74
C SER C 185 -13.54 -12.66 -16.23
N ASN C 186 -13.84 -11.53 -16.86
CA ASN C 186 -15.21 -11.23 -17.25
C ASN C 186 -15.28 -10.81 -18.73
N ARG C 187 -14.42 -11.40 -19.55
CA ARG C 187 -14.34 -11.00 -20.95
C ARG C 187 -15.63 -11.28 -21.69
N GLU C 188 -16.24 -12.43 -21.44
CA GLU C 188 -17.51 -12.79 -22.05
C GLU C 188 -18.60 -11.85 -21.58
N ALA C 189 -18.64 -11.54 -20.30
CA ALA C 189 -19.68 -10.65 -19.78
C ALA C 189 -19.52 -9.23 -20.29
N LEU C 190 -18.28 -8.76 -20.41
CA LEU C 190 -18.03 -7.41 -20.92
C LEU C 190 -18.10 -7.36 -22.44
N GLY C 191 -18.00 -8.50 -23.11
CA GLY C 191 -17.99 -8.55 -24.55
C GLY C 191 -16.70 -7.98 -25.11
N ILE C 192 -15.55 -8.48 -24.63
CA ILE C 192 -14.26 -7.91 -25.02
C ILE C 192 -13.36 -9.00 -25.58
N SER C 193 -12.46 -8.58 -26.48
CA SER C 193 -11.62 -9.46 -27.29
C SER C 193 -10.15 -9.44 -26.91
N THR C 194 -9.71 -8.42 -26.18
CA THR C 194 -8.34 -8.27 -25.74
C THR C 194 -8.36 -7.17 -24.70
N LEU C 195 -7.30 -7.10 -23.90
CA LEU C 195 -7.22 -6.18 -22.78
C LEU C 195 -5.87 -5.46 -22.84
N ILE C 196 -5.88 -4.12 -22.90
CA ILE C 196 -4.63 -3.38 -22.76
C ILE C 196 -4.76 -2.45 -21.57
N MET C 197 -3.62 -2.13 -20.95
CA MET C 197 -3.58 -1.13 -19.88
C MET C 197 -3.21 0.20 -20.51
N SER C 198 -3.84 1.28 -20.07
CA SER C 198 -3.44 2.59 -20.56
C SER C 198 -3.74 3.65 -19.52
N GLY C 199 -2.88 4.67 -19.47
CA GLY C 199 -3.13 5.83 -18.62
C GLY C 199 -2.00 6.82 -18.80
N GLU C 200 -2.18 8.01 -18.23
CA GLU C 200 -1.18 9.08 -18.40
C GLU C 200 -0.63 9.53 -17.05
N SER C 201 0.63 9.94 -17.08
CA SER C 201 1.30 10.54 -15.93
C SER C 201 1.33 9.55 -14.78
N GLY C 202 0.75 9.86 -13.61
CA GLY C 202 0.65 8.84 -12.56
C GLY C 202 -0.08 7.61 -13.03
N GLY C 203 -1.04 7.78 -13.94
CA GLY C 203 -1.75 6.65 -14.53
C GLY C 203 -0.90 5.88 -15.53
N GLY C 204 0.10 6.52 -16.13
CA GLY C 204 1.07 5.76 -16.91
C GLY C 204 1.93 4.90 -16.02
N ASN C 205 2.36 5.47 -14.88
CA ASN C 205 3.06 4.69 -13.87
C ASN C 205 2.24 3.44 -13.51
N LEU C 206 0.99 3.66 -13.09
CA LEU C 206 0.17 2.54 -12.62
C LEU C 206 -0.03 1.52 -13.73
N SER C 207 -0.22 1.97 -14.98
CA SER C 207 -0.40 1.00 -16.05
C SER C 207 0.86 0.19 -16.27
N LEU C 208 2.01 0.85 -16.23
CA LEU C 208 3.28 0.12 -16.35
C LEU C 208 3.46 -0.84 -15.19
N ALA C 209 3.20 -0.34 -13.97
CA ALA C 209 3.51 -1.13 -12.78
C ALA C 209 2.55 -2.31 -12.64
N THR C 210 1.28 -2.10 -12.99
CA THR C 210 0.31 -3.19 -12.99
C THR C 210 0.82 -4.31 -13.88
N THR C 211 1.39 -3.97 -15.04
CA THR C 211 1.82 -5.03 -15.95
C THR C 211 3.04 -5.75 -15.40
N MET C 212 3.97 -4.99 -14.80
CA MET C 212 5.10 -5.66 -14.16
C MET C 212 4.61 -6.54 -13.02
N LEU C 213 3.59 -6.07 -12.28
CA LEU C 213 3.09 -6.88 -11.18
C LEU C 213 2.45 -8.17 -11.71
N ALA C 214 1.75 -8.06 -12.86
CA ALA C 214 1.15 -9.27 -13.42
C ALA C 214 2.23 -10.29 -13.70
N LYS C 215 3.40 -9.83 -14.19
CA LYS C 215 4.50 -10.75 -14.44
C LYS C 215 4.89 -11.47 -13.15
N LYS C 216 5.04 -10.69 -12.07
CA LYS C 216 5.45 -11.29 -10.80
C LYS C 216 4.39 -12.21 -10.24
N GLU C 217 3.11 -11.94 -10.51
CA GLU C 217 2.02 -12.71 -9.91
C GLU C 217 1.53 -13.83 -10.82
N GLY C 218 2.13 -14.00 -11.99
CA GLY C 218 1.82 -15.12 -12.86
C GLY C 218 0.56 -14.99 -13.67
N TRP C 219 0.03 -13.77 -13.87
CA TRP C 219 -1.14 -13.61 -14.74
C TRP C 219 -0.84 -12.66 -15.92
N LEU C 220 0.44 -12.54 -16.30
CA LEU C 220 0.83 -11.62 -17.37
C LEU C 220 0.12 -11.90 -18.69
N GLU C 221 -0.23 -13.16 -18.94
CA GLU C 221 -0.86 -13.52 -20.19
C GLU C 221 -2.20 -12.81 -20.40
N GLU C 222 -2.79 -12.24 -19.35
CA GLU C 222 -4.07 -11.56 -19.50
C GLU C 222 -3.94 -10.18 -20.15
N ILE C 223 -2.77 -9.57 -20.09
CA ILE C 223 -2.55 -8.21 -20.59
C ILE C 223 -1.85 -8.31 -21.94
N ALA C 224 -2.53 -7.81 -22.99
CA ALA C 224 -2.03 -7.89 -24.35
C ALA C 224 -1.15 -6.72 -24.77
N GLY C 225 -1.16 -5.63 -24.02
CA GLY C 225 -0.32 -4.49 -24.39
C GLY C 225 -0.51 -3.37 -23.39
N VAL C 226 0.37 -2.37 -23.49
CA VAL C 226 0.37 -1.23 -22.58
C VAL C 226 0.57 0.02 -23.41
N TYR C 227 -0.26 1.05 -23.19
CA TYR C 227 -0.10 2.32 -23.88
C TYR C 227 0.06 3.36 -22.78
N ALA C 228 1.31 3.71 -22.48
CA ALA C 228 1.62 4.58 -21.33
C ALA C 228 1.94 5.98 -21.83
N GLN C 229 1.11 6.97 -21.43
CA GLN C 229 1.28 8.37 -21.82
C GLN C 229 2.03 9.10 -20.72
N CYS C 230 2.89 10.06 -21.15
CA CYS C 230 3.71 10.93 -20.29
C CYS C 230 3.95 10.32 -18.91
N PRO C 231 4.59 9.15 -18.83
CA PRO C 231 4.65 8.45 -17.55
C PRO C 231 5.45 9.21 -16.50
N TYR C 232 4.90 9.17 -15.29
CA TYR C 232 5.44 9.80 -14.08
C TYR C 232 6.09 8.68 -13.28
N ILE C 233 7.37 8.41 -13.55
CA ILE C 233 7.92 7.11 -13.16
C ILE C 233 9.30 7.13 -12.49
N SER C 234 9.98 8.27 -12.46
CA SER C 234 11.30 8.30 -11.83
C SER C 234 11.24 8.53 -10.33
N GLY C 235 10.31 9.37 -9.88
CA GLY C 235 10.32 9.79 -8.49
C GLY C 235 11.45 10.72 -8.12
N LEU C 236 12.20 11.24 -9.10
CA LEU C 236 13.42 11.98 -8.82
C LEU C 236 13.25 13.49 -8.91
N TYR C 237 12.01 14.00 -8.72
CA TYR C 237 11.71 15.41 -9.01
C TYR C 237 12.42 16.36 -8.06
N ALA C 238 12.82 15.89 -6.88
CA ALA C 238 13.54 16.76 -5.95
C ALA C 238 14.98 17.01 -6.39
N SER C 239 15.64 16.02 -6.97
CA SER C 239 17.07 16.14 -7.18
C SER C 239 17.46 16.54 -8.61
N LYS C 240 16.57 16.28 -9.56
CA LYS C 240 16.73 16.60 -10.97
C LYS C 240 18.07 16.14 -11.49
N PRO C 241 18.30 14.82 -11.60
CA PRO C 241 19.59 14.27 -12.08
C PRO C 241 19.91 14.73 -13.47
N GLU C 242 21.21 14.64 -13.79
CA GLU C 242 21.67 15.14 -15.09
C GLU C 242 21.22 14.24 -16.24
N GLU C 243 20.94 12.95 -15.99
CA GLU C 243 20.45 12.09 -17.07
C GLU C 243 19.05 12.47 -17.56
N LEU C 244 18.35 13.38 -16.87
CA LEU C 244 16.98 13.73 -17.24
C LEU C 244 16.90 15.25 -17.47
N PRO C 245 17.48 15.73 -18.57
CA PRO C 245 17.50 17.19 -18.80
C PRO C 245 16.14 17.86 -18.82
N SER C 246 15.07 17.15 -19.25
CA SER C 246 13.76 17.78 -19.33
C SER C 246 13.29 18.30 -17.98
N LEU C 247 13.73 17.68 -16.89
CA LEU C 247 13.34 18.14 -15.56
C LEU C 247 13.76 19.59 -15.33
N LEU C 248 14.84 20.02 -15.97
CA LEU C 248 15.26 21.42 -15.92
C LEU C 248 14.69 22.21 -17.09
N GLU C 249 14.70 21.57 -18.27
CA GLU C 249 14.33 22.24 -19.50
C GLU C 249 12.89 22.75 -19.45
N ASN C 250 12.00 21.93 -18.91
CA ASN C 250 10.56 22.21 -18.88
C ASN C 250 10.05 22.37 -17.46
N ASP C 251 10.93 22.69 -16.51
CA ASP C 251 10.47 22.90 -15.14
C ASP C 251 9.52 24.07 -15.07
N ALA C 252 8.44 23.89 -14.30
CA ALA C 252 7.39 24.89 -14.09
C ALA C 252 6.56 25.10 -15.35
N TYR C 253 6.68 24.21 -16.35
CA TYR C 253 5.70 24.11 -17.41
C TYR C 253 4.59 23.23 -16.86
N PHE C 254 3.50 23.85 -16.42
CA PHE C 254 2.37 23.13 -15.83
C PHE C 254 2.64 22.76 -14.36
N TRP C 255 3.75 22.06 -14.13
CA TRP C 255 4.20 21.60 -12.83
C TRP C 255 5.59 22.10 -12.49
N ASP C 256 5.75 22.67 -11.29
CA ASP C 256 7.10 22.87 -10.76
C ASP C 256 7.53 21.56 -10.12
N MET C 257 8.79 21.22 -10.33
CA MET C 257 9.17 19.91 -9.83
C MET C 257 9.27 19.85 -8.32
N LYS C 258 9.29 20.99 -7.62
CA LYS C 258 9.19 20.93 -6.16
C LYS C 258 7.83 20.41 -5.75
N THR C 259 6.79 20.79 -6.49
CA THR C 259 5.46 20.25 -6.24
C THR C 259 5.45 18.74 -6.37
N MET C 260 6.03 18.22 -7.47
CA MET C 260 6.07 16.78 -7.64
C MET C 260 7.00 16.12 -6.63
N GLY C 261 8.09 16.80 -6.26
CA GLY C 261 8.96 16.28 -5.21
C GLY C 261 8.23 16.12 -3.91
N ALA C 262 7.36 17.07 -3.58
CA ALA C 262 6.51 16.92 -2.40
C ALA C 262 5.50 15.80 -2.61
N MET C 263 4.93 15.67 -3.82
CA MET C 263 3.90 14.67 -4.04
C MET C 263 4.43 13.25 -4.06
N VAL C 264 5.76 13.07 -4.15
CA VAL C 264 6.36 11.75 -4.00
C VAL C 264 6.09 11.19 -2.61
N LYS C 265 6.12 12.05 -1.60
CA LYS C 265 6.11 11.58 -0.22
C LYS C 265 4.80 10.89 0.20
N PRO C 266 3.61 11.42 -0.14
CA PRO C 266 2.40 10.67 0.20
C PRO C 266 2.37 9.28 -0.41
N TYR C 267 2.98 9.12 -1.59
CA TYR C 267 2.98 7.79 -2.22
C TYR C 267 3.91 6.84 -1.47
N ASP C 268 5.05 7.33 -1.00
CA ASP C 268 6.10 6.51 -0.38
C ASP C 268 6.59 7.22 0.87
N PRO C 269 5.79 7.22 1.94
CA PRO C 269 6.10 8.05 3.12
C PRO C 269 7.41 7.68 3.81
N THR C 270 7.83 6.41 3.77
CA THR C 270 9.11 6.05 4.37
C THR C 270 10.29 6.32 3.45
N GLY C 271 10.06 6.55 2.16
CA GLY C 271 11.16 6.67 1.24
C GLY C 271 11.81 5.35 0.87
N GLU C 272 11.34 4.24 1.44
CA GLU C 272 11.97 2.94 1.26
C GLU C 272 11.71 2.33 -0.11
N ASN C 273 10.78 2.88 -0.89
CA ASN C 273 10.48 2.33 -2.21
C ASN C 273 11.00 3.20 -3.35
N ALA C 274 11.97 4.08 -3.07
CA ALA C 274 12.45 5.01 -4.08
C ALA C 274 13.04 4.31 -5.30
N SER C 275 13.63 3.13 -5.13
CA SER C 275 14.16 2.39 -6.27
C SER C 275 13.40 1.09 -6.51
N ASN C 276 12.20 0.98 -5.96
CA ASN C 276 11.31 -0.16 -6.15
C ASN C 276 10.61 0.02 -7.49
N PRO C 277 10.84 -0.83 -8.49
CA PRO C 277 10.20 -0.62 -9.80
C PRO C 277 8.69 -0.65 -9.79
N LEU C 278 8.06 -1.34 -8.82
CA LEU C 278 6.61 -1.34 -8.77
C LEU C 278 6.06 0.00 -8.30
N ALA C 279 6.86 0.80 -7.61
CA ALA C 279 6.48 2.15 -7.22
C ALA C 279 6.91 3.18 -8.25
N TRP C 280 8.11 2.99 -8.82
CA TRP C 280 8.72 3.94 -9.73
C TRP C 280 9.35 3.15 -10.86
N PRO C 281 8.58 2.83 -11.91
CA PRO C 281 9.03 1.90 -12.97
C PRO C 281 10.33 2.26 -13.65
N TYR C 282 10.72 3.54 -13.63
CA TYR C 282 11.99 3.96 -14.23
C TYR C 282 13.17 3.17 -13.67
N HIS C 283 13.05 2.68 -12.44
CA HIS C 283 14.16 1.98 -11.80
C HIS C 283 14.16 0.48 -12.06
N ALA C 284 13.30 0.00 -12.95
CA ALA C 284 13.26 -1.41 -13.28
C ALA C 284 14.61 -1.89 -13.81
N SER C 285 14.94 -3.14 -13.52
CA SER C 285 16.04 -3.82 -14.20
C SER C 285 15.50 -4.55 -15.42
N LEU C 286 16.41 -5.02 -16.28
CA LEU C 286 15.95 -5.72 -17.47
C LEU C 286 15.13 -6.95 -17.11
N GLU C 287 15.49 -7.64 -16.02
CA GLU C 287 14.73 -8.85 -15.69
C GLU C 287 13.33 -8.52 -15.20
N ASP C 288 13.12 -7.33 -14.62
CA ASP C 288 11.76 -6.90 -14.30
C ASP C 288 10.90 -6.78 -15.54
N LEU C 289 11.51 -6.51 -16.69
CA LEU C 289 10.78 -6.20 -17.92
C LEU C 289 10.73 -7.35 -18.92
N ALA C 290 11.55 -8.39 -18.74
CA ALA C 290 11.62 -9.48 -19.71
C ALA C 290 10.27 -10.16 -19.89
N GLY C 291 9.87 -10.35 -21.16
CA GLY C 291 8.64 -11.04 -21.46
C GLY C 291 7.38 -10.20 -21.47
N LEU C 292 7.47 -8.91 -21.15
CA LEU C 292 6.27 -8.08 -21.16
C LEU C 292 5.69 -7.95 -22.56
N PRO C 293 4.37 -7.75 -22.67
CA PRO C 293 3.72 -7.60 -23.98
C PRO C 293 4.07 -6.25 -24.61
N PRO C 294 3.64 -6.01 -25.85
CA PRO C 294 4.06 -4.76 -26.53
C PRO C 294 3.62 -3.51 -25.80
N HIS C 295 4.48 -2.51 -25.82
CA HIS C 295 4.27 -1.22 -25.19
C HIS C 295 4.31 -0.10 -26.22
N VAL C 296 3.55 0.96 -25.96
CA VAL C 296 3.76 2.25 -26.61
C VAL C 296 4.03 3.24 -25.49
N ILE C 297 5.09 4.01 -25.62
CA ILE C 297 5.41 5.10 -24.70
C ILE C 297 5.21 6.40 -25.47
N SER C 298 4.31 7.26 -24.99
CA SER C 298 3.94 8.49 -25.70
C SER C 298 4.19 9.65 -24.75
N VAL C 299 5.20 10.46 -25.03
CA VAL C 299 5.59 11.58 -24.16
C VAL C 299 5.20 12.90 -24.79
N ASN C 300 5.15 13.95 -23.96
CA ASN C 300 4.86 15.30 -24.43
C ASN C 300 6.14 16.11 -24.53
N GLU C 301 6.26 16.91 -25.59
CA GLU C 301 7.53 17.59 -25.86
C GLU C 301 7.92 18.53 -24.73
N LEU C 302 6.99 19.35 -24.25
CA LEU C 302 7.28 20.43 -23.32
C LEU C 302 6.95 20.04 -21.90
N ASP C 303 7.26 18.80 -21.56
CA ASP C 303 6.91 18.17 -20.31
C ASP C 303 8.18 17.92 -19.52
N PRO C 304 8.29 18.36 -18.27
CA PRO C 304 9.49 17.99 -17.49
C PRO C 304 9.65 16.47 -17.34
N LEU C 305 8.56 15.69 -17.48
CA LEU C 305 8.64 14.24 -17.39
C LEU C 305 9.10 13.58 -18.69
N ARG C 306 9.30 14.35 -19.76
CA ARG C 306 9.56 13.75 -21.08
C ARG C 306 10.72 12.73 -21.03
N ASP C 307 11.86 13.13 -20.45
CA ASP C 307 13.05 12.29 -20.61
C ASP C 307 13.00 11.00 -19.79
N GLU C 308 12.33 10.98 -18.63
CA GLU C 308 12.22 9.68 -17.96
C GLU C 308 11.32 8.73 -18.73
N GLY C 309 10.33 9.27 -19.44
CA GLY C 309 9.53 8.44 -20.33
C GLY C 309 10.37 7.87 -21.47
N LEU C 310 11.19 8.71 -22.09
CA LEU C 310 12.02 8.22 -23.20
C LEU C 310 13.10 7.24 -22.71
N ALA C 311 13.65 7.50 -21.53
CA ALA C 311 14.63 6.59 -20.95
C ALA C 311 14.01 5.21 -20.71
N HIS C 312 12.78 5.18 -20.21
CA HIS C 312 12.10 3.90 -19.99
C HIS C 312 11.76 3.22 -21.30
N TYR C 313 11.37 3.99 -22.31
CA TYR C 313 11.19 3.45 -23.65
C TYR C 313 12.45 2.69 -24.10
N ARG C 314 13.63 3.30 -23.90
CA ARG C 314 14.87 2.64 -24.32
C ARG C 314 15.16 1.41 -23.47
N LYS C 315 14.88 1.46 -22.16
CA LYS C 315 15.13 0.31 -21.32
C LYS C 315 14.23 -0.87 -21.68
N LEU C 316 12.95 -0.59 -21.96
CA LEU C 316 12.04 -1.62 -22.44
C LEU C 316 12.61 -2.30 -23.68
N LEU C 317 13.13 -1.51 -24.63
CA LEU C 317 13.73 -2.14 -25.81
C LEU C 317 14.93 -3.00 -25.43
N LYS C 318 15.79 -2.49 -24.56
CA LYS C 318 16.95 -3.24 -24.13
C LYS C 318 16.57 -4.56 -23.48
N ALA C 319 15.40 -4.62 -22.83
CA ALA C 319 14.89 -5.84 -22.21
C ALA C 319 14.20 -6.77 -23.19
N GLY C 320 14.14 -6.41 -24.47
CA GLY C 320 13.52 -7.23 -25.48
C GLY C 320 12.04 -7.04 -25.67
N VAL C 321 11.44 -6.02 -25.05
CA VAL C 321 10.01 -5.77 -25.20
C VAL C 321 9.79 -5.01 -26.51
N SER C 322 8.78 -5.41 -27.28
CA SER C 322 8.39 -4.62 -28.45
C SER C 322 7.88 -3.28 -27.97
N THR C 323 8.56 -2.19 -28.36
CA THR C 323 8.22 -0.86 -27.82
C THR C 323 8.22 0.18 -28.93
N VAL C 324 7.16 0.99 -28.99
CA VAL C 324 7.10 2.14 -29.89
C VAL C 324 7.22 3.39 -29.01
N GLY C 325 8.09 4.33 -29.40
CA GLY C 325 8.23 5.59 -28.68
C GLY C 325 7.82 6.77 -29.54
N ARG C 326 6.99 7.67 -28.98
CA ARG C 326 6.40 8.78 -29.72
C ARG C 326 6.55 10.03 -28.88
N THR C 327 6.99 11.14 -29.48
CA THR C 327 6.80 12.47 -28.86
C THR C 327 5.62 13.14 -29.56
N VAL C 328 4.72 13.70 -28.76
CA VAL C 328 3.63 14.55 -29.23
C VAL C 328 4.14 15.99 -29.13
N HIS C 329 4.34 16.63 -30.27
CA HIS C 329 4.99 17.93 -30.21
C HIS C 329 4.00 19.01 -29.83
N GLY C 330 4.55 20.12 -29.38
CA GLY C 330 3.79 21.33 -29.08
C GLY C 330 2.99 21.30 -27.81
N THR C 331 3.07 20.23 -27.02
CA THR C 331 2.18 19.99 -25.90
C THR C 331 2.95 20.04 -24.58
N CYS C 332 2.31 20.64 -23.56
CA CYS C 332 2.76 20.48 -22.18
C CYS C 332 2.34 19.11 -21.68
N HIS C 333 2.73 18.79 -20.46
CA HIS C 333 2.35 17.56 -19.77
C HIS C 333 0.87 17.23 -19.96
N ALA C 334 0.60 16.05 -20.52
CA ALA C 334 -0.74 15.48 -20.66
C ALA C 334 -1.72 16.34 -21.48
N ALA C 335 -1.26 17.31 -22.28
CA ALA C 335 -2.20 18.22 -22.96
C ALA C 335 -3.08 17.49 -23.98
N ASP C 336 -2.53 16.45 -24.63
CA ASP C 336 -3.32 15.71 -25.61
C ASP C 336 -4.32 14.77 -24.95
N CYS C 337 -4.35 14.71 -23.60
CA CYS C 337 -5.33 13.96 -22.84
C CYS C 337 -6.50 14.84 -22.41
N SER C 338 -6.42 16.15 -22.61
CA SER C 338 -7.42 17.02 -22.00
C SER C 338 -7.91 18.19 -22.85
N PHE C 339 -7.04 18.84 -23.62
CA PHE C 339 -7.41 20.10 -24.28
C PHE C 339 -8.16 19.89 -25.60
N VAL C 340 -9.27 19.15 -25.49
CA VAL C 340 -10.03 18.78 -26.68
C VAL C 340 -10.63 19.99 -27.39
N ASP C 341 -10.97 21.06 -26.65
CA ASP C 341 -11.58 22.21 -27.32
C ASP C 341 -10.55 23.11 -27.98
N VAL C 342 -9.28 22.97 -27.64
CA VAL C 342 -8.22 23.87 -28.06
C VAL C 342 -7.36 23.24 -29.15
N ILE C 343 -6.96 22.00 -28.96
CA ILE C 343 -6.13 21.28 -29.93
C ILE C 343 -6.80 19.95 -30.25
N PRO C 344 -8.03 19.96 -30.80
CA PRO C 344 -8.73 18.69 -31.03
C PRO C 344 -8.00 17.75 -31.96
N ASP C 345 -7.28 18.28 -32.95
CA ASP C 345 -6.57 17.38 -33.86
C ASP C 345 -5.52 16.58 -33.11
N VAL C 346 -4.83 17.19 -32.13
CA VAL C 346 -3.83 16.49 -31.34
C VAL C 346 -4.49 15.47 -30.41
N TYR C 347 -5.51 15.93 -29.67
CA TYR C 347 -6.28 15.09 -28.76
C TYR C 347 -6.80 13.84 -29.46
N PHE C 348 -7.47 14.02 -30.60
CA PHE C 348 -8.02 12.87 -31.29
C PHE C 348 -6.96 12.05 -32.02
N ALA C 349 -5.83 12.63 -32.39
CA ALA C 349 -4.75 11.78 -32.90
C ALA C 349 -4.33 10.78 -31.84
N THR C 350 -4.25 11.21 -30.58
CA THR C 350 -3.89 10.27 -29.52
C THR C 350 -5.02 9.27 -29.26
N VAL C 351 -6.27 9.75 -29.20
CA VAL C 351 -7.41 8.83 -29.05
C VAL C 351 -7.37 7.72 -30.13
N ARG C 352 -7.19 8.13 -31.38
CA ARG C 352 -7.16 7.16 -32.48
C ARG C 352 -5.96 6.24 -32.39
N ASP C 353 -4.81 6.75 -31.95
CA ASP C 353 -3.61 5.93 -31.83
C ASP C 353 -3.80 4.83 -30.79
N ILE C 354 -4.37 5.20 -29.64
CA ILE C 354 -4.61 4.20 -28.60
C ILE C 354 -5.60 3.15 -29.11
N SER C 355 -6.68 3.62 -29.73
CA SER C 355 -7.70 2.70 -30.20
C SER C 355 -7.14 1.75 -31.25
N ALA C 356 -6.39 2.29 -32.21
CA ALA C 356 -5.79 1.44 -33.24
C ALA C 356 -4.81 0.44 -32.63
N PHE C 357 -4.07 0.86 -31.58
CA PHE C 357 -3.18 -0.10 -30.91
C PHE C 357 -3.96 -1.22 -30.23
N ALA C 358 -5.04 -0.85 -29.53
CA ALA C 358 -5.87 -1.88 -28.88
C ALA C 358 -6.41 -2.86 -29.89
N TYR C 359 -6.93 -2.36 -31.02
CA TYR C 359 -7.41 -3.26 -32.07
C TYR C 359 -6.29 -4.12 -32.63
N SER C 360 -5.08 -3.55 -32.70
CA SER C 360 -3.95 -4.29 -33.26
C SER C 360 -3.53 -5.43 -32.36
N ARG C 361 -3.95 -5.41 -31.09
CA ARG C 361 -3.64 -6.50 -30.18
C ARG C 361 -4.70 -7.62 -30.15
N ALA C 362 -5.86 -7.43 -30.78
CA ALA C 362 -6.98 -8.40 -30.68
C ALA C 362 -6.80 -9.62 -31.60
N LEU D 9 25.28 16.30 -24.90
CA LEU D 9 24.80 16.63 -26.26
C LEU D 9 24.64 15.38 -27.10
N PRO D 10 23.48 15.24 -27.74
CA PRO D 10 23.16 13.99 -28.43
C PRO D 10 23.95 13.81 -29.72
N GLY D 11 24.04 12.54 -30.12
CA GLY D 11 24.62 12.16 -31.40
C GLY D 11 26.00 12.75 -31.63
N ARG D 12 26.25 13.16 -32.86
CA ARG D 12 27.57 13.65 -33.22
C ARG D 12 27.84 15.06 -32.72
N LEU D 13 26.84 15.71 -32.11
CA LEU D 13 27.09 16.97 -31.41
C LEU D 13 27.92 16.74 -30.15
N GLY D 14 27.73 15.60 -29.49
CA GLY D 14 28.49 15.28 -28.31
C GLY D 14 29.67 14.37 -28.60
N ASP D 15 29.60 13.58 -29.68
CA ASP D 15 30.66 12.65 -30.04
C ASP D 15 30.74 12.56 -31.56
N PRO D 16 31.70 13.25 -32.18
CA PRO D 16 31.78 13.24 -33.64
C PRO D 16 31.98 11.86 -34.26
N SER D 17 32.47 10.89 -33.49
CA SER D 17 32.65 9.54 -34.02
C SER D 17 31.38 8.69 -33.92
N MET D 18 30.32 9.23 -33.32
CA MET D 18 29.11 8.44 -33.11
C MET D 18 28.44 8.08 -34.44
N SER D 19 27.76 6.94 -34.43
CA SER D 19 27.07 6.40 -35.59
C SER D 19 25.75 5.80 -35.11
N LEU D 20 24.89 5.39 -36.06
CA LEU D 20 23.66 4.70 -35.67
C LEU D 20 23.97 3.47 -34.81
N GLY D 21 25.09 2.79 -35.10
CA GLY D 21 25.46 1.60 -34.34
C GLY D 21 25.93 1.86 -32.91
N THR D 22 26.38 3.07 -32.61
CA THR D 22 26.84 3.38 -31.25
C THR D 22 25.99 4.42 -30.55
N ASP D 23 25.01 5.00 -31.22
CA ASP D 23 24.16 5.98 -30.57
C ASP D 23 23.24 5.28 -29.56
N PRO D 24 23.25 5.71 -28.29
CA PRO D 24 22.36 5.08 -27.30
C PRO D 24 20.88 5.23 -27.61
N ARG D 25 20.49 6.14 -28.51
CA ARG D 25 19.07 6.34 -28.84
C ARG D 25 18.52 5.34 -29.85
N THR D 26 19.36 4.67 -30.62
CA THR D 26 18.86 3.79 -31.68
C THR D 26 18.10 2.60 -31.10
N ASP D 27 16.97 2.27 -31.70
CA ASP D 27 16.25 1.05 -31.35
C ASP D 27 17.25 -0.11 -31.55
N PRO D 28 17.52 -0.94 -30.54
CA PRO D 28 18.59 -1.95 -30.71
C PRO D 28 18.27 -2.97 -31.78
N ARG D 29 16.99 -3.22 -32.06
CA ARG D 29 16.64 -4.11 -33.16
C ARG D 29 17.07 -3.51 -34.49
N LEU D 30 16.84 -2.21 -34.65
CA LEU D 30 17.26 -1.51 -35.86
C LEU D 30 18.78 -1.43 -35.93
N ALA D 31 19.44 -1.11 -34.81
CA ALA D 31 20.90 -1.07 -34.79
C ALA D 31 21.49 -2.42 -35.19
N ALA D 32 20.91 -3.52 -34.71
CA ALA D 32 21.42 -4.84 -35.07
C ALA D 32 21.22 -5.13 -36.56
N ALA D 33 20.04 -4.80 -37.10
CA ALA D 33 19.81 -5.01 -38.53
C ALA D 33 20.75 -4.17 -39.39
N LEU D 34 20.98 -2.91 -39.00
CA LEU D 34 21.90 -2.08 -39.76
C LEU D 34 23.32 -2.63 -39.69
N THR D 35 23.72 -3.07 -38.49
CA THR D 35 25.06 -3.61 -38.30
C THR D 35 25.27 -4.83 -39.19
N GLN D 36 24.27 -5.70 -39.23
CA GLN D 36 24.38 -6.89 -40.07
C GLN D 36 24.53 -6.52 -41.53
N LEU D 37 23.90 -5.42 -41.96
CA LEU D 37 23.96 -4.92 -43.33
C LEU D 37 25.13 -3.98 -43.61
N GLY D 38 25.96 -3.69 -42.62
CA GLY D 38 27.05 -2.76 -42.85
C GLY D 38 26.63 -1.31 -42.98
N LEU D 39 25.43 -0.96 -42.51
CA LEU D 39 24.92 0.39 -42.61
C LEU D 39 24.80 1.07 -41.23
N ALA D 40 25.35 0.46 -40.18
CA ALA D 40 25.32 1.06 -38.85
C ALA D 40 26.42 2.09 -38.66
N ASP D 41 27.59 1.88 -39.28
CA ASP D 41 28.67 2.85 -39.23
C ASP D 41 28.32 4.11 -40.02
N GLN D 42 29.14 5.13 -39.87
CA GLN D 42 28.91 6.36 -40.60
C GLN D 42 28.90 6.11 -42.11
N ALA D 43 27.94 6.70 -42.80
CA ALA D 43 27.81 6.54 -44.24
C ALA D 43 29.10 6.95 -44.96
N ALA D 44 29.37 6.28 -46.07
CA ALA D 44 30.61 6.56 -46.79
C ALA D 44 30.56 7.95 -47.42
N GLU D 45 31.74 8.57 -47.57
CA GLU D 45 31.87 9.88 -48.20
C GLU D 45 31.48 9.76 -49.67
N PRO D 46 30.63 10.65 -50.19
CA PRO D 46 30.24 10.58 -51.61
C PRO D 46 31.33 11.14 -52.50
N PRO D 47 31.39 10.74 -53.79
CA PRO D 47 32.38 11.34 -54.69
C PRO D 47 31.99 12.70 -55.18
N VAL D 48 30.78 13.16 -54.89
CA VAL D 48 30.26 14.45 -55.31
C VAL D 48 29.73 15.20 -54.10
N ASN D 49 29.57 16.50 -54.27
CA ASN D 49 29.02 17.37 -53.22
C ASN D 49 28.40 18.58 -53.91
N ALA D 50 27.97 19.56 -53.10
CA ALA D 50 27.31 20.73 -53.66
C ALA D 50 28.24 21.59 -54.51
N ASN D 51 29.54 21.37 -54.49
CA ASN D 51 30.42 22.09 -55.40
C ASN D 51 30.62 21.36 -56.71
N SER D 52 30.09 20.14 -56.84
CA SER D 52 30.27 19.40 -58.07
C SER D 52 29.39 19.95 -59.18
N GLU D 53 29.80 19.66 -60.41
CA GLU D 53 29.00 20.00 -61.59
C GLU D 53 27.69 19.24 -61.55
N VAL D 54 26.63 19.90 -62.05
CA VAL D 54 25.31 19.27 -62.09
C VAL D 54 25.36 17.94 -62.83
N ALA D 55 26.05 17.89 -63.96
CA ALA D 55 26.13 16.63 -64.71
C ALA D 55 26.73 15.52 -63.87
N ASP D 56 27.73 15.85 -63.05
CA ASP D 56 28.34 14.84 -62.18
C ASP D 56 27.39 14.41 -61.07
N CYS D 57 26.57 15.36 -60.58
CA CYS D 57 25.56 15.02 -59.57
C CYS D 57 24.50 14.10 -60.14
N ILE D 58 24.09 14.33 -61.39
CA ILE D 58 23.13 13.45 -62.05
C ILE D 58 23.72 12.06 -62.24
N ALA D 59 24.96 11.99 -62.76
CA ALA D 59 25.56 10.68 -63.00
C ALA D 59 25.71 9.87 -61.71
N TYR D 60 26.19 10.53 -60.65
CA TYR D 60 26.32 9.83 -59.37
C TYR D 60 24.95 9.36 -58.88
N SER D 61 23.93 10.22 -58.98
CA SER D 61 22.58 9.83 -58.55
C SER D 61 22.13 8.57 -59.27
N THR D 62 22.40 8.48 -60.57
CA THR D 62 22.02 7.27 -61.29
C THR D 62 22.71 6.05 -60.71
N ALA D 63 23.99 6.18 -60.33
CA ALA D 63 24.65 5.02 -59.72
C ALA D 63 24.11 4.71 -58.32
N ALA D 64 23.82 5.74 -57.52
CA ALA D 64 23.36 5.53 -56.15
C ALA D 64 21.96 4.95 -56.13
N GLU D 65 21.17 5.25 -57.16
CA GLU D 65 19.81 4.72 -57.26
C GLU D 65 19.81 3.21 -57.16
N GLN D 66 20.73 2.55 -57.86
CA GLN D 66 20.73 1.09 -57.82
C GLN D 66 20.93 0.57 -56.40
N ALA D 67 21.88 1.15 -55.67
CA ALA D 67 22.12 0.66 -54.30
C ALA D 67 20.89 0.85 -53.43
N TRP D 68 20.27 2.03 -53.51
CA TRP D 68 19.12 2.25 -52.64
C TRP D 68 17.94 1.38 -53.04
N GLN D 69 17.79 1.09 -54.35
CA GLN D 69 16.71 0.20 -54.75
C GLN D 69 16.96 -1.21 -54.25
N THR D 70 18.21 -1.67 -54.28
CA THR D 70 18.50 -3.01 -53.78
C THR D 70 18.19 -3.11 -52.29
N LEU D 71 18.54 -2.07 -51.53
CA LEU D 71 18.18 -2.07 -50.10
C LEU D 71 16.67 -2.11 -49.93
N GLY D 72 15.95 -1.26 -50.67
CA GLY D 72 14.49 -1.26 -50.55
C GLY D 72 13.86 -2.59 -50.92
N ALA D 73 14.43 -3.25 -51.93
CA ALA D 73 13.92 -4.55 -52.35
C ALA D 73 14.13 -5.58 -51.25
N MET D 74 15.31 -5.55 -50.63
CA MET D 74 15.58 -6.47 -49.53
C MET D 74 14.60 -6.25 -48.39
N LEU D 75 14.38 -4.99 -48.03
CA LEU D 75 13.56 -4.70 -46.86
C LEU D 75 12.08 -4.96 -47.10
N GLY D 76 11.61 -4.81 -48.33
CA GLY D 76 10.18 -4.77 -48.57
C GLY D 76 9.58 -6.02 -49.18
N SER D 77 10.40 -6.91 -49.72
CA SER D 77 9.89 -8.02 -50.50
C SER D 77 9.80 -9.34 -49.72
N GLN D 78 10.04 -9.33 -48.41
CA GLN D 78 10.06 -10.57 -47.63
C GLN D 78 8.70 -10.95 -47.07
N GLY D 79 7.64 -10.26 -47.44
CA GLY D 79 6.35 -10.61 -46.88
C GLY D 79 5.25 -9.95 -47.66
N GLU D 80 4.04 -10.04 -47.10
CA GLU D 80 2.87 -9.46 -47.72
C GLU D 80 1.89 -9.08 -46.62
N PRO D 81 0.91 -8.21 -46.89
CA PRO D 81 -0.01 -7.79 -45.83
C PRO D 81 -0.86 -8.95 -45.32
N SER D 82 -1.28 -8.83 -44.05
CA SER D 82 -2.16 -9.84 -43.46
C SER D 82 -3.52 -9.89 -44.13
N ASN D 83 -3.97 -8.79 -44.72
CA ASN D 83 -5.20 -8.85 -45.46
C ASN D 83 -4.92 -8.78 -46.95
N PRO D 84 -5.65 -9.52 -47.77
CA PRO D 84 -5.36 -9.54 -49.21
C PRO D 84 -5.68 -8.20 -49.85
N VAL D 85 -4.80 -7.81 -50.78
CA VAL D 85 -4.88 -6.54 -51.48
C VAL D 85 -4.76 -6.79 -52.99
N ASP D 86 -5.53 -6.02 -53.76
CA ASP D 86 -5.41 -6.01 -55.21
C ASP D 86 -4.59 -4.81 -55.66
N VAL D 87 -3.76 -5.01 -56.67
CA VAL D 87 -3.00 -3.92 -57.27
C VAL D 87 -3.30 -3.89 -58.76
N ARG D 88 -3.68 -2.73 -59.27
CA ARG D 88 -3.89 -2.54 -60.70
C ARG D 88 -3.20 -1.27 -61.12
N GLU D 89 -2.89 -1.18 -62.41
CA GLU D 89 -2.17 -0.05 -62.96
C GLU D 89 -3.08 0.78 -63.83
N GLU D 90 -2.91 2.08 -63.76
CA GLU D 90 -3.63 3.04 -64.57
C GLU D 90 -2.62 4.02 -65.12
N THR D 91 -2.84 4.49 -66.34
CA THR D 91 -1.96 5.50 -66.92
C THR D 91 -2.81 6.72 -67.24
N ILE D 92 -2.36 7.89 -66.80
CA ILE D 92 -3.07 9.12 -67.03
C ILE D 92 -2.14 10.08 -67.75
N LYS D 93 -2.70 11.21 -68.17
CA LYS D 93 -1.97 12.24 -68.89
C LYS D 93 -1.71 13.42 -67.97
N GLY D 94 -0.46 13.83 -67.88
CA GLY D 94 -0.14 15.04 -67.15
C GLY D 94 -0.51 16.30 -67.94
N ARG D 95 -0.43 17.45 -67.26
CA ARG D 95 -0.81 18.73 -67.87
C ARG D 95 -0.04 19.00 -69.16
N GLY D 96 1.21 18.51 -69.25
CA GLY D 96 2.02 18.69 -70.43
C GLY D 96 1.96 17.56 -71.44
N GLY D 97 1.12 16.55 -71.21
CA GLY D 97 0.94 15.45 -72.12
C GLY D 97 1.73 14.19 -71.80
N ASN D 98 2.56 14.20 -70.76
CA ASN D 98 3.30 12.99 -70.46
C ASN D 98 2.41 11.98 -69.75
N GLU D 99 2.74 10.70 -69.95
CA GLU D 99 1.97 9.62 -69.36
C GLU D 99 2.50 9.39 -67.96
N ILE D 100 1.59 9.33 -67.00
CA ILE D 100 1.92 9.11 -65.61
C ILE D 100 1.32 7.78 -65.21
N LYS D 101 2.17 6.84 -64.82
CA LYS D 101 1.63 5.59 -64.32
C LYS D 101 1.19 5.72 -62.86
N LEU D 102 0.07 5.07 -62.54
CA LEU D 102 -0.46 5.00 -61.19
C LEU D 102 -0.60 3.54 -60.77
N TYR D 103 -0.11 3.21 -59.58
CA TYR D 103 -0.31 1.91 -58.98
C TYR D 103 -1.43 2.04 -57.96
N ILE D 104 -2.54 1.34 -58.18
CA ILE D 104 -3.73 1.50 -57.34
C ILE D 104 -3.89 0.25 -56.50
N HIS D 105 -3.74 0.40 -55.18
CA HIS D 105 -3.85 -0.69 -54.24
C HIS D 105 -5.17 -0.56 -53.48
N SER D 106 -5.88 -1.67 -53.29
CA SER D 106 -7.15 -1.63 -52.60
C SER D 106 -7.42 -2.99 -51.99
N PRO D 107 -8.25 -3.07 -50.96
CA PRO D 107 -8.61 -4.39 -50.42
C PRO D 107 -9.26 -5.22 -51.52
N THR D 108 -8.93 -6.51 -51.56
CA THR D 108 -9.56 -7.38 -52.54
C THR D 108 -11.06 -7.36 -52.35
N GLY D 109 -11.79 -7.28 -53.47
CA GLY D 109 -13.23 -7.18 -53.39
C GLY D 109 -13.78 -5.78 -53.24
N HIS D 110 -12.92 -4.76 -53.31
CA HIS D 110 -13.39 -3.37 -53.28
C HIS D 110 -13.69 -2.92 -54.71
N THR D 111 -14.87 -2.33 -54.91
CA THR D 111 -15.28 -1.86 -56.23
C THR D 111 -15.95 -0.50 -56.08
N SER D 112 -16.25 0.12 -57.22
CA SER D 112 -17.00 1.36 -57.23
C SER D 112 -18.41 1.19 -56.68
N ASP D 113 -18.86 -0.05 -56.47
CA ASP D 113 -20.16 -0.34 -55.87
C ASP D 113 -20.07 -0.61 -54.37
N SER D 114 -18.86 -0.74 -53.82
CA SER D 114 -18.69 -0.91 -52.38
C SER D 114 -18.89 0.43 -51.67
N ASP D 115 -19.02 0.35 -50.36
CA ASP D 115 -18.99 1.56 -49.55
C ASP D 115 -17.63 2.22 -49.73
N PRO D 116 -17.57 3.53 -50.00
CA PRO D 116 -16.29 4.15 -50.34
C PRO D 116 -15.31 4.16 -49.17
N LEU D 117 -14.04 4.02 -49.50
CA LEU D 117 -12.93 3.98 -48.57
C LEU D 117 -12.16 5.29 -48.66
N PRO D 118 -11.48 5.70 -47.59
CA PRO D 118 -10.59 6.86 -47.72
C PRO D 118 -9.44 6.50 -48.65
N CYS D 119 -8.89 7.53 -49.29
CA CYS D 119 -7.83 7.39 -50.30
C CYS D 119 -6.58 8.12 -49.84
N VAL D 120 -5.43 7.47 -50.03
CA VAL D 120 -4.12 8.08 -49.85
C VAL D 120 -3.45 8.14 -51.20
N VAL D 121 -3.12 9.34 -51.65
CA VAL D 121 -2.29 9.53 -52.84
C VAL D 121 -0.85 9.58 -52.33
N HIS D 122 -0.07 8.53 -52.62
CA HIS D 122 1.26 8.34 -52.02
C HIS D 122 2.35 8.84 -52.95
N THR D 123 3.22 9.69 -52.43
CA THR D 123 4.35 10.25 -53.17
C THR D 123 5.64 9.75 -52.51
N HIS D 124 6.36 8.87 -53.20
CA HIS D 124 7.50 8.18 -52.61
C HIS D 124 8.71 9.08 -52.46
N GLY D 125 9.64 8.66 -51.60
CA GLY D 125 10.89 9.36 -51.38
C GLY D 125 11.95 9.05 -52.41
N GLY D 126 13.17 9.50 -52.09
CA GLY D 126 14.27 9.55 -53.04
C GLY D 126 14.72 10.95 -53.41
N GLY D 127 14.43 11.95 -52.58
CA GLY D 127 14.93 13.30 -52.81
C GLY D 127 14.41 13.97 -54.06
N MET D 128 13.31 13.48 -54.61
CA MET D 128 12.75 13.92 -55.89
C MET D 128 13.70 13.63 -57.05
N VAL D 129 14.73 12.83 -56.82
CA VAL D 129 15.82 12.62 -57.77
C VAL D 129 15.94 11.16 -58.20
N ILE D 130 15.71 10.22 -57.28
CA ILE D 130 15.88 8.79 -57.58
C ILE D 130 14.78 7.99 -56.91
N LEU D 131 14.74 6.68 -57.23
CA LEU D 131 13.78 5.67 -56.76
C LEU D 131 12.44 5.76 -57.49
N THR D 132 11.67 4.67 -57.47
CA THR D 132 10.44 4.59 -58.24
C THR D 132 9.33 3.99 -57.40
N ALA D 133 8.10 4.30 -57.80
CA ALA D 133 6.92 3.73 -57.12
C ALA D 133 6.88 2.22 -57.22
N ALA D 134 7.53 1.64 -58.23
CA ALA D 134 7.55 0.20 -58.36
C ALA D 134 8.56 -0.48 -57.43
N ASP D 135 9.43 0.27 -56.76
CA ASP D 135 10.39 -0.36 -55.85
C ASP D 135 9.63 -1.15 -54.77
N ALA D 136 10.19 -2.30 -54.35
CA ALA D 136 9.46 -3.23 -53.49
C ALA D 136 9.04 -2.59 -52.15
N ASN D 137 9.88 -1.74 -51.57
CA ASN D 137 9.52 -1.11 -50.30
C ASN D 137 8.31 -0.19 -50.45
N TYR D 138 8.22 0.53 -51.58
CA TYR D 138 7.08 1.42 -51.75
C TYR D 138 5.80 0.64 -52.09
N SER D 139 5.93 -0.38 -52.93
CA SER D 139 4.79 -1.22 -53.20
C SER D 139 4.27 -1.89 -51.91
N ARG D 140 5.19 -2.37 -51.07
CA ARG D 140 4.79 -2.97 -49.80
C ARG D 140 4.07 -1.96 -48.93
N TRP D 141 4.63 -0.75 -48.83
CA TRP D 141 4.00 0.30 -48.02
C TRP D 141 2.57 0.57 -48.47
N ARG D 142 2.38 0.76 -49.79
CA ARG D 142 1.05 1.07 -50.29
C ARG D 142 0.09 -0.09 -50.07
N SER D 143 0.57 -1.32 -50.20
CA SER D 143 -0.30 -2.47 -49.94
C SER D 143 -0.64 -2.61 -48.46
N GLU D 144 0.32 -2.35 -47.58
CA GLU D 144 0.04 -2.41 -46.14
C GLU D 144 -0.96 -1.34 -45.73
N LEU D 145 -0.84 -0.13 -46.30
CA LEU D 145 -1.87 0.89 -46.09
C LEU D 145 -3.21 0.42 -46.63
N ALA D 146 -3.23 -0.12 -47.84
CA ALA D 146 -4.49 -0.55 -48.43
C ALA D 146 -5.16 -1.62 -47.57
N ALA D 147 -4.36 -2.49 -46.96
CA ALA D 147 -4.88 -3.60 -46.17
C ALA D 147 -5.63 -3.15 -44.93
N THR D 148 -5.41 -1.91 -44.49
CA THR D 148 -6.18 -1.38 -43.37
C THR D 148 -7.55 -0.86 -43.80
N GLY D 149 -7.89 -0.95 -45.09
CA GLY D 149 -9.15 -0.42 -45.56
C GLY D 149 -8.99 0.91 -46.30
N LEU D 150 -8.03 0.99 -47.20
CA LEU D 150 -7.78 2.22 -47.95
C LEU D 150 -7.58 1.90 -49.42
N VAL D 151 -7.87 2.89 -50.25
CA VAL D 151 -7.42 2.91 -51.64
C VAL D 151 -6.17 3.77 -51.68
N VAL D 152 -5.06 3.22 -52.13
CA VAL D 152 -3.79 3.92 -52.12
C VAL D 152 -3.30 4.04 -53.54
N VAL D 153 -3.05 5.28 -53.99
CA VAL D 153 -2.65 5.57 -55.37
C VAL D 153 -1.18 5.97 -55.34
N GLY D 154 -0.31 5.07 -55.84
CA GLY D 154 1.11 5.35 -55.93
C GLY D 154 1.46 6.02 -57.24
N VAL D 155 1.96 7.25 -57.16
CA VAL D 155 2.24 8.08 -58.34
C VAL D 155 3.65 7.77 -58.85
N GLU D 156 3.76 7.36 -60.11
CA GLU D 156 5.08 7.18 -60.72
C GLU D 156 5.47 8.49 -61.40
N PHE D 157 5.92 9.45 -60.58
CA PHE D 157 6.23 10.77 -61.11
C PHE D 157 7.64 10.80 -61.71
N ARG D 158 7.88 11.79 -62.57
CA ARG D 158 9.21 11.98 -63.15
C ARG D 158 10.24 12.40 -62.10
N ASN D 159 11.46 11.88 -62.23
CA ASN D 159 12.57 12.18 -61.33
C ASN D 159 13.58 13.11 -61.97
N ALA D 160 14.37 13.78 -61.12
CA ALA D 160 15.41 14.65 -61.62
C ALA D 160 16.61 13.88 -62.19
N ALA D 161 16.75 12.60 -61.83
CA ALA D 161 17.88 11.81 -62.34
C ALA D 161 17.48 10.34 -62.36
N GLY D 162 18.47 9.46 -62.58
CA GLY D 162 18.20 8.02 -62.52
C GLY D 162 17.32 7.51 -63.66
N ALA D 163 16.75 6.33 -63.42
CA ALA D 163 15.98 5.61 -64.42
C ALA D 163 14.79 6.40 -64.96
N LEU D 164 14.17 7.23 -64.12
CA LEU D 164 13.03 8.04 -64.52
C LEU D 164 13.40 9.50 -64.78
N GLY D 165 14.70 9.82 -64.90
CA GLY D 165 15.15 11.18 -65.14
C GLY D 165 15.25 11.51 -66.64
N ASN D 166 15.75 12.69 -66.99
CA ASN D 166 16.19 13.71 -66.03
C ASN D 166 15.29 14.92 -66.12
N HIS D 167 14.44 15.12 -65.12
CA HIS D 167 13.38 16.14 -65.21
C HIS D 167 13.46 17.01 -63.97
N PRO D 168 14.10 18.18 -64.06
CA PRO D 168 14.18 19.07 -62.88
C PRO D 168 12.81 19.57 -62.45
N PHE D 169 12.80 20.17 -61.27
CA PHE D 169 11.65 20.91 -60.79
C PHE D 169 11.14 21.82 -61.92
N PRO D 170 9.82 21.91 -62.11
CA PRO D 170 8.71 21.33 -61.34
C PRO D 170 8.03 20.10 -61.92
N ALA D 171 8.79 19.25 -62.63
CA ALA D 171 8.18 18.13 -63.35
C ALA D 171 7.51 17.14 -62.41
N GLY D 172 8.25 16.65 -61.41
CA GLY D 172 7.68 15.68 -60.50
C GLY D 172 6.50 16.25 -59.75
N LEU D 173 6.62 17.51 -59.32
CA LEU D 173 5.53 18.20 -58.63
C LEU D 173 4.29 18.25 -59.50
N HIS D 174 4.45 18.66 -60.76
CA HIS D 174 3.30 18.68 -61.66
C HIS D 174 2.69 17.30 -61.82
N ASP D 175 3.51 16.25 -61.92
CA ASP D 175 2.96 14.91 -62.02
C ASP D 175 2.18 14.53 -60.78
N CYS D 176 2.70 14.84 -59.59
CA CYS D 176 1.96 14.52 -58.37
C CYS D 176 0.65 15.30 -58.32
N ALA D 177 0.69 16.58 -58.65
CA ALA D 177 -0.52 17.38 -58.63
C ALA D 177 -1.54 16.88 -59.63
N ASP D 178 -1.10 16.54 -60.84
CA ASP D 178 -2.03 16.03 -61.86
C ASP D 178 -2.61 14.69 -61.46
N ALA D 179 -1.81 13.83 -60.80
CA ALA D 179 -2.33 12.58 -60.30
C ALA D 179 -3.39 12.83 -59.22
N ALA D 180 -3.12 13.79 -58.33
CA ALA D 180 -4.09 14.13 -57.29
C ALA D 180 -5.40 14.64 -57.89
N LYS D 181 -5.29 15.52 -58.89
CA LYS D 181 -6.48 16.04 -59.56
C LYS D 181 -7.27 14.91 -60.25
N TRP D 182 -6.57 13.94 -60.84
CA TRP D 182 -7.25 12.81 -61.47
C TRP D 182 -7.99 11.96 -60.44
N VAL D 183 -7.31 11.65 -59.32
CA VAL D 183 -8.01 10.91 -58.27
C VAL D 183 -9.24 11.68 -57.82
N ALA D 184 -9.12 13.00 -57.68
CA ALA D 184 -10.21 13.86 -57.23
C ALA D 184 -11.38 13.87 -58.20
N SER D 185 -11.14 13.61 -59.48
CA SER D 185 -12.17 13.56 -60.53
C SER D 185 -12.72 12.17 -60.74
N ASN D 186 -12.21 11.17 -60.02
CA ASN D 186 -12.58 9.78 -60.23
C ASN D 186 -12.96 9.11 -58.92
N ARG D 187 -13.57 9.88 -58.00
CA ARG D 187 -13.89 9.33 -56.69
C ARG D 187 -14.89 8.21 -56.78
N GLU D 188 -15.92 8.39 -57.60
CA GLU D 188 -16.90 7.35 -57.76
C GLU D 188 -16.30 6.13 -58.38
N ALA D 189 -15.50 6.30 -59.41
CA ALA D 189 -14.87 5.17 -60.08
C ALA D 189 -13.89 4.44 -59.16
N LEU D 190 -13.14 5.19 -58.35
CA LEU D 190 -12.21 4.55 -57.43
C LEU D 190 -12.91 4.02 -56.18
N GLY D 191 -14.12 4.48 -55.90
CA GLY D 191 -14.82 4.07 -54.70
C GLY D 191 -14.19 4.66 -53.46
N ILE D 192 -13.98 5.97 -53.45
CA ILE D 192 -13.30 6.65 -52.35
C ILE D 192 -14.14 7.79 -51.79
N SER D 193 -13.91 8.09 -50.51
CA SER D 193 -14.69 9.03 -49.72
C SER D 193 -13.96 10.32 -49.36
N THR D 194 -12.64 10.34 -49.45
CA THR D 194 -11.82 11.48 -49.13
C THR D 194 -10.44 11.19 -49.69
N LEU D 195 -9.62 12.23 -49.81
CA LEU D 195 -8.30 12.16 -50.41
C LEU D 195 -7.29 12.86 -49.52
N ILE D 196 -6.23 12.14 -49.09
CA ILE D 196 -5.11 12.81 -48.43
C ILE D 196 -3.84 12.53 -49.21
N MET D 197 -2.90 13.48 -49.14
CA MET D 197 -1.56 13.30 -49.69
C MET D 197 -0.66 12.75 -48.59
N SER D 198 0.20 11.79 -48.93
CA SER D 198 1.17 11.31 -47.93
C SER D 198 2.43 10.82 -48.64
N GLY D 199 3.58 11.02 -47.98
CA GLY D 199 4.83 10.46 -48.47
C GLY D 199 5.93 10.81 -47.50
N GLU D 200 7.12 10.24 -47.74
CA GLU D 200 8.25 10.44 -46.85
C GLU D 200 9.43 11.08 -47.57
N SER D 201 10.17 11.92 -46.85
CA SER D 201 11.43 12.51 -47.29
C SER D 201 11.19 13.33 -48.54
N GLY D 202 11.80 13.00 -49.70
CA GLY D 202 11.45 13.72 -50.92
C GLY D 202 9.99 13.62 -51.25
N GLY D 203 9.36 12.51 -50.86
CA GLY D 203 7.93 12.36 -51.03
C GLY D 203 7.12 13.17 -50.04
N GLY D 204 7.69 13.46 -48.87
CA GLY D 204 7.03 14.40 -47.96
C GLY D 204 7.06 15.80 -48.53
N ASN D 205 8.21 16.19 -49.10
CA ASN D 205 8.30 17.43 -49.85
C ASN D 205 7.20 17.49 -50.90
N LEU D 206 7.14 16.46 -51.76
CA LEU D 206 6.15 16.50 -52.85
C LEU D 206 4.71 16.56 -52.34
N SER D 207 4.37 15.86 -51.25
CA SER D 207 2.99 15.93 -50.74
C SER D 207 2.67 17.32 -50.19
N LEU D 208 3.63 17.92 -49.46
CA LEU D 208 3.45 19.29 -48.97
C LEU D 208 3.29 20.28 -50.12
N ALA D 209 4.19 20.17 -51.11
CA ALA D 209 4.23 21.11 -52.22
C ALA D 209 3.02 20.94 -53.14
N THR D 210 2.56 19.70 -53.36
CA THR D 210 1.34 19.46 -54.14
C THR D 210 0.15 20.17 -53.50
N THR D 211 0.07 20.12 -52.17
CA THR D 211 -1.04 20.79 -51.50
C THR D 211 -0.91 22.32 -51.59
N MET D 212 0.31 22.86 -51.44
CA MET D 212 0.47 24.29 -51.64
C MET D 212 0.13 24.70 -53.06
N LEU D 213 0.53 23.87 -54.05
CA LEU D 213 0.19 24.17 -55.43
C LEU D 213 -1.32 24.14 -55.65
N ALA D 214 -2.01 23.18 -55.02
CA ALA D 214 -3.46 23.11 -55.12
C ALA D 214 -4.09 24.41 -54.63
N LYS D 215 -3.53 25.00 -53.57
CA LYS D 215 -4.01 26.32 -53.15
C LYS D 215 -3.82 27.36 -54.24
N LYS D 216 -2.61 27.40 -54.83
CA LYS D 216 -2.36 28.40 -55.86
C LYS D 216 -3.22 28.18 -57.11
N GLU D 217 -3.56 26.94 -57.43
CA GLU D 217 -4.26 26.65 -58.66
C GLU D 217 -5.77 26.57 -58.48
N GLY D 218 -6.26 26.78 -57.26
CA GLY D 218 -7.68 26.84 -57.01
C GLY D 218 -8.41 25.53 -56.86
N TRP D 219 -7.72 24.41 -56.56
CA TRP D 219 -8.40 23.15 -56.31
C TRP D 219 -8.09 22.57 -54.93
N LEU D 220 -7.72 23.44 -53.97
CA LEU D 220 -7.36 22.99 -52.63
C LEU D 220 -8.46 22.19 -51.96
N GLU D 221 -9.73 22.47 -52.28
CA GLU D 221 -10.84 21.77 -51.65
C GLU D 221 -10.81 20.28 -51.93
N GLU D 222 -10.05 19.83 -52.93
CA GLU D 222 -10.01 18.39 -53.20
C GLU D 222 -9.16 17.61 -52.22
N ILE D 223 -8.22 18.27 -51.53
CA ILE D 223 -7.28 17.61 -50.62
C ILE D 223 -7.78 17.80 -49.20
N ALA D 224 -8.10 16.70 -48.52
CA ALA D 224 -8.64 16.76 -47.17
C ALA D 224 -7.59 16.75 -46.06
N GLY D 225 -6.34 16.40 -46.37
CA GLY D 225 -5.31 16.39 -45.34
C GLY D 225 -4.00 15.97 -45.96
N VAL D 226 -2.94 16.13 -45.19
CA VAL D 226 -1.57 15.80 -45.61
C VAL D 226 -0.90 15.10 -44.45
N TYR D 227 -0.27 13.95 -44.71
CA TYR D 227 0.51 13.24 -43.70
C TYR D 227 1.93 13.14 -44.27
N ALA D 228 2.80 14.05 -43.84
CA ALA D 228 4.13 14.18 -44.40
C ALA D 228 5.13 13.57 -43.43
N GLN D 229 5.84 12.52 -43.88
CA GLN D 229 6.84 11.84 -43.08
C GLN D 229 8.23 12.37 -43.39
N CYS D 230 9.09 12.46 -42.34
CA CYS D 230 10.48 12.92 -42.41
C CYS D 230 10.76 13.81 -43.63
N PRO D 231 10.07 14.95 -43.74
CA PRO D 231 10.13 15.73 -44.98
C PRO D 231 11.52 16.30 -45.25
N TYR D 232 11.89 16.24 -46.53
CA TYR D 232 13.17 16.68 -47.09
C TYR D 232 12.87 18.01 -47.78
N ILE D 233 12.95 19.11 -47.01
CA ILE D 233 12.25 20.32 -47.47
C ILE D 233 13.08 21.61 -47.38
N SER D 234 14.27 21.56 -46.77
CA SER D 234 15.05 22.79 -46.66
C SER D 234 15.93 23.04 -47.88
N GLY D 235 16.51 21.98 -48.45
CA GLY D 235 17.50 22.17 -49.49
C GLY D 235 18.82 22.73 -49.02
N LEU D 236 19.06 22.79 -47.70
CA LEU D 236 20.21 23.49 -47.13
C LEU D 236 21.33 22.55 -46.67
N TYR D 237 21.45 21.35 -47.26
CA TYR D 237 22.35 20.31 -46.77
C TYR D 237 23.82 20.64 -46.99
N ALA D 238 24.11 21.50 -47.96
CA ALA D 238 25.49 21.92 -48.17
C ALA D 238 25.93 22.92 -47.12
N SER D 239 25.04 23.79 -46.69
CA SER D 239 25.42 24.90 -45.84
C SER D 239 25.23 24.62 -44.35
N LYS D 240 24.40 23.62 -44.01
CA LYS D 240 24.17 23.22 -42.62
C LYS D 240 23.89 24.38 -41.67
N PRO D 241 22.76 25.08 -41.84
CA PRO D 241 22.49 26.24 -41.00
C PRO D 241 22.41 25.92 -39.51
N GLU D 242 22.68 26.94 -38.71
CA GLU D 242 22.67 26.81 -37.25
C GLU D 242 21.28 26.52 -36.71
N GLU D 243 20.23 26.98 -37.42
CA GLU D 243 18.87 26.71 -36.96
C GLU D 243 18.46 25.26 -37.15
N LEU D 244 19.27 24.45 -37.83
CA LEU D 244 18.95 23.04 -38.06
C LEU D 244 20.06 22.15 -37.50
N PRO D 245 20.20 22.10 -36.18
CA PRO D 245 21.30 21.32 -35.56
C PRO D 245 21.28 19.84 -35.90
N SER D 246 20.10 19.26 -36.17
CA SER D 246 20.06 17.83 -36.48
C SER D 246 20.92 17.49 -37.68
N LEU D 247 21.12 18.45 -38.60
CA LEU D 247 21.96 18.21 -39.78
C LEU D 247 23.39 17.83 -39.40
N LEU D 248 23.86 18.31 -38.27
CA LEU D 248 25.16 17.93 -37.74
C LEU D 248 25.04 16.76 -36.80
N GLU D 249 23.98 16.79 -35.98
CA GLU D 249 23.80 15.81 -34.92
C GLU D 249 23.75 14.40 -35.47
N ASN D 250 23.02 14.22 -36.58
CA ASN D 250 22.78 12.92 -37.18
C ASN D 250 23.39 12.81 -38.57
N ASP D 251 24.41 13.63 -38.88
CA ASP D 251 25.06 13.53 -40.18
C ASP D 251 25.71 12.15 -40.33
N ALA D 252 25.57 11.57 -41.52
CA ALA D 252 26.10 10.25 -41.89
C ALA D 252 25.43 9.11 -41.14
N TYR D 253 24.31 9.40 -40.48
CA TYR D 253 23.37 8.37 -40.04
C TYR D 253 22.51 8.03 -41.24
N PHE D 254 22.89 6.97 -41.97
CA PHE D 254 22.18 6.52 -43.17
C PHE D 254 22.48 7.45 -44.36
N TRP D 255 22.25 8.75 -44.19
CA TRP D 255 22.54 9.75 -45.22
C TRP D 255 23.59 10.73 -44.70
N ASP D 256 24.63 10.95 -45.48
CA ASP D 256 25.53 12.05 -45.22
C ASP D 256 25.05 13.27 -45.99
N MET D 257 25.25 14.43 -45.39
CA MET D 257 24.72 15.65 -45.98
C MET D 257 25.49 16.09 -47.23
N LYS D 258 26.71 15.60 -47.44
CA LYS D 258 27.36 15.92 -48.70
C LYS D 258 26.62 15.28 -49.86
N THR D 259 26.13 14.06 -49.67
CA THR D 259 25.35 13.41 -50.71
C THR D 259 24.09 14.20 -51.01
N MET D 260 23.36 14.62 -49.97
CA MET D 260 22.12 15.34 -50.23
C MET D 260 22.40 16.73 -50.80
N GLY D 261 23.50 17.35 -50.39
CA GLY D 261 23.90 18.61 -50.99
C GLY D 261 24.14 18.46 -52.48
N ALA D 262 24.73 17.32 -52.88
CA ALA D 262 24.86 17.05 -54.32
C ALA D 262 23.51 16.77 -54.96
N MET D 263 22.64 16.05 -54.26
CA MET D 263 21.35 15.67 -54.85
C MET D 263 20.39 16.84 -54.99
N VAL D 264 20.65 17.95 -54.31
CA VAL D 264 19.85 19.15 -54.56
C VAL D 264 20.00 19.62 -56.01
N LYS D 265 21.21 19.48 -56.57
CA LYS D 265 21.47 20.12 -57.87
C LYS D 265 20.68 19.55 -59.04
N PRO D 266 20.53 18.22 -59.19
CA PRO D 266 19.67 17.76 -60.29
C PRO D 266 18.25 18.29 -60.19
N TYR D 267 17.75 18.53 -58.97
CA TYR D 267 16.38 19.01 -58.85
C TYR D 267 16.26 20.45 -59.32
N ASP D 268 17.27 21.26 -59.06
CA ASP D 268 17.23 22.69 -59.36
C ASP D 268 18.57 23.09 -59.93
N PRO D 269 18.84 22.71 -61.18
CA PRO D 269 20.19 22.87 -61.73
C PRO D 269 20.71 24.30 -61.74
N THR D 270 19.84 25.29 -61.94
CA THR D 270 20.27 26.68 -61.94
C THR D 270 20.39 27.26 -60.53
N GLY D 271 19.85 26.61 -59.51
CA GLY D 271 19.80 27.18 -58.19
C GLY D 271 18.78 28.28 -58.00
N GLU D 272 18.00 28.60 -59.04
CA GLU D 272 17.06 29.72 -58.97
C GLU D 272 15.85 29.45 -58.09
N ASN D 273 15.63 28.21 -57.65
CA ASN D 273 14.45 27.88 -56.86
C ASN D 273 14.81 27.53 -55.41
N ALA D 274 16.00 27.94 -54.97
CA ALA D 274 16.48 27.58 -53.64
C ALA D 274 15.55 28.09 -52.55
N SER D 275 14.85 29.21 -52.78
CA SER D 275 13.91 29.77 -51.81
C SER D 275 12.47 29.69 -52.28
N ASN D 276 12.20 28.92 -53.31
CA ASN D 276 10.87 28.72 -53.84
C ASN D 276 10.17 27.68 -53.00
N PRO D 277 9.11 28.04 -52.28
CA PRO D 277 8.45 27.04 -51.41
C PRO D 277 7.89 25.87 -52.16
N LEU D 278 7.59 25.99 -53.46
CA LEU D 278 7.09 24.84 -54.20
C LEU D 278 8.19 23.82 -54.48
N ALA D 279 9.44 24.25 -54.48
CA ALA D 279 10.58 23.35 -54.57
C ALA D 279 11.06 22.89 -53.20
N TRP D 280 11.04 23.80 -52.20
CA TRP D 280 11.60 23.53 -50.89
C TRP D 280 10.65 24.12 -49.86
N PRO D 281 9.63 23.36 -49.45
CA PRO D 281 8.53 23.90 -48.63
C PRO D 281 8.93 24.59 -47.34
N TYR D 282 10.13 24.27 -46.82
CA TYR D 282 10.65 24.90 -45.60
C TYR D 282 10.71 26.42 -45.71
N HIS D 283 10.83 26.94 -46.93
CA HIS D 283 10.93 28.37 -47.18
C HIS D 283 9.60 29.04 -47.38
N ALA D 284 8.50 28.32 -47.15
CA ALA D 284 7.17 28.90 -47.28
C ALA D 284 6.99 30.11 -46.34
N SER D 285 6.21 31.07 -46.81
CA SER D 285 5.74 32.14 -45.93
C SER D 285 4.40 31.74 -45.34
N LEU D 286 3.95 32.48 -44.33
CA LEU D 286 2.66 32.16 -43.74
C LEU D 286 1.53 32.23 -44.76
N GLU D 287 1.57 33.19 -45.69
CA GLU D 287 0.48 33.27 -46.65
C GLU D 287 0.48 32.08 -47.61
N ASP D 288 1.65 31.48 -47.87
CA ASP D 288 1.69 30.26 -48.69
C ASP D 288 0.92 29.11 -48.03
N LEU D 289 0.81 29.13 -46.71
CA LEU D 289 0.23 28.05 -45.93
C LEU D 289 -1.18 28.34 -45.41
N ALA D 290 -1.62 29.60 -45.47
CA ALA D 290 -2.92 29.93 -44.90
C ALA D 290 -4.04 29.16 -45.60
N GLY D 291 -4.93 28.59 -44.81
CA GLY D 291 -6.06 27.88 -45.37
C GLY D 291 -5.83 26.43 -45.73
N LEU D 292 -4.62 25.90 -45.56
CA LEU D 292 -4.38 24.50 -45.89
C LEU D 292 -5.18 23.57 -44.97
N PRO D 293 -5.53 22.38 -45.45
CA PRO D 293 -6.27 21.41 -44.63
C PRO D 293 -5.34 20.82 -43.57
N PRO D 294 -5.88 20.00 -42.66
CA PRO D 294 -5.05 19.50 -41.55
C PRO D 294 -3.84 18.69 -42.00
N HIS D 295 -2.75 18.87 -41.28
CA HIS D 295 -1.47 18.22 -41.56
C HIS D 295 -1.07 17.36 -40.37
N VAL D 296 -0.36 16.28 -40.66
CA VAL D 296 0.46 15.57 -39.67
C VAL D 296 1.89 15.60 -40.20
N ILE D 297 2.83 16.00 -39.35
CA ILE D 297 4.26 15.95 -39.66
C ILE D 297 4.88 14.91 -38.74
N SER D 298 5.49 13.88 -39.31
CA SER D 298 6.05 12.78 -38.52
C SER D 298 7.52 12.66 -38.85
N VAL D 299 8.39 12.98 -37.89
CA VAL D 299 9.83 12.97 -38.09
C VAL D 299 10.45 11.79 -37.36
N ASN D 300 11.67 11.45 -37.78
CA ASN D 300 12.44 10.38 -37.16
C ASN D 300 13.50 10.98 -36.24
N GLU D 301 13.67 10.36 -35.07
CA GLU D 301 14.53 10.94 -34.04
C GLU D 301 15.98 11.10 -34.50
N LEU D 302 16.56 10.08 -35.13
CA LEU D 302 17.98 10.05 -35.46
C LEU D 302 18.22 10.40 -36.93
N ASP D 303 17.49 11.38 -37.43
CA ASP D 303 17.46 11.78 -38.82
C ASP D 303 18.07 13.17 -38.93
N PRO D 304 19.05 13.39 -39.80
CA PRO D 304 19.54 14.77 -39.99
C PRO D 304 18.44 15.72 -40.46
N LEU D 305 17.38 15.20 -41.07
CA LEU D 305 16.26 16.04 -41.51
C LEU D 305 15.26 16.36 -40.39
N ARG D 306 15.47 15.84 -39.18
CA ARG D 306 14.47 16.02 -38.13
C ARG D 306 14.08 17.48 -37.94
N ASP D 307 15.08 18.37 -37.79
CA ASP D 307 14.75 19.71 -37.33
C ASP D 307 14.05 20.54 -38.39
N GLU D 308 14.31 20.30 -39.68
CA GLU D 308 13.56 21.05 -40.67
C GLU D 308 12.10 20.59 -40.73
N GLY D 309 11.86 19.31 -40.43
CA GLY D 309 10.48 18.86 -40.33
C GLY D 309 9.78 19.51 -39.16
N LEU D 310 10.43 19.57 -38.00
CA LEU D 310 9.79 20.18 -36.83
C LEU D 310 9.60 21.69 -37.00
N ALA D 311 10.56 22.36 -37.64
CA ALA D 311 10.39 23.78 -37.94
C ALA D 311 9.16 24.00 -38.82
N HIS D 312 8.97 23.13 -39.83
CA HIS D 312 7.82 23.30 -40.71
C HIS D 312 6.51 23.03 -39.98
N TYR D 313 6.50 22.04 -39.08
CA TYR D 313 5.36 21.80 -38.21
C TYR D 313 4.98 23.08 -37.46
N ARG D 314 5.98 23.75 -36.89
CA ARG D 314 5.69 24.98 -36.14
C ARG D 314 5.20 26.10 -37.06
N LYS D 315 5.76 26.21 -38.26
CA LYS D 315 5.31 27.26 -39.18
C LYS D 315 3.88 27.02 -39.63
N LEU D 316 3.51 25.77 -39.95
CA LEU D 316 2.13 25.44 -40.27
C LEU D 316 1.19 25.90 -39.16
N LEU D 317 1.56 25.63 -37.90
CA LEU D 317 0.72 26.12 -36.80
C LEU D 317 0.64 27.63 -36.79
N LYS D 318 1.79 28.31 -36.98
CA LYS D 318 1.79 29.77 -36.97
C LYS D 318 0.88 30.34 -38.05
N ALA D 319 0.75 29.63 -39.17
CA ALA D 319 -0.13 30.03 -40.27
C ALA D 319 -1.58 29.68 -40.06
N GLY D 320 -1.92 29.05 -38.93
CA GLY D 320 -3.28 28.68 -38.64
C GLY D 320 -3.73 27.33 -39.14
N VAL D 321 -2.82 26.49 -39.62
CA VAL D 321 -3.16 25.16 -40.10
C VAL D 321 -3.28 24.21 -38.91
N SER D 322 -4.31 23.37 -38.89
CA SER D 322 -4.40 22.30 -37.88
C SER D 322 -3.28 21.30 -38.13
N THR D 323 -2.37 21.16 -37.16
CA THR D 323 -1.17 20.36 -37.39
C THR D 323 -0.85 19.54 -36.15
N VAL D 324 -0.62 18.26 -36.36
CA VAL D 324 -0.12 17.35 -35.34
C VAL D 324 1.33 17.07 -35.66
N GLY D 325 2.20 17.14 -34.65
CA GLY D 325 3.61 16.82 -34.85
C GLY D 325 4.04 15.62 -34.02
N ARG D 326 4.73 14.64 -34.65
CA ARG D 326 5.21 13.47 -33.94
C ARG D 326 6.68 13.25 -34.20
N THR D 327 7.39 12.77 -33.19
CA THR D 327 8.68 12.12 -33.40
C THR D 327 8.50 10.62 -33.20
N VAL D 328 9.03 9.84 -34.15
CA VAL D 328 9.12 8.39 -34.03
C VAL D 328 10.50 8.09 -33.45
N HIS D 329 10.55 7.63 -32.19
CA HIS D 329 11.85 7.50 -31.56
C HIS D 329 12.58 6.24 -32.04
N GLY D 330 13.89 6.24 -31.80
CA GLY D 330 14.76 5.11 -32.05
C GLY D 330 15.06 4.84 -33.51
N THR D 331 14.59 5.69 -34.42
CA THR D 331 14.65 5.42 -35.86
C THR D 331 15.59 6.36 -36.58
N CYS D 332 16.34 5.82 -37.55
CA CYS D 332 17.01 6.66 -38.53
C CYS D 332 15.99 7.15 -39.55
N HIS D 333 16.46 8.00 -40.46
CA HIS D 333 15.67 8.52 -41.56
C HIS D 333 14.80 7.45 -42.20
N ALA D 334 13.47 7.68 -42.18
CA ALA D 334 12.48 6.85 -42.87
C ALA D 334 12.46 5.39 -42.43
N ALA D 335 13.01 5.04 -41.25
CA ALA D 335 13.10 3.62 -40.90
C ALA D 335 11.73 3.00 -40.70
N ASP D 336 10.75 3.77 -40.20
CA ASP D 336 9.43 3.21 -40.01
C ASP D 336 8.66 3.04 -41.30
N CYS D 337 9.22 3.45 -42.46
CA CYS D 337 8.63 3.24 -43.77
C CYS D 337 9.14 1.97 -44.44
N SER D 338 10.14 1.32 -43.85
CA SER D 338 10.85 0.26 -44.58
C SER D 338 11.20 -0.99 -43.79
N PHE D 339 11.62 -0.86 -42.53
CA PHE D 339 12.17 -1.99 -41.75
C PHE D 339 11.08 -2.83 -41.11
N VAL D 340 10.16 -3.31 -41.96
CA VAL D 340 9.01 -4.07 -41.49
C VAL D 340 9.41 -5.39 -40.81
N ASP D 341 10.52 -5.99 -41.25
CA ASP D 341 10.89 -7.27 -40.65
C ASP D 341 11.66 -7.12 -39.35
N VAL D 342 12.14 -5.90 -39.04
CA VAL D 342 13.03 -5.64 -37.93
C VAL D 342 12.30 -4.93 -36.79
N ILE D 343 11.56 -3.89 -37.13
CA ILE D 343 10.79 -3.12 -36.15
C ILE D 343 9.35 -3.07 -36.59
N PRO D 344 8.68 -4.22 -36.71
CA PRO D 344 7.31 -4.22 -37.22
C PRO D 344 6.35 -3.40 -36.37
N ASP D 345 6.57 -3.35 -35.06
CA ASP D 345 5.64 -2.57 -34.24
C ASP D 345 5.71 -1.09 -34.58
N VAL D 346 6.91 -0.59 -34.86
CA VAL D 346 7.08 0.81 -35.24
C VAL D 346 6.50 1.07 -36.61
N TYR D 347 6.85 0.22 -37.59
CA TYR D 347 6.32 0.28 -38.94
C TYR D 347 4.79 0.32 -38.96
N PHE D 348 4.17 -0.64 -38.27
CA PHE D 348 2.72 -0.70 -38.30
C PHE D 348 2.08 0.36 -37.42
N ALA D 349 2.77 0.84 -36.40
CA ALA D 349 2.23 2.00 -35.68
C ALA D 349 2.05 3.18 -36.63
N THR D 350 3.04 3.39 -37.52
CA THR D 350 2.90 4.50 -38.47
C THR D 350 1.83 4.20 -39.51
N VAL D 351 1.80 2.98 -40.04
CA VAL D 351 0.73 2.60 -40.98
C VAL D 351 -0.64 2.88 -40.37
N ARG D 352 -0.84 2.45 -39.12
CA ARG D 352 -2.13 2.64 -38.46
C ARG D 352 -2.44 4.12 -38.23
N ASP D 353 -1.42 4.91 -37.89
CA ASP D 353 -1.61 6.35 -37.68
C ASP D 353 -2.06 7.03 -38.97
N ILE D 354 -1.42 6.70 -40.09
CA ILE D 354 -1.80 7.29 -41.37
C ILE D 354 -3.22 6.87 -41.72
N SER D 355 -3.52 5.58 -41.57
CA SER D 355 -4.84 5.10 -41.92
C SER D 355 -5.91 5.77 -41.07
N ALA D 356 -5.67 5.84 -39.75
CA ALA D 356 -6.64 6.47 -38.87
C ALA D 356 -6.83 7.93 -39.21
N PHE D 357 -5.74 8.62 -39.60
CA PHE D 357 -5.88 10.02 -40.01
C PHE D 357 -6.72 10.14 -41.27
N ALA D 358 -6.45 9.27 -42.25
CA ALA D 358 -7.25 9.29 -43.47
C ALA D 358 -8.73 9.09 -43.14
N TYR D 359 -9.05 8.11 -42.30
CA TYR D 359 -10.43 7.87 -41.92
C TYR D 359 -11.02 9.07 -41.19
N SER D 360 -10.19 9.76 -40.42
CA SER D 360 -10.66 10.90 -39.63
C SER D 360 -11.04 12.06 -40.53
N ARG D 361 -10.56 12.07 -41.78
CA ARG D 361 -10.93 13.12 -42.71
C ARG D 361 -12.21 12.85 -43.50
N ALA D 362 -12.72 11.62 -43.48
CA ALA D 362 -13.86 11.24 -44.33
C ALA D 362 -15.18 11.76 -43.81
#